data_5CTE
#
_entry.id   5CTE
#
_cell.length_a   94.340
_cell.length_b   138.120
_cell.length_c   185.550
_cell.angle_alpha   90.000
_cell.angle_beta   90.000
_cell.angle_gamma   90.000
#
_symmetry.space_group_name_H-M   'P 21 21 21'
#
loop_
_entity.id
_entity.type
_entity.pdbx_description
1 polymer 'Acetyl-CoA carboxylase'
2 non-polymer '2,2-dimethylpropyl (1S)-1-methyl-8-[(7-methyl-1H-indazol-5-yl)carbonyl]-2,8-diazaspiro[4.5]decane-2-carboxylate'
3 non-polymer 'SULFATE ION'
4 water water
#
_entity_poly.entity_id   1
_entity_poly.type   'polypeptide(L)'
_entity_poly.pdbx_seq_one_letter_code
;MASGSMHLRPIATPYPVKEWLQPKRYKAHLMGTTYVYDFPELFRQASSSQWKNFSADVKLTDDFFISNELIEDENGELTE
VEREPGANAIGMVAFKITVKTPEYPRGRQFVVVANDITFKIGSFGPQEDEFFNKVTEYARKRGIPRIYLAANSGARIGMA
EEIVPLFQVAWNDAANPDKGFQYLYLTSEGMETLKKFDKENSVLTERTVINGEERFVIKTIIGSEDGLGVECLRGSGLIA
GATSRAYHDIFTITLVTCRSVGIGAYLVRLGQRAIQVEGQPIILTGASALNKVLGREVYTSNLQLGGTQIMYNNGVSHLT
AVDDLAGVEKIVEWMSYVPAKRNMPVPILETKDTWDRPVDFTPTNDETYDVRWMIEGRETESGFEYGLFDKGSFFETLSG
WAKGVVVGRARLGGIPLGVIGVETRTVENLIPADPANPNSAETLIQQAGQVWFPNSAFKTAQAINDFNNGEQLPMMILAN
WRGFSGGQRDMFNEVLKYGSFIVDALVDYKQPIIIYIPPTGELRGGSWVVVDPTINADQMEMYADVNARAGVLEPEGTVE
IKFRREKLLDTMNRLDDKYRELRSQLSNKSLAPEVHQQISKQLADRERELLPIYGQISLQFADLHDRSSRMVAKGVISKE
LEWTEARRFFFWRLRRRLNEEYLIKRLSHQVGEASRLEKIARIRSWYPASVDHEDDRQVATWIEENYKTLDDKLKGLKLE
SFAQDLAKKIRSDHDNAIDGLSEVIKMLSTDDKEKLLKTLKLEHHHHHH
;
_entity_poly.pdbx_strand_id   B,C
#
# COMPACT_ATOMS: atom_id res chain seq x y z
N LEU A 8 19.71 10.29 -48.76
CA LEU A 8 20.75 10.38 -47.74
C LEU A 8 21.01 11.83 -47.31
N ARG A 9 20.87 12.09 -46.00
CA ARG A 9 21.09 13.40 -45.40
C ARG A 9 21.66 13.21 -43.97
N PRO A 10 22.86 13.75 -43.65
CA PRO A 10 23.74 14.56 -44.52
C PRO A 10 24.68 13.71 -45.37
N ILE A 11 25.19 14.29 -46.47
CA ILE A 11 26.14 13.57 -47.30
C ILE A 11 27.54 13.89 -46.79
N ALA A 12 28.54 13.08 -47.22
CA ALA A 12 29.95 13.27 -46.88
C ALA A 12 30.23 13.26 -45.36
N THR A 13 29.66 12.28 -44.63
CA THR A 13 29.95 12.13 -43.20
C THR A 13 31.16 11.15 -43.09
N PRO A 14 32.05 11.28 -42.09
CA PRO A 14 33.16 10.32 -41.98
C PRO A 14 32.71 8.86 -41.91
N TYR A 15 31.59 8.58 -41.21
CA TYR A 15 31.06 7.21 -41.01
C TYR A 15 29.59 7.11 -41.45
N PRO A 16 29.02 5.88 -41.61
CA PRO A 16 27.61 5.78 -42.05
C PRO A 16 26.62 6.55 -41.21
N VAL A 17 25.58 7.11 -41.88
CA VAL A 17 24.52 7.84 -41.19
C VAL A 17 23.57 6.78 -40.57
N LYS A 18 23.61 6.67 -39.21
CA LYS A 18 22.81 5.67 -38.49
C LYS A 18 21.32 5.99 -38.56
N GLU A 19 20.97 7.28 -38.63
CA GLU A 19 19.61 7.75 -38.76
C GLU A 19 19.00 7.52 -40.15
N TRP A 20 19.82 7.19 -41.16
CA TRP A 20 19.40 6.90 -42.53
C TRP A 20 19.38 5.40 -42.67
N LEU A 21 20.41 4.68 -42.14
CA LEU A 21 20.45 3.20 -42.18
C LEU A 21 19.19 2.57 -41.51
N GLN A 22 18.69 3.19 -40.43
CA GLN A 22 17.46 2.81 -39.73
C GLN A 22 16.68 4.09 -39.50
N PRO A 23 15.78 4.49 -40.45
CA PRO A 23 15.02 5.77 -40.31
C PRO A 23 14.19 5.93 -39.02
N LYS A 24 13.87 4.81 -38.37
CA LYS A 24 13.18 4.73 -37.09
C LYS A 24 14.02 5.40 -35.99
N ARG A 25 15.38 5.24 -36.04
CA ARG A 25 16.27 5.98 -35.12
C ARG A 25 16.03 7.50 -35.18
N TYR A 26 15.90 8.06 -36.38
CA TYR A 26 15.65 9.48 -36.56
C TYR A 26 14.27 9.89 -36.04
N LYS A 27 13.24 9.04 -36.26
CA LYS A 27 11.86 9.25 -35.81
C LYS A 27 11.83 9.41 -34.26
N ALA A 28 12.54 8.52 -33.54
CA ALA A 28 12.71 8.56 -32.08
C ALA A 28 13.41 9.86 -31.63
N HIS A 29 14.46 10.28 -32.38
CA HIS A 29 15.18 11.50 -32.05
C HIS A 29 14.30 12.72 -32.23
N LEU A 30 13.48 12.71 -33.28
CA LEU A 30 12.52 13.77 -33.59
C LEU A 30 11.49 13.87 -32.44
N MET A 31 11.23 12.75 -31.75
CA MET A 31 10.32 12.71 -30.61
C MET A 31 10.98 13.00 -29.25
N GLY A 32 12.29 13.25 -29.25
CA GLY A 32 13.06 13.63 -28.07
C GLY A 32 13.50 12.54 -27.12
N THR A 33 13.77 11.37 -27.67
CA THR A 33 14.17 10.23 -26.87
C THR A 33 15.19 9.40 -27.64
N THR A 34 15.78 8.42 -26.99
CA THR A 34 16.71 7.47 -27.58
C THR A 34 15.92 6.38 -28.33
N TYR A 35 16.49 5.91 -29.47
CA TYR A 35 15.90 4.82 -30.23
C TYR A 35 16.06 3.58 -29.36
N VAL A 36 14.99 2.78 -29.19
CA VAL A 36 15.02 1.60 -28.31
C VAL A 36 16.21 0.71 -28.47
N TYR A 37 16.60 0.43 -29.73
CA TYR A 37 17.70 -0.48 -30.01
C TYR A 37 19.04 0.13 -29.60
N ASP A 38 19.08 1.46 -29.30
CA ASP A 38 20.27 2.15 -28.81
C ASP A 38 20.39 2.20 -27.26
N PHE A 39 19.37 1.70 -26.52
CA PHE A 39 19.40 1.69 -25.04
C PHE A 39 20.41 0.68 -24.51
N PRO A 40 20.58 -0.53 -25.11
CA PRO A 40 21.64 -1.44 -24.61
C PRO A 40 23.03 -0.80 -24.56
N GLU A 41 23.36 0.06 -25.58
CA GLU A 41 24.61 0.81 -25.67
C GLU A 41 24.75 1.79 -24.49
N LEU A 42 23.64 2.46 -24.12
CA LEU A 42 23.62 3.40 -22.98
C LEU A 42 23.90 2.64 -21.67
N PHE A 43 23.43 1.37 -21.58
CA PHE A 43 23.70 0.53 -20.43
C PHE A 43 25.18 0.14 -20.36
N ARG A 44 25.78 -0.18 -21.54
CA ARG A 44 27.21 -0.47 -21.71
C ARG A 44 28.06 0.75 -21.22
N GLN A 45 27.72 1.98 -21.66
CA GLN A 45 28.40 3.21 -21.25
C GLN A 45 28.36 3.44 -19.74
N ALA A 46 27.15 3.36 -19.15
CA ALA A 46 26.89 3.51 -17.72
C ALA A 46 27.64 2.45 -16.89
N SER A 47 27.70 1.20 -17.37
CA SER A 47 28.39 0.11 -16.72
C SER A 47 29.90 0.30 -16.80
N SER A 48 30.39 0.83 -17.94
CA SER A 48 31.79 1.15 -18.15
C SER A 48 32.17 2.27 -17.17
N SER A 49 31.36 3.34 -17.07
CA SER A 49 31.57 4.45 -16.11
C SER A 49 31.62 3.97 -14.65
N GLN A 50 30.83 2.95 -14.28
CA GLN A 50 30.77 2.36 -12.94
C GLN A 50 32.15 1.87 -12.55
N TRP A 51 32.80 1.11 -13.45
CA TRP A 51 34.15 0.59 -13.27
C TRP A 51 35.17 1.71 -13.15
N LYS A 52 35.09 2.76 -13.99
CA LYS A 52 36.01 3.91 -13.96
C LYS A 52 35.99 4.61 -12.61
N ASN A 53 34.78 4.85 -12.06
CA ASN A 53 34.60 5.51 -10.76
C ASN A 53 35.07 4.61 -9.62
N PHE A 54 34.93 3.30 -9.79
CA PHE A 54 35.34 2.33 -8.78
C PHE A 54 36.85 2.16 -8.75
N SER A 55 37.46 1.81 -9.90
CA SER A 55 38.89 1.57 -10.08
C SER A 55 39.30 1.98 -11.50
N ALA A 56 39.79 3.24 -11.63
CA ALA A 56 40.24 3.84 -12.90
C ALA A 56 41.23 2.98 -13.70
N ASP A 57 42.08 2.20 -13.01
CA ASP A 57 43.09 1.32 -13.60
C ASP A 57 42.55 0.03 -14.22
N VAL A 58 41.28 -0.35 -13.94
CA VAL A 58 40.71 -1.60 -14.45
C VAL A 58 40.47 -1.51 -15.98
N LYS A 59 40.93 -2.54 -16.72
CA LYS A 59 40.81 -2.64 -18.18
C LYS A 59 39.61 -3.50 -18.56
N LEU A 60 38.69 -2.93 -19.35
CA LEU A 60 37.50 -3.65 -19.75
C LEU A 60 37.53 -4.18 -21.16
N THR A 61 37.13 -5.44 -21.32
CA THR A 61 36.95 -6.14 -22.60
C THR A 61 35.45 -6.06 -22.91
N ASP A 62 35.05 -6.16 -24.21
CA ASP A 62 33.64 -6.05 -24.57
C ASP A 62 32.78 -7.26 -24.06
N ASP A 63 33.42 -8.30 -23.47
CA ASP A 63 32.67 -9.42 -22.87
C ASP A 63 32.22 -9.13 -21.42
N PHE A 64 32.55 -7.92 -20.92
CA PHE A 64 32.12 -7.45 -19.60
C PHE A 64 30.59 -7.16 -19.68
N PHE A 65 30.09 -6.74 -20.85
CA PHE A 65 28.70 -6.40 -21.09
C PHE A 65 28.10 -7.20 -22.27
N ILE A 66 26.97 -7.85 -22.04
CA ILE A 66 26.26 -8.62 -23.06
C ILE A 66 24.75 -8.25 -23.09
N SER A 67 24.27 -7.84 -24.23
CA SER A 67 22.86 -7.58 -24.46
C SER A 67 22.31 -8.52 -25.54
N ASN A 68 21.27 -9.29 -25.19
CA ASN A 68 20.59 -10.20 -26.11
C ASN A 68 19.11 -9.88 -26.12
N GLU A 69 18.59 -9.47 -27.27
CA GLU A 69 17.17 -9.20 -27.44
C GLU A 69 16.34 -10.47 -27.20
N LEU A 70 15.23 -10.31 -26.44
CA LEU A 70 14.29 -11.39 -26.17
C LEU A 70 13.07 -11.18 -27.08
N ILE A 71 12.71 -12.24 -27.81
CA ILE A 71 11.51 -12.28 -28.65
C ILE A 71 10.75 -13.56 -28.36
N GLU A 72 9.48 -13.56 -28.68
CA GLU A 72 8.67 -14.77 -28.53
C GLU A 72 8.86 -15.63 -29.78
N ASP A 73 9.09 -16.94 -29.58
CA ASP A 73 9.21 -17.91 -30.67
C ASP A 73 7.79 -18.26 -31.20
N GLU A 74 7.65 -19.42 -31.88
CA GLU A 74 6.39 -19.92 -32.46
C GLU A 74 5.38 -20.26 -31.35
N ASN A 75 5.89 -20.83 -30.25
CA ASN A 75 5.12 -21.27 -29.09
C ASN A 75 4.80 -20.13 -28.08
N GLY A 76 5.23 -18.91 -28.40
CA GLY A 76 5.04 -17.75 -27.55
C GLY A 76 6.02 -17.72 -26.38
N GLU A 77 7.10 -18.50 -26.48
CA GLU A 77 8.12 -18.58 -25.44
C GLU A 77 9.27 -17.63 -25.72
N LEU A 78 9.76 -16.94 -24.68
CA LEU A 78 10.84 -15.97 -24.82
C LEU A 78 12.15 -16.64 -25.17
N THR A 79 12.81 -16.14 -26.21
CA THR A 79 14.07 -16.66 -26.70
C THR A 79 15.02 -15.52 -27.08
N GLU A 80 16.32 -15.71 -26.83
CA GLU A 80 17.35 -14.71 -27.12
C GLU A 80 17.66 -14.76 -28.61
N VAL A 81 17.79 -13.58 -29.25
CA VAL A 81 18.10 -13.44 -30.67
C VAL A 81 19.05 -12.27 -30.97
N GLU A 82 19.75 -12.40 -32.11
CA GLU A 82 20.61 -11.36 -32.66
C GLU A 82 20.01 -11.09 -34.01
N ARG A 83 19.53 -9.88 -34.20
CA ARG A 83 18.88 -9.45 -35.43
C ARG A 83 19.07 -7.94 -35.60
N GLU A 84 18.72 -7.42 -36.76
CA GLU A 84 18.91 -6.00 -37.05
C GLU A 84 17.89 -5.08 -36.35
N PRO A 85 18.35 -3.93 -35.80
CA PRO A 85 17.43 -3.02 -35.12
C PRO A 85 16.28 -2.59 -36.01
N GLY A 86 15.08 -2.69 -35.49
CA GLY A 86 13.92 -2.25 -36.23
C GLY A 86 13.12 -3.32 -36.93
N ALA A 87 13.45 -4.60 -36.68
CA ALA A 87 12.71 -5.73 -37.26
C ALA A 87 11.54 -6.18 -36.36
N ASN A 88 11.29 -5.43 -35.27
CA ASN A 88 10.25 -5.70 -34.30
C ASN A 88 8.83 -5.57 -34.91
N ALA A 89 8.07 -6.68 -34.89
CA ALA A 89 6.69 -6.75 -35.39
C ALA A 89 5.67 -6.23 -34.36
N ILE A 90 6.13 -5.84 -33.12
CA ILE A 90 5.30 -5.26 -32.05
C ILE A 90 5.99 -4.04 -31.44
N GLY A 91 5.21 -3.13 -30.83
CA GLY A 91 5.70 -1.91 -30.19
C GLY A 91 6.30 -2.05 -28.80
N MET A 92 6.71 -3.26 -28.42
CA MET A 92 7.31 -3.51 -27.12
C MET A 92 8.50 -4.42 -27.39
N VAL A 93 9.70 -4.01 -26.92
CA VAL A 93 10.95 -4.79 -27.09
C VAL A 93 11.59 -5.10 -25.72
N ALA A 94 12.40 -6.15 -25.67
CA ALA A 94 13.11 -6.55 -24.46
C ALA A 94 14.53 -7.06 -24.72
N PHE A 95 15.40 -6.84 -23.73
CA PHE A 95 16.77 -7.32 -23.78
C PHE A 95 17.11 -7.94 -22.47
N LYS A 96 17.85 -9.06 -22.52
CA LYS A 96 18.42 -9.70 -21.35
C LYS A 96 19.87 -9.21 -21.30
N ILE A 97 20.22 -8.49 -20.22
CA ILE A 97 21.56 -7.95 -20.03
C ILE A 97 22.33 -8.77 -19.01
N THR A 98 23.59 -9.09 -19.34
CA THR A 98 24.56 -9.79 -18.49
C THR A 98 25.79 -8.89 -18.40
N VAL A 99 25.99 -8.23 -17.24
CA VAL A 99 27.09 -7.31 -16.97
C VAL A 99 27.96 -7.81 -15.85
N LYS A 100 29.27 -7.53 -15.98
CA LYS A 100 30.25 -7.75 -14.94
C LYS A 100 30.36 -6.38 -14.30
N THR A 101 29.98 -6.27 -13.02
CA THR A 101 30.01 -4.97 -12.33
C THR A 101 30.97 -5.00 -11.14
N PRO A 102 31.39 -3.84 -10.58
CA PRO A 102 32.25 -3.86 -9.38
C PRO A 102 31.71 -4.77 -8.26
N GLU A 103 30.37 -4.82 -8.08
CA GLU A 103 29.75 -5.62 -7.01
C GLU A 103 29.54 -7.08 -7.46
N TYR A 104 29.47 -7.33 -8.78
CA TYR A 104 29.36 -8.69 -9.35
C TYR A 104 30.36 -8.86 -10.50
N PRO A 105 31.67 -9.06 -10.16
CA PRO A 105 32.72 -9.13 -11.20
C PRO A 105 32.58 -10.29 -12.17
N ARG A 106 31.97 -11.39 -11.73
CA ARG A 106 31.72 -12.56 -12.58
C ARG A 106 30.40 -12.38 -13.36
N GLY A 107 29.67 -11.29 -13.10
CA GLY A 107 28.42 -10.98 -13.81
C GLY A 107 27.10 -11.07 -13.05
N ARG A 108 26.19 -10.14 -13.39
CA ARG A 108 24.80 -10.05 -12.90
C ARG A 108 23.87 -9.86 -14.09
N GLN A 109 22.65 -10.36 -13.96
CA GLN A 109 21.67 -10.25 -15.04
C GLN A 109 20.44 -9.48 -14.64
N PHE A 110 19.81 -8.88 -15.65
CA PHE A 110 18.56 -8.18 -15.58
C PHE A 110 17.92 -8.10 -16.93
N VAL A 111 16.65 -7.73 -16.89
CA VAL A 111 15.82 -7.60 -18.06
C VAL A 111 15.44 -6.12 -18.24
N VAL A 112 15.48 -5.66 -19.48
CA VAL A 112 15.06 -4.33 -19.88
C VAL A 112 13.87 -4.49 -20.83
N VAL A 113 12.67 -3.95 -20.45
CA VAL A 113 11.45 -3.94 -21.28
C VAL A 113 11.30 -2.50 -21.69
N ALA A 114 10.91 -2.26 -22.95
CA ALA A 114 10.76 -0.89 -23.43
C ALA A 114 9.75 -0.78 -24.53
N ASN A 115 9.00 0.33 -24.53
CA ASN A 115 8.06 0.63 -25.58
C ASN A 115 8.91 1.14 -26.72
N ASP A 116 8.47 0.88 -27.97
CA ASP A 116 9.13 1.43 -29.14
C ASP A 116 8.22 2.61 -29.55
N ILE A 117 8.67 3.85 -29.25
CA ILE A 117 7.95 5.09 -29.56
C ILE A 117 7.69 5.26 -31.08
N THR A 118 8.47 4.55 -31.95
CA THR A 118 8.32 4.63 -33.42
C THR A 118 7.27 3.63 -33.91
N PHE A 119 6.87 2.67 -33.07
CA PHE A 119 5.89 1.70 -33.47
C PHE A 119 4.54 2.10 -32.94
N LYS A 120 3.70 2.69 -33.82
CA LYS A 120 2.34 3.15 -33.52
C LYS A 120 2.33 4.04 -32.28
N ILE A 121 3.26 5.03 -32.27
CA ILE A 121 3.51 6.05 -31.24
C ILE A 121 3.66 5.43 -29.80
N GLY A 122 4.19 4.22 -29.74
CA GLY A 122 4.43 3.50 -28.49
C GLY A 122 3.17 3.06 -27.75
N SER A 123 2.03 3.01 -28.46
CA SER A 123 0.74 2.61 -27.90
C SER A 123 0.74 1.18 -27.43
N PHE A 124 -0.06 0.88 -26.41
CA PHE A 124 -0.18 -0.48 -25.89
C PHE A 124 -1.36 -1.21 -26.52
N GLY A 125 -1.06 -2.11 -27.43
CA GLY A 125 -2.09 -2.96 -28.00
C GLY A 125 -2.05 -4.29 -27.27
N PRO A 126 -3.00 -5.21 -27.56
CA PRO A 126 -3.00 -6.52 -26.90
C PRO A 126 -1.68 -7.30 -26.95
N GLN A 127 -0.96 -7.21 -28.08
CA GLN A 127 0.32 -7.91 -28.29
C GLN A 127 1.45 -7.31 -27.48
N GLU A 128 1.46 -5.98 -27.30
CA GLU A 128 2.50 -5.30 -26.51
C GLU A 128 2.30 -5.65 -25.03
N ASP A 129 1.04 -5.67 -24.59
CA ASP A 129 0.62 -5.98 -23.24
C ASP A 129 0.99 -7.42 -22.91
N GLU A 130 0.73 -8.35 -23.86
CA GLU A 130 0.99 -9.74 -23.58
C GLU A 130 2.51 -10.02 -23.59
N PHE A 131 3.28 -9.26 -24.38
CA PHE A 131 4.74 -9.38 -24.38
C PHE A 131 5.31 -8.81 -23.06
N PHE A 132 4.89 -7.58 -22.67
CA PHE A 132 5.28 -6.94 -21.40
C PHE A 132 5.06 -7.90 -20.20
N ASN A 133 3.87 -8.53 -20.17
CA ASN A 133 3.51 -9.48 -19.13
C ASN A 133 4.42 -10.73 -19.14
N LYS A 134 4.70 -11.28 -20.34
CA LYS A 134 5.58 -12.43 -20.51
C LYS A 134 7.01 -12.11 -20.01
N VAL A 135 7.50 -10.90 -20.31
CA VAL A 135 8.84 -10.46 -19.88
C VAL A 135 8.89 -10.29 -18.36
N THR A 136 7.82 -9.73 -17.78
CA THR A 136 7.66 -9.53 -16.33
C THR A 136 7.72 -10.89 -15.64
N GLU A 137 7.00 -11.88 -16.19
CA GLU A 137 6.93 -13.24 -15.65
C GLU A 137 8.28 -13.97 -15.75
N TYR A 138 9.00 -13.74 -16.88
CA TYR A 138 10.33 -14.27 -17.15
C TYR A 138 11.31 -13.79 -16.06
N ALA A 139 11.36 -12.48 -15.80
CA ALA A 139 12.21 -11.87 -14.76
C ALA A 139 11.84 -12.40 -13.36
N ARG A 140 10.53 -12.48 -13.08
CA ARG A 140 9.98 -12.98 -11.83
C ARG A 140 10.36 -14.44 -11.58
N LYS A 141 10.27 -15.33 -12.59
CA LYS A 141 10.64 -16.74 -12.45
C LYS A 141 12.14 -16.86 -12.13
N ARG A 142 12.97 -15.96 -12.68
CA ARG A 142 14.42 -15.98 -12.48
C ARG A 142 14.93 -15.17 -11.28
N GLY A 143 14.07 -14.36 -10.67
CA GLY A 143 14.38 -13.51 -9.53
C GLY A 143 15.19 -12.27 -9.88
N ILE A 144 15.34 -12.01 -11.19
CA ILE A 144 16.18 -10.92 -11.68
C ILE A 144 15.42 -9.61 -11.83
N PRO A 145 16.14 -8.48 -11.67
CA PRO A 145 15.47 -7.17 -11.83
C PRO A 145 14.79 -6.93 -13.18
N ARG A 146 13.72 -6.14 -13.16
CA ARG A 146 12.97 -5.74 -14.34
C ARG A 146 13.04 -4.23 -14.47
N ILE A 147 13.76 -3.76 -15.48
CA ILE A 147 13.89 -2.34 -15.82
C ILE A 147 12.88 -2.06 -16.93
N TYR A 148 12.08 -1.01 -16.79
CA TYR A 148 11.13 -0.60 -17.79
C TYR A 148 11.46 0.80 -18.29
N LEU A 149 11.60 0.94 -19.60
CA LEU A 149 11.85 2.22 -20.25
C LEU A 149 10.55 2.62 -20.90
N ALA A 150 9.84 3.57 -20.27
CA ALA A 150 8.52 4.07 -20.65
C ALA A 150 8.60 5.21 -21.66
N ALA A 151 8.03 5.01 -22.85
CA ALA A 151 8.00 6.00 -23.97
C ALA A 151 6.78 5.63 -24.77
N ASN A 152 5.62 6.19 -24.41
CA ASN A 152 4.35 5.71 -24.98
C ASN A 152 3.23 6.72 -24.98
N SER A 153 2.08 6.32 -25.56
CA SER A 153 0.86 7.11 -25.59
C SER A 153 -0.37 6.36 -25.04
N GLY A 154 -0.11 5.39 -24.16
CA GLY A 154 -1.13 4.60 -23.50
C GLY A 154 -1.77 3.59 -24.41
N ALA A 155 -2.94 3.11 -24.01
CA ALA A 155 -3.71 2.10 -24.75
C ALA A 155 -3.98 2.52 -26.21
N ARG A 156 -3.75 1.59 -27.13
CA ARG A 156 -4.01 1.80 -28.55
C ARG A 156 -5.51 2.06 -28.82
N ILE A 157 -5.79 3.12 -29.58
CA ILE A 157 -7.13 3.57 -29.99
C ILE A 157 -7.27 3.25 -31.48
N GLY A 158 -8.42 2.70 -31.85
CA GLY A 158 -8.72 2.37 -33.23
C GLY A 158 -10.20 2.29 -33.51
N MET A 159 -10.52 2.18 -34.79
CA MET A 159 -11.89 2.05 -35.30
C MET A 159 -11.91 0.99 -36.40
N ALA A 160 -13.11 0.52 -36.76
CA ALA A 160 -13.27 -0.49 -37.79
C ALA A 160 -13.16 0.22 -39.15
N GLU A 161 -11.94 0.23 -39.69
CA GLU A 161 -11.61 0.95 -40.93
C GLU A 161 -12.36 0.44 -42.16
N GLU A 162 -12.68 -0.87 -42.19
CA GLU A 162 -13.45 -1.51 -43.26
C GLU A 162 -14.92 -1.01 -43.31
N ILE A 163 -15.41 -0.39 -42.21
CA ILE A 163 -16.78 0.14 -42.14
C ILE A 163 -16.82 1.63 -42.52
N VAL A 164 -15.66 2.34 -42.47
CA VAL A 164 -15.55 3.76 -42.83
C VAL A 164 -16.05 4.02 -44.29
N PRO A 165 -15.65 3.23 -45.34
CA PRO A 165 -16.15 3.52 -46.69
C PRO A 165 -17.46 2.84 -47.08
N LEU A 166 -18.15 2.21 -46.11
CA LEU A 166 -19.40 1.49 -46.40
C LEU A 166 -20.64 2.09 -45.77
N PHE A 167 -20.53 2.64 -44.57
CA PHE A 167 -21.69 3.12 -43.81
C PHE A 167 -22.46 4.24 -44.50
N GLN A 168 -23.78 4.13 -44.47
CA GLN A 168 -24.71 5.09 -45.04
C GLN A 168 -25.41 5.79 -43.89
N VAL A 169 -25.86 7.02 -44.14
CA VAL A 169 -26.57 7.86 -43.18
C VAL A 169 -28.06 7.94 -43.55
N ALA A 170 -28.95 7.61 -42.60
CA ALA A 170 -30.40 7.70 -42.80
C ALA A 170 -30.84 9.09 -42.33
N TRP A 171 -30.79 10.07 -43.26
CA TRP A 171 -31.14 11.48 -43.00
C TRP A 171 -32.58 11.68 -42.62
N ASN A 172 -32.86 12.75 -41.85
CA ASN A 172 -34.22 13.15 -41.50
C ASN A 172 -34.86 13.77 -42.75
N ASP A 173 -34.01 14.45 -43.54
CA ASP A 173 -34.31 15.11 -44.80
C ASP A 173 -33.02 15.06 -45.61
N ALA A 174 -32.96 14.18 -46.63
CA ALA A 174 -31.78 14.03 -47.48
C ALA A 174 -31.37 15.34 -48.19
N ALA A 175 -32.34 16.25 -48.42
CA ALA A 175 -32.12 17.54 -49.05
C ALA A 175 -31.43 18.53 -48.09
N ASN A 176 -31.67 18.40 -46.76
CA ASN A 176 -31.07 19.24 -45.71
C ASN A 176 -30.34 18.41 -44.61
N PRO A 177 -29.01 18.15 -44.78
CA PRO A 177 -28.29 17.32 -43.79
C PRO A 177 -28.26 17.88 -42.36
N ASP A 178 -28.20 19.21 -42.20
CA ASP A 178 -28.22 19.89 -40.89
C ASP A 178 -29.48 19.61 -40.05
N LYS A 179 -30.52 18.98 -40.66
CA LYS A 179 -31.74 18.64 -39.95
C LYS A 179 -31.60 17.34 -39.11
N GLY A 180 -30.45 16.66 -39.28
CA GLY A 180 -30.13 15.46 -38.53
C GLY A 180 -30.19 14.15 -39.28
N PHE A 181 -29.94 13.07 -38.53
CA PHE A 181 -29.97 11.69 -39.02
C PHE A 181 -30.57 10.81 -37.95
N GLN A 182 -31.05 9.63 -38.35
CA GLN A 182 -31.74 8.69 -37.47
C GLN A 182 -30.89 7.50 -37.07
N TYR A 183 -30.02 7.05 -37.98
CA TYR A 183 -29.14 5.91 -37.77
C TYR A 183 -28.15 5.81 -38.89
N LEU A 184 -27.26 4.82 -38.76
CA LEU A 184 -26.27 4.51 -39.77
C LEU A 184 -26.59 3.12 -40.21
N TYR A 185 -26.39 2.83 -41.50
CA TYR A 185 -26.75 1.53 -42.05
C TYR A 185 -25.86 1.07 -43.19
N LEU A 186 -25.93 -0.20 -43.52
CA LEU A 186 -25.26 -0.77 -44.68
C LEU A 186 -26.33 -1.15 -45.73
N THR A 187 -25.95 -1.11 -47.00
CA THR A 187 -26.79 -1.56 -48.11
C THR A 187 -26.45 -3.03 -48.33
N SER A 188 -27.24 -3.73 -49.17
CA SER A 188 -26.98 -5.13 -49.54
C SER A 188 -25.57 -5.26 -50.13
N GLU A 189 -25.13 -4.20 -50.83
CA GLU A 189 -23.82 -4.08 -51.44
C GLU A 189 -22.72 -4.09 -50.35
N GLY A 190 -22.90 -3.24 -49.32
CA GLY A 190 -22.00 -3.14 -48.18
C GLY A 190 -21.85 -4.47 -47.45
N MET A 191 -22.97 -5.17 -47.25
CA MET A 191 -23.04 -6.49 -46.62
C MET A 191 -22.30 -7.52 -47.44
N GLU A 192 -22.45 -7.44 -48.78
CA GLU A 192 -21.78 -8.32 -49.74
C GLU A 192 -20.29 -8.07 -49.75
N THR A 193 -19.87 -6.79 -49.62
CA THR A 193 -18.47 -6.34 -49.53
C THR A 193 -17.75 -7.04 -48.39
N LEU A 194 -18.37 -7.01 -47.19
CA LEU A 194 -17.86 -7.65 -45.99
C LEU A 194 -17.81 -9.16 -46.13
N LYS A 195 -18.88 -9.77 -46.70
CA LYS A 195 -18.95 -11.22 -46.92
C LYS A 195 -17.81 -11.68 -47.84
N LYS A 196 -17.53 -10.90 -48.91
CA LYS A 196 -16.48 -11.12 -49.90
C LYS A 196 -15.08 -11.19 -49.21
N PHE A 197 -14.83 -10.29 -48.23
CA PHE A 197 -13.56 -10.22 -47.51
C PHE A 197 -13.55 -10.99 -46.18
N ASP A 198 -14.64 -11.73 -45.88
CA ASP A 198 -14.82 -12.56 -44.68
C ASP A 198 -14.84 -11.69 -43.41
N LYS A 199 -15.71 -10.67 -43.40
CA LYS A 199 -15.84 -9.67 -42.33
C LYS A 199 -17.32 -9.36 -41.99
N GLU A 200 -18.23 -10.34 -42.11
CA GLU A 200 -19.67 -10.17 -41.80
C GLU A 200 -19.87 -9.87 -40.32
N ASN A 201 -18.94 -10.39 -39.52
CA ASN A 201 -18.79 -10.31 -38.07
C ASN A 201 -18.30 -8.93 -37.60
N SER A 202 -17.86 -8.05 -38.53
CA SER A 202 -17.35 -6.71 -38.20
C SER A 202 -18.41 -5.77 -37.67
N VAL A 203 -19.70 -6.03 -37.98
CA VAL A 203 -20.84 -5.24 -37.54
C VAL A 203 -21.98 -6.17 -37.12
N LEU A 204 -22.87 -5.65 -36.26
CA LEU A 204 -24.10 -6.30 -35.87
C LEU A 204 -25.19 -5.40 -36.44
N THR A 205 -26.02 -5.98 -37.33
CA THR A 205 -27.08 -5.22 -38.01
C THR A 205 -28.47 -5.80 -37.77
N GLU A 206 -29.48 -4.94 -37.94
CA GLU A 206 -30.90 -5.27 -37.88
C GLU A 206 -31.50 -4.90 -39.26
N ARG A 207 -31.96 -5.91 -40.04
CA ARG A 207 -32.53 -5.67 -41.38
C ARG A 207 -33.89 -4.99 -41.29
N THR A 208 -34.08 -3.94 -42.09
CA THR A 208 -35.30 -3.14 -42.23
C THR A 208 -35.52 -2.78 -43.70
N VAL A 209 -36.77 -2.49 -44.10
CA VAL A 209 -37.06 -2.14 -45.49
C VAL A 209 -37.66 -0.73 -45.55
N ILE A 210 -36.93 0.19 -46.21
CA ILE A 210 -37.38 1.56 -46.39
C ILE A 210 -37.38 1.87 -47.89
N ASN A 211 -38.60 2.20 -48.41
CA ASN A 211 -38.92 2.49 -49.83
C ASN A 211 -38.48 1.37 -50.79
N GLY A 212 -38.87 0.15 -50.42
CA GLY A 212 -38.58 -1.06 -51.19
C GLY A 212 -37.13 -1.52 -51.17
N GLU A 213 -36.24 -0.77 -50.47
CA GLU A 213 -34.81 -1.11 -50.38
C GLU A 213 -34.39 -1.57 -48.99
N GLU A 214 -33.57 -2.64 -48.95
CA GLU A 214 -33.01 -3.23 -47.74
C GLU A 214 -32.02 -2.25 -47.08
N ARG A 215 -32.23 -2.01 -45.77
CA ARG A 215 -31.33 -1.22 -44.94
C ARG A 215 -30.88 -2.11 -43.77
N PHE A 216 -29.58 -2.37 -43.68
CA PHE A 216 -29.01 -3.15 -42.58
C PHE A 216 -28.52 -2.14 -41.54
N VAL A 217 -29.43 -1.74 -40.62
CA VAL A 217 -29.10 -0.73 -39.62
C VAL A 217 -28.05 -1.25 -38.66
N ILE A 218 -26.97 -0.45 -38.54
CA ILE A 218 -25.82 -0.74 -37.68
C ILE A 218 -26.21 -0.57 -36.20
N LYS A 219 -26.19 -1.68 -35.47
CA LYS A 219 -26.53 -1.75 -34.06
C LYS A 219 -25.28 -1.68 -33.19
N THR A 220 -24.16 -2.24 -33.69
CA THR A 220 -22.84 -2.22 -33.04
C THR A 220 -21.76 -2.43 -34.08
N ILE A 221 -20.64 -1.70 -33.95
CA ILE A 221 -19.45 -1.86 -34.79
C ILE A 221 -18.41 -2.62 -33.93
N ILE A 222 -17.98 -3.76 -34.42
CA ILE A 222 -16.99 -4.61 -33.74
C ILE A 222 -15.60 -4.43 -34.39
N GLY A 223 -15.53 -4.64 -35.70
CA GLY A 223 -14.30 -4.55 -36.47
C GLY A 223 -13.61 -5.89 -36.53
N SER A 224 -12.90 -6.14 -37.63
CA SER A 224 -12.15 -7.37 -37.85
C SER A 224 -10.74 -7.26 -37.23
N GLU A 225 -10.18 -6.03 -37.17
CA GLU A 225 -8.83 -5.77 -36.65
C GLU A 225 -8.83 -5.73 -35.11
N ASP A 226 -7.89 -6.48 -34.50
CA ASP A 226 -7.72 -6.50 -33.05
C ASP A 226 -6.92 -5.26 -32.60
N GLY A 227 -7.26 -4.74 -31.43
CA GLY A 227 -6.59 -3.58 -30.86
C GLY A 227 -7.26 -2.24 -31.06
N LEU A 228 -8.59 -2.20 -31.04
CA LEU A 228 -9.35 -0.98 -31.27
C LEU A 228 -9.76 -0.26 -29.97
N GLY A 229 -10.15 -1.03 -28.94
CA GLY A 229 -10.70 -0.45 -27.72
C GLY A 229 -10.58 -1.25 -26.46
N VAL A 230 -11.71 -1.78 -25.97
CA VAL A 230 -11.80 -2.49 -24.70
C VAL A 230 -10.78 -3.63 -24.57
N GLU A 231 -10.38 -4.30 -25.68
CA GLU A 231 -9.37 -5.36 -25.60
C GLU A 231 -8.02 -4.77 -25.17
N CYS A 232 -7.78 -3.50 -25.53
CA CYS A 232 -6.53 -2.80 -25.15
C CYS A 232 -6.59 -2.47 -23.67
N LEU A 233 -7.80 -2.17 -23.19
CA LEU A 233 -8.09 -1.89 -21.78
C LEU A 233 -7.92 -3.15 -20.94
N ARG A 234 -8.32 -4.33 -21.46
CA ARG A 234 -8.12 -5.60 -20.77
C ARG A 234 -6.61 -5.84 -20.54
N GLY A 235 -5.82 -5.62 -21.60
CA GLY A 235 -4.37 -5.80 -21.58
C GLY A 235 -3.63 -4.88 -20.63
N SER A 236 -4.16 -3.64 -20.49
CA SER A 236 -3.69 -2.62 -19.56
C SER A 236 -3.88 -3.12 -18.12
N GLY A 237 -5.04 -3.69 -17.82
CA GLY A 237 -5.37 -4.25 -16.52
C GLY A 237 -4.46 -5.39 -16.18
N LEU A 238 -4.21 -6.27 -17.17
CA LEU A 238 -3.31 -7.41 -17.02
C LEU A 238 -1.92 -6.98 -16.56
N ILE A 239 -1.33 -6.01 -17.26
CA ILE A 239 0.05 -5.57 -16.96
C ILE A 239 0.12 -4.68 -15.70
N ALA A 240 -0.97 -3.98 -15.34
CA ALA A 240 -1.06 -3.22 -14.09
C ALA A 240 -0.98 -4.23 -12.92
N GLY A 241 -1.80 -5.29 -12.97
CA GLY A 241 -1.77 -6.36 -11.97
C GLY A 241 -0.43 -7.08 -11.92
N ALA A 242 0.17 -7.32 -13.10
CA ALA A 242 1.48 -7.95 -13.23
C ALA A 242 2.58 -7.12 -12.59
N THR A 243 2.52 -5.78 -12.72
CA THR A 243 3.52 -4.87 -12.16
C THR A 243 3.37 -4.78 -10.63
N SER A 244 2.11 -4.70 -10.14
CA SER A 244 1.75 -4.71 -8.72
C SER A 244 2.39 -5.94 -8.06
N ARG A 245 2.29 -7.12 -8.70
CA ARG A 245 2.89 -8.38 -8.22
C ARG A 245 4.40 -8.35 -8.27
N ALA A 246 4.96 -7.93 -9.43
CA ALA A 246 6.41 -7.85 -9.68
C ALA A 246 7.15 -7.07 -8.59
N TYR A 247 6.57 -5.93 -8.15
CA TYR A 247 7.12 -5.10 -7.11
C TYR A 247 7.31 -5.87 -5.81
N HIS A 248 6.42 -6.84 -5.50
CA HIS A 248 6.59 -7.59 -4.25
C HIS A 248 7.59 -8.72 -4.37
N ASP A 249 8.05 -9.00 -5.59
CA ASP A 249 8.85 -10.14 -5.98
C ASP A 249 10.31 -9.89 -6.44
N ILE A 250 10.53 -8.91 -7.28
CA ILE A 250 11.86 -8.64 -7.87
C ILE A 250 12.10 -7.13 -7.79
N PHE A 251 13.33 -6.70 -8.02
CA PHE A 251 13.62 -5.28 -8.08
C PHE A 251 12.99 -4.72 -9.39
N THR A 252 12.13 -3.71 -9.25
CA THR A 252 11.46 -3.06 -10.38
C THR A 252 11.86 -1.58 -10.38
N ILE A 253 12.12 -1.04 -11.56
CA ILE A 253 12.47 0.36 -11.73
C ILE A 253 11.99 0.82 -13.12
N THR A 254 11.58 2.10 -13.20
CA THR A 254 11.14 2.70 -14.46
C THR A 254 11.90 3.98 -14.78
N LEU A 255 12.28 4.12 -16.06
CA LEU A 255 12.88 5.33 -16.59
C LEU A 255 11.86 5.94 -17.56
N VAL A 256 11.38 7.17 -17.28
CA VAL A 256 10.42 7.90 -18.13
C VAL A 256 11.28 8.71 -19.09
N THR A 257 11.41 8.19 -20.33
CA THR A 257 12.35 8.66 -21.35
C THR A 257 11.72 9.55 -22.43
N CYS A 258 10.41 9.46 -22.58
CA CYS A 258 9.58 10.29 -23.46
C CYS A 258 8.27 10.36 -22.65
N ARG A 259 7.20 10.86 -23.19
CA ARG A 259 5.95 10.82 -22.42
C ARG A 259 5.57 9.39 -21.98
N SER A 260 4.82 9.28 -20.88
CA SER A 260 4.25 8.01 -20.42
C SER A 260 2.83 8.38 -20.05
N VAL A 261 1.86 7.86 -20.83
CA VAL A 261 0.44 8.20 -20.78
C VAL A 261 -0.48 7.04 -20.34
N GLY A 262 -1.52 7.37 -19.54
CA GLY A 262 -2.55 6.43 -19.09
C GLY A 262 -2.00 5.21 -18.38
N ILE A 263 -2.12 4.02 -19.00
CA ILE A 263 -1.54 2.80 -18.44
C ILE A 263 0.00 3.00 -18.22
N GLY A 264 0.64 3.75 -19.14
CA GLY A 264 2.05 4.09 -19.04
C GLY A 264 2.36 4.82 -17.73
N ALA A 265 1.48 5.78 -17.32
CA ALA A 265 1.61 6.53 -16.07
C ALA A 265 1.41 5.59 -14.87
N TYR A 266 0.39 4.70 -14.95
CA TYR A 266 0.13 3.72 -13.90
C TYR A 266 1.27 2.73 -13.72
N LEU A 267 1.94 2.36 -14.81
CA LEU A 267 3.07 1.42 -14.73
C LEU A 267 4.25 2.06 -14.00
N VAL A 268 4.47 3.38 -14.20
CA VAL A 268 5.53 4.10 -13.52
C VAL A 268 5.31 3.99 -12.00
N ARG A 269 4.08 4.26 -11.55
CA ARG A 269 3.73 4.16 -10.14
C ARG A 269 3.69 2.73 -9.61
N LEU A 270 3.13 1.77 -10.37
CA LEU A 270 3.02 0.39 -9.89
C LEU A 270 4.40 -0.30 -9.71
N GLY A 271 5.39 0.11 -10.51
CA GLY A 271 6.75 -0.39 -10.33
C GLY A 271 7.47 0.34 -9.21
N GLN A 272 6.83 1.42 -8.66
CA GLN A 272 7.27 2.26 -7.55
C GLN A 272 8.50 3.11 -7.82
N ARG A 273 9.68 2.49 -7.98
CA ARG A 273 10.95 3.17 -8.25
C ARG A 273 10.91 3.77 -9.68
N ALA A 274 10.97 5.11 -9.76
CA ALA A 274 10.89 5.80 -11.04
C ALA A 274 11.90 6.92 -11.12
N ILE A 275 12.55 7.04 -12.29
CA ILE A 275 13.51 8.08 -12.66
C ILE A 275 12.88 8.80 -13.85
N GLN A 276 12.54 10.08 -13.68
CA GLN A 276 11.92 10.86 -14.74
C GLN A 276 12.94 11.77 -15.44
N VAL A 277 13.08 11.63 -16.77
CA VAL A 277 13.96 12.51 -17.54
C VAL A 277 13.23 13.87 -17.60
N GLU A 278 13.97 14.95 -17.33
CA GLU A 278 13.44 16.32 -17.36
C GLU A 278 12.81 16.61 -18.71
N GLY A 279 11.61 17.18 -18.68
CA GLY A 279 10.84 17.49 -19.88
C GLY A 279 10.02 16.32 -20.41
N GLN A 280 10.06 15.13 -19.75
CA GLN A 280 9.27 13.98 -20.25
C GLN A 280 8.09 13.76 -19.29
N PRO A 281 6.84 14.12 -19.67
CA PRO A 281 5.72 14.00 -18.73
C PRO A 281 5.13 12.60 -18.51
N ILE A 282 4.61 12.42 -17.27
CA ILE A 282 3.88 11.23 -16.82
C ILE A 282 2.43 11.72 -16.75
N ILE A 283 1.58 11.37 -17.72
CA ILE A 283 0.22 11.96 -17.72
C ILE A 283 -0.95 10.96 -17.84
N LEU A 284 -2.14 11.45 -17.47
CA LEU A 284 -3.38 10.70 -17.66
C LEU A 284 -4.01 11.31 -18.90
N THR A 285 -4.98 12.22 -18.77
CA THR A 285 -5.50 12.94 -19.96
C THR A 285 -4.54 14.12 -20.24
N GLY A 286 -4.22 14.35 -21.50
CA GLY A 286 -3.36 15.45 -21.92
C GLY A 286 -3.99 16.83 -21.76
N ALA A 287 -3.13 17.87 -21.76
CA ALA A 287 -3.52 19.29 -21.62
C ALA A 287 -4.56 19.73 -22.67
N SER A 288 -4.33 19.44 -23.98
CA SER A 288 -5.25 19.78 -25.09
C SER A 288 -6.65 19.26 -24.82
N ALA A 289 -6.79 17.95 -24.51
CA ALA A 289 -8.04 17.28 -24.24
C ALA A 289 -8.72 17.89 -23.02
N LEU A 290 -7.94 18.19 -21.99
CA LEU A 290 -8.42 18.82 -20.77
C LEU A 290 -8.95 20.24 -21.06
N ASN A 291 -8.30 20.95 -22.00
CA ASN A 291 -8.75 22.27 -22.45
C ASN A 291 -10.10 22.16 -23.15
N LYS A 292 -10.29 21.14 -24.05
CA LYS A 292 -11.56 20.90 -24.75
C LYS A 292 -12.67 20.61 -23.72
N VAL A 293 -12.42 19.68 -22.76
CA VAL A 293 -13.39 19.30 -21.71
C VAL A 293 -13.75 20.50 -20.85
N LEU A 294 -12.76 21.32 -20.48
CA LEU A 294 -12.97 22.49 -19.63
C LEU A 294 -13.58 23.70 -20.37
N GLY A 295 -13.41 23.76 -21.68
CA GLY A 295 -13.93 24.81 -22.55
C GLY A 295 -13.17 26.13 -22.46
N ARG A 296 -11.87 26.07 -22.17
CA ARG A 296 -10.95 27.21 -22.03
C ARG A 296 -9.54 26.72 -22.33
N GLU A 297 -8.61 27.64 -22.69
CA GLU A 297 -7.21 27.30 -22.86
C GLU A 297 -6.63 27.46 -21.43
N VAL A 298 -6.84 26.43 -20.58
CA VAL A 298 -6.39 26.40 -19.18
C VAL A 298 -4.88 26.08 -19.10
N TYR A 299 -4.45 25.03 -19.81
CA TYR A 299 -3.09 24.55 -19.78
C TYR A 299 -2.40 24.78 -21.11
N THR A 300 -1.11 25.08 -21.05
CA THR A 300 -0.27 25.32 -22.23
C THR A 300 0.61 24.10 -22.52
N SER A 301 0.90 23.26 -21.50
CA SER A 301 1.70 22.04 -21.70
C SER A 301 1.35 20.90 -20.78
N ASN A 302 1.72 19.69 -21.22
CA ASN A 302 1.57 18.45 -20.48
C ASN A 302 2.47 18.47 -19.23
N LEU A 303 3.55 19.27 -19.26
CA LEU A 303 4.49 19.41 -18.17
C LEU A 303 3.86 20.04 -16.94
N GLN A 304 2.77 20.79 -17.13
CA GLN A 304 2.01 21.40 -16.02
C GLN A 304 1.22 20.32 -15.30
N LEU A 305 1.02 19.17 -15.95
CA LEU A 305 0.24 18.07 -15.40
C LEU A 305 1.12 16.95 -14.86
N GLY A 306 2.20 16.63 -15.57
CA GLY A 306 3.04 15.51 -15.18
C GLY A 306 4.53 15.61 -15.38
N GLY A 307 5.00 16.85 -15.46
CA GLY A 307 6.43 17.14 -15.55
C GLY A 307 7.08 16.85 -14.22
N THR A 308 8.42 16.96 -14.16
CA THR A 308 9.19 16.72 -12.91
C THR A 308 8.76 17.67 -11.80
N GLN A 309 8.34 18.91 -12.14
CA GLN A 309 7.88 19.89 -11.14
C GLN A 309 6.63 19.41 -10.40
N ILE A 310 6.01 18.35 -10.94
CA ILE A 310 4.84 17.72 -10.36
C ILE A 310 5.25 16.40 -9.69
N MET A 311 5.79 15.45 -10.48
CA MET A 311 6.06 14.06 -10.08
C MET A 311 7.28 13.88 -9.19
N TYR A 312 8.30 14.72 -9.37
CA TYR A 312 9.46 14.69 -8.49
C TYR A 312 9.05 15.35 -7.16
N ASN A 313 8.28 16.43 -7.20
CA ASN A 313 7.82 17.14 -6.01
C ASN A 313 6.82 16.37 -5.16
N ASN A 314 6.06 15.43 -5.75
CA ASN A 314 5.08 14.64 -5.01
C ASN A 314 5.55 13.20 -4.74
N GLY A 315 6.79 12.88 -5.10
CA GLY A 315 7.35 11.56 -4.82
C GLY A 315 6.96 10.42 -5.74
N VAL A 316 6.26 10.70 -6.83
CA VAL A 316 5.96 9.67 -7.84
C VAL A 316 7.30 9.36 -8.54
N SER A 317 8.08 10.41 -8.84
CA SER A 317 9.42 10.26 -9.39
C SER A 317 10.42 10.35 -8.25
N HIS A 318 11.19 9.29 -8.05
CA HIS A 318 12.16 9.19 -6.98
C HIS A 318 13.35 10.06 -7.28
N LEU A 319 13.73 10.15 -8.57
CA LEU A 319 14.85 10.95 -9.07
C LEU A 319 14.51 11.54 -10.43
N THR A 320 15.25 12.57 -10.83
CA THR A 320 15.18 13.20 -12.14
C THR A 320 16.51 12.94 -12.86
N ALA A 321 16.48 13.06 -14.17
CA ALA A 321 17.69 12.89 -15.00
C ALA A 321 17.65 13.97 -16.05
N VAL A 322 18.82 14.53 -16.38
CA VAL A 322 18.91 15.61 -17.39
C VAL A 322 18.69 15.04 -18.79
N ASP A 323 19.01 13.76 -18.98
CA ASP A 323 18.86 13.06 -20.26
C ASP A 323 18.80 11.56 -20.02
N ASP A 324 18.63 10.77 -21.08
CA ASP A 324 18.52 9.32 -21.03
C ASP A 324 19.71 8.60 -20.45
N LEU A 325 20.93 9.03 -20.78
CA LEU A 325 22.15 8.38 -20.24
C LEU A 325 22.22 8.63 -18.75
N ALA A 326 21.94 9.86 -18.31
CA ALA A 326 21.96 10.21 -16.89
C ALA A 326 20.97 9.29 -16.11
N GLY A 327 19.82 9.01 -16.73
CA GLY A 327 18.77 8.14 -16.19
C GLY A 327 19.24 6.72 -16.06
N VAL A 328 19.88 6.23 -17.13
CA VAL A 328 20.45 4.88 -17.19
C VAL A 328 21.57 4.73 -16.13
N GLU A 329 22.34 5.83 -15.94
CA GLU A 329 23.44 5.88 -14.94
C GLU A 329 22.85 5.76 -13.53
N LYS A 330 21.74 6.47 -13.27
CA LYS A 330 21.02 6.41 -12.00
C LYS A 330 20.41 5.00 -11.75
N ILE A 331 19.96 4.29 -12.82
CA ILE A 331 19.43 2.92 -12.68
C ILE A 331 20.54 1.98 -12.21
N VAL A 332 21.66 2.01 -12.91
CA VAL A 332 22.84 1.17 -12.71
C VAL A 332 23.45 1.42 -11.31
N GLU A 333 23.44 2.68 -10.85
CA GLU A 333 23.91 3.08 -9.52
C GLU A 333 22.99 2.53 -8.44
N TRP A 334 21.67 2.66 -8.62
CA TRP A 334 20.65 2.16 -7.71
C TRP A 334 20.78 0.64 -7.59
N MET A 335 20.98 -0.06 -8.72
CA MET A 335 21.15 -1.52 -8.76
C MET A 335 22.42 -2.01 -8.04
N SER A 336 23.45 -1.15 -7.93
CA SER A 336 24.71 -1.55 -7.30
C SER A 336 24.56 -1.91 -5.81
N TYR A 337 23.42 -1.50 -5.19
CA TYR A 337 23.10 -1.82 -3.79
C TYR A 337 22.23 -3.05 -3.65
N VAL A 338 21.72 -3.57 -4.78
CA VAL A 338 20.71 -4.62 -4.85
C VAL A 338 21.29 -5.97 -5.19
N PRO A 339 20.87 -7.09 -4.52
CA PRO A 339 21.36 -8.44 -4.89
C PRO A 339 21.17 -8.73 -6.37
N ALA A 340 22.05 -9.57 -6.95
CA ALA A 340 22.01 -9.96 -8.39
C ALA A 340 20.63 -10.54 -8.75
N LYS A 341 20.05 -11.31 -7.83
CA LYS A 341 18.74 -11.91 -7.95
C LYS A 341 18.13 -12.13 -6.55
N ARG A 342 16.79 -12.31 -6.51
CA ARG A 342 15.98 -12.54 -5.31
C ARG A 342 16.62 -13.56 -4.38
N ASN A 343 16.69 -13.22 -3.09
CA ASN A 343 17.19 -14.06 -2.01
C ASN A 343 18.71 -14.28 -2.02
N MET A 344 19.45 -13.66 -2.95
CA MET A 344 20.91 -13.72 -2.92
C MET A 344 21.38 -12.75 -1.83
N PRO A 345 22.53 -12.99 -1.15
CA PRO A 345 22.98 -12.02 -0.13
C PRO A 345 23.22 -10.61 -0.67
N VAL A 346 23.08 -9.59 0.18
CA VAL A 346 23.28 -8.19 -0.24
C VAL A 346 24.72 -8.02 -0.80
N PRO A 347 24.91 -7.29 -1.93
CA PRO A 347 26.26 -7.24 -2.53
C PRO A 347 27.29 -6.35 -1.81
N ILE A 348 28.29 -6.96 -1.18
CA ILE A 348 29.33 -6.23 -0.46
C ILE A 348 30.24 -5.52 -1.45
N LEU A 349 30.45 -4.22 -1.27
CA LEU A 349 31.36 -3.42 -2.08
C LEU A 349 32.24 -2.55 -1.20
N GLU A 350 33.36 -3.14 -0.80
CA GLU A 350 34.34 -2.48 0.03
C GLU A 350 35.10 -1.45 -0.79
N THR A 351 35.19 -0.23 -0.29
CA THR A 351 35.92 0.85 -0.93
C THR A 351 37.13 1.21 -0.04
N LYS A 352 37.81 2.35 -0.31
CA LYS A 352 38.97 2.70 0.49
C LYS A 352 38.58 3.12 1.92
N ASP A 353 37.33 3.63 2.09
CA ASP A 353 36.82 3.98 3.41
C ASP A 353 36.37 2.70 4.13
N THR A 354 37.31 2.09 4.91
CA THR A 354 37.06 0.84 5.65
C THR A 354 36.36 1.09 6.99
N TRP A 355 35.90 0.01 7.62
CA TRP A 355 35.14 0.05 8.87
C TRP A 355 35.88 0.60 10.08
N ASP A 356 37.19 0.31 10.18
CA ASP A 356 37.98 0.60 11.36
C ASP A 356 38.41 2.02 11.47
N ARG A 357 37.48 2.88 11.85
CA ARG A 357 37.76 4.29 12.05
C ARG A 357 36.67 4.89 12.90
N PRO A 358 36.95 6.00 13.63
CA PRO A 358 35.87 6.65 14.36
C PRO A 358 35.00 7.45 13.38
N VAL A 359 33.89 8.01 13.87
CA VAL A 359 33.04 8.87 13.09
C VAL A 359 33.50 10.26 13.48
N ASP A 360 33.84 11.09 12.48
CA ASP A 360 34.33 12.45 12.72
C ASP A 360 33.24 13.45 12.98
N PHE A 361 32.35 13.69 12.00
CA PHE A 361 31.29 14.66 12.19
C PHE A 361 30.38 14.26 13.34
N THR A 362 30.21 15.17 14.31
CA THR A 362 29.36 14.95 15.48
C THR A 362 28.43 16.17 15.63
N PRO A 363 27.10 15.98 15.71
CA PRO A 363 26.22 17.13 15.92
C PRO A 363 26.33 17.63 17.37
N THR A 364 25.97 18.89 17.61
CA THR A 364 25.95 19.47 18.97
C THR A 364 24.54 20.00 19.26
N ASN A 365 24.12 19.96 20.54
CA ASN A 365 22.81 20.37 21.03
C ASN A 365 22.40 21.81 20.68
N ASP A 366 23.37 22.73 20.65
CA ASP A 366 23.11 24.15 20.39
C ASP A 366 23.27 24.58 18.92
N GLU A 367 23.81 23.70 18.04
CA GLU A 367 24.04 24.08 16.65
C GLU A 367 23.31 23.25 15.57
N THR A 368 22.83 23.97 14.54
CA THR A 368 22.16 23.49 13.34
C THR A 368 23.10 22.63 12.47
N TYR A 369 22.56 21.53 11.92
CA TYR A 369 23.28 20.62 11.04
C TYR A 369 22.38 20.00 9.95
N ASP A 370 23.02 19.46 8.92
CA ASP A 370 22.40 18.72 7.85
C ASP A 370 22.67 17.25 8.23
N VAL A 371 21.61 16.40 8.39
CA VAL A 371 21.78 14.96 8.72
C VAL A 371 22.74 14.29 7.78
N ARG A 372 22.77 14.74 6.52
CA ARG A 372 23.62 14.16 5.48
C ARG A 372 25.08 14.13 5.92
N TRP A 373 25.51 15.11 6.75
CA TRP A 373 26.88 15.14 7.29
C TRP A 373 27.12 13.93 8.21
N MET A 374 26.14 13.59 9.05
CA MET A 374 26.17 12.43 9.95
C MET A 374 26.18 11.13 9.15
N ILE A 375 25.44 11.12 8.04
CA ILE A 375 25.31 9.95 7.17
C ILE A 375 26.58 9.69 6.34
N GLU A 376 26.97 10.65 5.50
CA GLU A 376 28.04 10.50 4.51
C GLU A 376 29.31 11.33 4.78
N GLY A 377 29.29 12.13 5.82
CA GLY A 377 30.42 12.99 6.11
C GLY A 377 30.26 14.36 5.50
N ARG A 378 31.21 15.24 5.81
CA ARG A 378 31.20 16.64 5.42
C ARG A 378 32.59 17.11 4.97
N GLU A 379 32.62 17.88 3.87
CA GLU A 379 33.85 18.49 3.38
C GLU A 379 34.02 19.80 4.16
N THR A 380 35.16 19.92 4.86
CA THR A 380 35.50 21.05 5.72
C THR A 380 36.82 21.68 5.21
N GLU A 381 37.09 22.96 5.57
CA GLU A 381 38.33 23.68 5.20
C GLU A 381 39.59 22.94 5.70
N SER A 382 39.51 22.37 6.92
CA SER A 382 40.56 21.59 7.58
C SER A 382 40.69 20.16 6.99
N GLY A 383 39.73 19.77 6.14
CA GLY A 383 39.67 18.46 5.51
C GLY A 383 38.32 17.77 5.66
N PHE A 384 38.23 16.53 5.16
CA PHE A 384 36.98 15.77 5.21
C PHE A 384 36.67 15.21 6.61
N GLU A 385 35.48 15.51 7.15
CA GLU A 385 34.99 14.94 8.42
C GLU A 385 34.10 13.73 8.03
N TYR A 386 34.61 12.51 8.20
CA TYR A 386 33.88 11.29 7.88
C TYR A 386 32.62 11.12 8.73
N GLY A 387 31.56 10.58 8.13
CA GLY A 387 30.30 10.29 8.80
C GLY A 387 30.19 8.81 9.13
N LEU A 388 28.99 8.38 9.53
CA LEU A 388 28.71 6.98 9.89
C LEU A 388 28.95 6.00 8.74
N PHE A 389 28.51 6.37 7.54
CA PHE A 389 28.63 5.48 6.39
C PHE A 389 29.82 5.78 5.48
N ASP A 390 30.13 4.84 4.56
CA ASP A 390 31.23 4.94 3.60
C ASP A 390 31.20 6.22 2.80
N LYS A 391 32.36 6.89 2.68
CA LYS A 391 32.51 8.14 1.94
C LYS A 391 32.10 7.90 0.49
N GLY A 392 31.20 8.75 -0.01
CA GLY A 392 30.68 8.66 -1.37
C GLY A 392 29.63 7.60 -1.63
N SER A 393 29.13 6.90 -0.58
CA SER A 393 28.18 5.81 -0.78
C SER A 393 26.71 6.18 -0.62
N PHE A 394 26.42 7.38 -0.12
CA PHE A 394 25.03 7.76 0.06
C PHE A 394 24.36 8.14 -1.27
N PHE A 395 23.35 7.35 -1.66
CA PHE A 395 22.56 7.53 -2.86
C PHE A 395 21.15 7.93 -2.42
N GLU A 396 20.89 9.24 -2.32
CA GLU A 396 19.61 9.75 -1.86
C GLU A 396 18.50 9.55 -2.90
N THR A 397 17.28 9.19 -2.45
CA THR A 397 16.12 9.01 -3.34
C THR A 397 14.93 9.72 -2.73
N LEU A 398 13.88 9.99 -3.55
CA LEU A 398 12.67 10.72 -3.15
C LEU A 398 13.10 12.07 -2.59
N SER A 399 14.16 12.62 -3.19
CA SER A 399 14.82 13.86 -2.76
C SER A 399 14.04 15.10 -3.11
N GLY A 400 13.00 14.98 -3.93
CA GLY A 400 12.24 16.15 -4.32
C GLY A 400 10.96 16.31 -3.54
N TRP A 401 10.65 15.32 -2.72
CA TRP A 401 9.40 15.25 -1.96
C TRP A 401 9.64 15.03 -0.48
N ALA A 402 8.77 15.64 0.37
CA ALA A 402 8.73 15.47 1.82
C ALA A 402 10.15 15.47 2.43
N LYS A 403 10.82 16.63 2.26
CA LYS A 403 12.20 16.88 2.62
C LYS A 403 12.52 16.85 4.13
N GLY A 404 11.49 16.74 4.98
CA GLY A 404 11.65 16.56 6.42
C GLY A 404 12.31 15.25 6.78
N VAL A 405 12.19 14.24 5.89
CA VAL A 405 12.84 12.93 6.06
C VAL A 405 13.83 12.73 4.92
N VAL A 406 14.96 12.09 5.21
CA VAL A 406 16.03 11.91 4.23
C VAL A 406 16.17 10.40 4.03
N VAL A 407 15.92 9.93 2.81
CA VAL A 407 16.00 8.50 2.54
C VAL A 407 17.04 8.22 1.46
N GLY A 408 17.70 7.09 1.57
CA GLY A 408 18.68 6.70 0.58
C GLY A 408 19.31 5.36 0.84
N ARG A 409 20.16 4.94 -0.07
CA ARG A 409 20.96 3.71 0.07
C ARG A 409 22.34 4.21 0.48
N ALA A 410 23.06 3.42 1.28
CA ALA A 410 24.43 3.73 1.70
C ALA A 410 25.15 2.41 1.87
N ARG A 411 26.45 2.47 2.17
CA ARG A 411 27.26 1.31 2.47
C ARG A 411 27.93 1.55 3.82
N LEU A 412 28.07 0.48 4.61
CA LEU A 412 28.68 0.51 5.93
C LEU A 412 29.78 -0.53 5.85
N GLY A 413 31.02 -0.06 5.68
CA GLY A 413 32.17 -0.95 5.48
C GLY A 413 31.99 -1.84 4.25
N GLY A 414 31.22 -1.35 3.28
CA GLY A 414 30.92 -2.12 2.08
C GLY A 414 29.58 -2.81 2.07
N ILE A 415 28.93 -2.96 3.25
CA ILE A 415 27.59 -3.60 3.38
C ILE A 415 26.52 -2.59 2.90
N PRO A 416 25.72 -2.90 1.86
CA PRO A 416 24.67 -1.95 1.47
C PRO A 416 23.45 -2.00 2.40
N LEU A 417 22.76 -0.86 2.51
CA LEU A 417 21.56 -0.78 3.35
C LEU A 417 20.76 0.44 3.02
N GLY A 418 19.49 0.39 3.41
CA GLY A 418 18.64 1.55 3.32
C GLY A 418 18.83 2.38 4.57
N VAL A 419 18.82 3.70 4.43
CA VAL A 419 19.01 4.64 5.51
C VAL A 419 17.88 5.65 5.50
N ILE A 420 17.33 5.91 6.70
CA ILE A 420 16.33 6.96 6.93
C ILE A 420 16.88 7.86 8.04
N GLY A 421 16.94 9.14 7.75
CA GLY A 421 17.39 10.16 8.70
C GLY A 421 16.38 11.29 8.77
N VAL A 422 16.51 12.12 9.79
CA VAL A 422 15.58 13.24 10.02
C VAL A 422 16.22 14.58 9.75
N GLU A 423 15.62 15.35 8.83
CA GLU A 423 16.05 16.70 8.51
C GLU A 423 15.58 17.58 9.67
N THR A 424 16.55 18.13 10.41
CA THR A 424 16.34 18.96 11.59
C THR A 424 15.94 20.39 11.24
N ARG A 425 16.32 20.85 10.05
CA ARG A 425 16.01 22.20 9.57
C ARG A 425 14.58 22.24 9.08
N THR A 426 13.96 23.42 9.18
CA THR A 426 12.61 23.68 8.72
C THR A 426 12.56 23.49 7.21
N VAL A 427 11.53 22.76 6.73
CA VAL A 427 11.37 22.52 5.31
C VAL A 427 10.19 23.31 4.80
N GLU A 428 10.31 23.84 3.61
CA GLU A 428 9.23 24.56 2.95
C GLU A 428 8.99 24.03 1.55
N ASN A 429 7.71 23.90 1.18
CA ASN A 429 7.32 23.43 -0.14
C ASN A 429 6.25 24.32 -0.73
N LEU A 430 6.31 24.51 -2.04
CA LEU A 430 5.39 25.34 -2.79
C LEU A 430 4.27 24.52 -3.40
N ILE A 431 3.05 24.80 -2.99
CA ILE A 431 1.90 24.16 -3.60
C ILE A 431 1.59 25.07 -4.80
N PRO A 432 1.61 24.53 -6.04
CA PRO A 432 1.38 25.40 -7.21
C PRO A 432 -0.05 25.89 -7.30
N ALA A 433 -0.25 26.99 -8.03
CA ALA A 433 -1.59 27.53 -8.27
C ALA A 433 -2.12 26.80 -9.51
N ASP A 434 -3.29 26.13 -9.42
CA ASP A 434 -3.85 25.41 -10.58
C ASP A 434 -4.48 26.39 -11.56
N PRO A 435 -4.00 26.44 -12.84
CA PRO A 435 -4.64 27.32 -13.84
C PRO A 435 -6.15 27.07 -14.04
N ALA A 436 -6.62 25.85 -13.72
CA ALA A 436 -8.03 25.46 -13.81
C ALA A 436 -8.93 26.25 -12.84
N ASN A 437 -8.40 26.59 -11.66
CA ASN A 437 -9.14 27.39 -10.66
C ASN A 437 -8.53 28.79 -10.56
N PRO A 438 -9.24 29.84 -11.08
CA PRO A 438 -8.70 31.20 -11.02
C PRO A 438 -8.61 31.74 -9.59
N ASN A 439 -9.53 31.28 -8.71
CA ASN A 439 -9.61 31.64 -7.29
C ASN A 439 -8.39 31.11 -6.52
N SER A 440 -7.73 30.05 -7.03
CA SER A 440 -6.56 29.42 -6.42
C SER A 440 -5.29 30.24 -6.66
N ALA A 441 -4.46 30.36 -5.60
CA ALA A 441 -3.17 31.05 -5.60
C ALA A 441 -2.11 30.07 -5.07
N GLU A 442 -0.80 30.35 -5.32
CA GLU A 442 0.27 29.48 -4.84
C GLU A 442 0.46 29.63 -3.33
N THR A 443 0.74 28.51 -2.64
CA THR A 443 0.87 28.47 -1.18
C THR A 443 2.23 27.93 -0.76
N LEU A 444 2.84 28.55 0.26
CA LEU A 444 4.09 28.06 0.81
C LEU A 444 3.82 27.44 2.19
N ILE A 445 4.12 26.14 2.34
CA ILE A 445 3.93 25.41 3.58
C ILE A 445 5.29 25.25 4.24
N GLN A 446 5.34 25.49 5.56
CA GLN A 446 6.53 25.37 6.36
C GLN A 446 6.31 24.27 7.38
N GLN A 447 7.26 23.34 7.44
CA GLN A 447 7.18 22.22 8.35
C GLN A 447 8.44 22.18 9.21
N ALA A 448 8.23 22.20 10.52
CA ALA A 448 9.28 22.16 11.53
C ALA A 448 9.99 20.82 11.46
N GLY A 449 11.29 20.84 11.73
CA GLY A 449 12.11 19.64 11.75
C GLY A 449 11.77 18.76 12.94
N GLN A 450 12.11 17.47 12.85
CA GLN A 450 11.91 16.46 13.89
C GLN A 450 10.45 16.23 14.26
N VAL A 451 9.54 16.53 13.33
CA VAL A 451 8.11 16.30 13.47
C VAL A 451 7.65 15.57 12.18
N TRP A 452 6.92 14.47 12.34
CA TRP A 452 6.35 13.76 11.18
C TRP A 452 5.06 14.43 10.79
N PHE A 453 4.95 14.80 9.53
CA PHE A 453 3.74 15.38 8.95
C PHE A 453 3.15 14.32 7.98
N PRO A 454 1.92 14.50 7.43
CA PRO A 454 1.39 13.48 6.51
C PRO A 454 2.36 13.04 5.40
N ASN A 455 3.01 14.01 4.71
CA ASN A 455 3.91 13.71 3.59
C ASN A 455 5.20 13.00 4.03
N SER A 456 5.81 13.43 5.14
CA SER A 456 7.04 12.78 5.61
C SER A 456 6.76 11.43 6.26
N ALA A 457 5.55 11.25 6.80
CA ALA A 457 5.16 9.95 7.37
C ALA A 457 4.96 8.96 6.18
N PHE A 458 4.30 9.45 5.11
CA PHE A 458 4.08 8.68 3.88
C PHE A 458 5.43 8.30 3.24
N LYS A 459 6.38 9.27 3.18
CA LYS A 459 7.71 9.02 2.62
C LYS A 459 8.48 7.94 3.40
N THR A 460 8.43 8.01 4.74
CA THR A 460 9.07 7.05 5.63
C THR A 460 8.52 5.66 5.36
N ALA A 461 7.19 5.52 5.35
CA ALA A 461 6.55 4.20 5.07
C ALA A 461 6.93 3.69 3.69
N GLN A 462 6.94 4.59 2.69
CA GLN A 462 7.30 4.27 1.33
C GLN A 462 8.71 3.73 1.27
N ALA A 463 9.65 4.45 1.92
CA ALA A 463 11.05 4.04 1.96
C ALA A 463 11.21 2.67 2.56
N ILE A 464 10.59 2.42 3.74
CA ILE A 464 10.64 1.08 4.40
C ILE A 464 10.19 -0.02 3.40
N ASN A 465 9.06 0.19 2.77
CA ASN A 465 8.51 -0.73 1.77
C ASN A 465 9.43 -0.95 0.55
N ASP A 466 10.03 0.14 0.01
CA ASP A 466 10.92 0.06 -1.15
C ASP A 466 12.28 -0.60 -0.82
N PHE A 467 12.76 -0.52 0.44
CA PHE A 467 14.01 -1.23 0.83
C PHE A 467 13.74 -2.72 0.99
N ASN A 468 12.54 -3.03 1.50
CA ASN A 468 12.11 -4.39 1.79
C ASN A 468 11.81 -5.21 0.54
N ASN A 469 10.85 -4.74 -0.26
CA ASN A 469 10.41 -5.40 -1.50
C ASN A 469 11.44 -5.23 -2.60
N GLY A 470 11.80 -6.33 -3.28
CA GLY A 470 12.75 -6.31 -4.39
C GLY A 470 14.19 -6.01 -4.05
N GLU A 471 14.45 -4.87 -3.40
CA GLU A 471 15.80 -4.51 -2.94
C GLU A 471 16.30 -5.50 -1.89
N GLN A 472 15.41 -6.00 -1.01
CA GLN A 472 15.72 -6.97 0.07
C GLN A 472 16.91 -6.54 0.92
N LEU A 473 16.92 -5.27 1.28
CA LEU A 473 18.03 -4.69 2.02
C LEU A 473 17.78 -4.63 3.51
N PRO A 474 18.87 -4.69 4.34
CA PRO A 474 18.69 -4.35 5.77
C PRO A 474 18.47 -2.83 5.85
N MET A 475 18.08 -2.32 7.01
CA MET A 475 17.82 -0.88 7.12
C MET A 475 18.31 -0.29 8.44
N MET A 476 18.71 1.00 8.40
CA MET A 476 19.00 1.75 9.60
C MET A 476 18.16 3.02 9.60
N ILE A 477 17.42 3.23 10.68
CA ILE A 477 16.66 4.44 10.88
C ILE A 477 17.36 5.20 12.02
N LEU A 478 17.84 6.41 11.70
CA LEU A 478 18.45 7.32 12.64
C LEU A 478 17.27 8.10 13.20
N ALA A 479 16.52 7.43 14.10
CA ALA A 479 15.28 7.93 14.71
C ALA A 479 15.47 9.23 15.49
N ASN A 480 14.82 10.30 15.03
CA ASN A 480 14.96 11.62 15.64
C ASN A 480 13.69 12.45 15.43
N TRP A 481 12.58 11.97 15.99
CA TRP A 481 11.29 12.63 15.89
C TRP A 481 10.70 12.91 17.29
N ARG A 482 10.17 14.12 17.46
CA ARG A 482 9.49 14.57 18.68
C ARG A 482 8.08 13.95 18.72
N GLY A 483 7.58 13.52 17.55
CA GLY A 483 6.28 12.91 17.38
C GLY A 483 5.67 13.24 16.03
N PHE A 484 4.35 13.07 15.93
CA PHE A 484 3.56 13.36 14.74
C PHE A 484 2.85 14.68 14.97
N SER A 485 2.68 15.50 13.94
CA SER A 485 1.98 16.78 14.06
C SER A 485 0.53 16.53 14.45
N GLY A 486 0.16 17.03 15.63
CA GLY A 486 -1.17 16.87 16.20
C GLY A 486 -2.07 18.06 16.00
N GLY A 487 -1.62 19.04 15.21
CA GLY A 487 -2.40 20.23 14.90
C GLY A 487 -3.58 19.93 13.98
N GLN A 488 -4.53 20.89 13.88
CA GLN A 488 -5.75 20.73 13.08
C GLN A 488 -5.53 20.35 11.62
N ARG A 489 -4.72 21.13 10.89
CA ARG A 489 -4.45 20.91 9.47
C ARG A 489 -3.94 19.51 9.19
N ASP A 490 -2.94 19.07 9.95
CA ASP A 490 -2.27 17.80 9.74
C ASP A 490 -3.12 16.62 10.16
N MET A 491 -3.94 16.79 11.23
CA MET A 491 -4.87 15.77 11.70
C MET A 491 -5.98 15.62 10.65
N PHE A 492 -6.49 16.76 10.12
CA PHE A 492 -7.50 16.78 9.07
C PHE A 492 -6.94 16.12 7.80
N ASN A 493 -5.63 16.34 7.53
CA ASN A 493 -4.91 15.78 6.38
C ASN A 493 -4.41 14.35 6.65
N GLU A 494 -5.02 13.68 7.62
CA GLU A 494 -4.92 12.25 7.89
C GLU A 494 -3.54 11.74 8.33
N VAL A 495 -2.81 12.53 9.14
CA VAL A 495 -1.49 12.11 9.62
C VAL A 495 -1.52 10.67 10.25
N LEU A 496 -2.64 10.30 10.90
CA LEU A 496 -2.85 9.00 11.55
C LEU A 496 -2.78 7.82 10.57
N LYS A 497 -3.29 8.03 9.36
CA LYS A 497 -3.30 7.01 8.31
C LYS A 497 -1.87 6.73 7.83
N TYR A 498 -1.12 7.80 7.57
CA TYR A 498 0.27 7.73 7.09
C TYR A 498 1.23 7.21 8.14
N GLY A 499 1.00 7.59 9.40
CA GLY A 499 1.75 7.08 10.54
C GLY A 499 1.53 5.59 10.69
N SER A 500 0.30 5.16 10.50
CA SER A 500 -0.06 3.74 10.59
C SER A 500 0.58 2.87 9.52
N PHE A 501 0.79 3.44 8.30
CA PHE A 501 1.50 2.77 7.20
C PHE A 501 2.90 2.37 7.61
N ILE A 502 3.54 3.18 8.48
CA ILE A 502 4.91 2.93 9.01
C ILE A 502 4.94 1.60 9.76
N VAL A 503 3.97 1.39 10.67
CA VAL A 503 3.82 0.15 11.46
C VAL A 503 3.69 -1.03 10.50
N ASP A 504 2.75 -0.91 9.52
CA ASP A 504 2.48 -1.92 8.50
C ASP A 504 3.74 -2.31 7.75
N ALA A 505 4.51 -1.29 7.33
CA ALA A 505 5.75 -1.46 6.57
C ALA A 505 6.80 -2.24 7.40
N LEU A 506 6.90 -1.91 8.71
CA LEU A 506 7.80 -2.56 9.67
C LEU A 506 7.38 -4.02 9.93
N VAL A 507 6.07 -4.27 10.14
CA VAL A 507 5.55 -5.62 10.35
C VAL A 507 5.97 -6.56 9.20
N ASP A 508 6.00 -6.03 7.96
CA ASP A 508 6.29 -6.78 6.76
C ASP A 508 7.78 -6.97 6.47
N TYR A 509 8.66 -6.17 7.13
CA TYR A 509 10.10 -6.16 6.88
C TYR A 509 10.74 -7.52 7.11
N LYS A 510 11.60 -7.94 6.19
CA LYS A 510 12.17 -9.30 6.24
C LYS A 510 13.70 -9.34 6.35
N GLN A 511 14.35 -8.19 6.56
CA GLN A 511 15.80 -8.11 6.71
C GLN A 511 16.13 -7.38 8.03
N PRO A 512 17.37 -7.53 8.56
CA PRO A 512 17.72 -6.81 9.81
C PRO A 512 17.41 -5.31 9.80
N ILE A 513 16.84 -4.82 10.89
CA ILE A 513 16.54 -3.41 11.09
C ILE A 513 17.30 -2.94 12.32
N ILE A 514 17.89 -1.76 12.22
CA ILE A 514 18.57 -1.08 13.32
C ILE A 514 17.88 0.26 13.51
N ILE A 515 17.31 0.49 14.69
CA ILE A 515 16.75 1.77 15.09
C ILE A 515 17.81 2.37 16.03
N TYR A 516 18.34 3.54 15.70
CA TYR A 516 19.38 4.18 16.49
C TYR A 516 19.00 5.61 16.73
N ILE A 517 18.75 5.96 17.99
CA ILE A 517 18.49 7.36 18.33
C ILE A 517 19.90 7.96 18.41
N PRO A 518 20.26 8.90 17.51
CA PRO A 518 21.65 9.38 17.47
C PRO A 518 21.97 10.50 18.47
N PRO A 519 23.25 10.96 18.60
CA PRO A 519 23.54 12.05 19.53
C PRO A 519 22.71 13.29 19.16
N THR A 520 22.17 13.97 20.18
CA THR A 520 21.25 15.13 20.09
C THR A 520 19.86 14.69 19.63
N GLY A 521 19.72 13.40 19.36
CA GLY A 521 18.46 12.85 18.89
C GLY A 521 17.51 12.54 20.01
N GLU A 522 16.25 12.38 19.64
CA GLU A 522 15.16 12.06 20.56
C GLU A 522 14.08 11.22 19.92
N LEU A 523 13.28 10.60 20.76
CA LEU A 523 12.11 9.83 20.39
C LEU A 523 11.14 10.07 21.53
N ARG A 524 9.92 10.51 21.23
CA ARG A 524 8.91 10.77 22.25
C ARG A 524 7.72 9.84 22.12
N GLY A 525 6.70 10.04 22.94
CA GLY A 525 5.48 9.24 22.98
C GLY A 525 4.91 8.82 21.63
N GLY A 526 4.64 9.79 20.76
CA GLY A 526 4.06 9.56 19.44
C GLY A 526 4.97 8.89 18.43
N SER A 527 6.26 9.23 18.46
CA SER A 527 7.23 8.68 17.52
C SER A 527 7.80 7.33 17.94
N TRP A 528 7.95 7.08 19.25
CA TRP A 528 8.50 5.81 19.71
C TRP A 528 7.54 4.65 19.32
N VAL A 529 6.22 4.87 19.47
CA VAL A 529 5.19 3.86 19.17
C VAL A 529 5.37 3.22 17.75
N VAL A 530 5.73 4.03 16.73
CA VAL A 530 5.79 3.48 15.38
C VAL A 530 7.15 2.86 15.04
N VAL A 531 8.17 2.94 15.93
CA VAL A 531 9.49 2.35 15.62
C VAL A 531 9.98 1.33 16.63
N ASP A 532 9.19 1.03 17.68
CA ASP A 532 9.61 0.06 18.70
C ASP A 532 9.91 -1.31 18.11
N PRO A 533 11.01 -1.96 18.54
CA PRO A 533 11.33 -3.28 17.98
C PRO A 533 10.33 -4.40 18.28
N THR A 534 9.35 -4.20 19.19
CA THR A 534 8.34 -5.25 19.45
C THR A 534 7.32 -5.35 18.30
N ILE A 535 7.32 -4.34 17.38
CA ILE A 535 6.48 -4.33 16.16
C ILE A 535 6.93 -5.52 15.30
N ASN A 536 8.27 -5.76 15.20
CA ASN A 536 8.83 -6.87 14.43
C ASN A 536 10.10 -7.35 15.13
N ALA A 537 9.90 -8.13 16.20
CA ALA A 537 10.96 -8.64 17.06
C ALA A 537 11.92 -9.59 16.34
N ASP A 538 11.48 -10.22 15.26
CA ASP A 538 12.35 -11.10 14.48
C ASP A 538 13.46 -10.33 13.76
N GLN A 539 13.22 -9.05 13.42
CA GLN A 539 14.17 -8.29 12.62
C GLN A 539 14.67 -7.01 13.24
N MET A 540 13.87 -6.40 14.14
CA MET A 540 14.21 -5.10 14.71
C MET A 540 15.04 -5.16 16.01
N GLU A 541 15.87 -4.11 16.19
CA GLU A 541 16.74 -3.83 17.34
C GLU A 541 16.83 -2.35 17.52
N MET A 542 16.79 -1.91 18.75
CA MET A 542 16.96 -0.49 19.05
C MET A 542 18.21 -0.24 19.87
N TYR A 543 18.85 0.90 19.60
CA TYR A 543 20.03 1.40 20.28
C TYR A 543 19.79 2.86 20.49
N ALA A 544 20.41 3.44 21.50
CA ALA A 544 20.31 4.87 21.76
C ALA A 544 21.67 5.38 22.07
N ASP A 545 21.99 6.53 21.51
CA ASP A 545 23.26 7.15 21.80
C ASP A 545 23.26 7.61 23.25
N VAL A 546 24.45 7.61 23.84
CA VAL A 546 24.77 8.09 25.18
C VAL A 546 24.27 9.56 25.31
N ASN A 547 24.25 10.36 24.19
CA ASN A 547 23.70 11.72 24.20
C ASN A 547 22.28 11.80 23.52
N ALA A 548 21.53 10.68 23.56
CA ALA A 548 20.15 10.64 23.04
C ALA A 548 19.14 10.86 24.18
N ARG A 549 17.88 11.12 23.83
CA ARG A 549 16.82 11.30 24.81
C ARG A 549 15.56 10.56 24.38
N ALA A 550 14.82 10.05 25.36
CA ALA A 550 13.54 9.40 25.16
C ALA A 550 12.71 9.37 26.43
N GLY A 551 11.45 9.71 26.25
CA GLY A 551 10.42 9.72 27.27
C GLY A 551 9.09 9.92 26.58
N VAL A 552 8.00 9.76 27.32
CA VAL A 552 6.65 9.95 26.79
C VAL A 552 6.50 11.40 26.33
N LEU A 553 6.84 12.32 27.22
CA LEU A 553 6.78 13.76 26.98
C LEU A 553 8.19 14.32 27.03
N GLU A 554 8.35 15.54 26.53
CA GLU A 554 9.58 16.30 26.63
C GLU A 554 9.70 16.81 28.09
N PRO A 555 10.91 17.17 28.63
CA PRO A 555 11.00 17.62 30.03
C PRO A 555 9.99 18.70 30.44
N GLU A 556 9.76 19.71 29.56
CA GLU A 556 8.81 20.80 29.77
CA GLU A 556 8.82 20.80 29.76
C GLU A 556 7.42 20.25 30.08
N GLY A 557 7.03 19.19 29.35
CA GLY A 557 5.76 18.52 29.55
C GLY A 557 5.74 17.62 30.77
N THR A 558 6.82 16.84 30.98
CA THR A 558 6.81 15.93 32.12
C THR A 558 6.92 16.75 33.46
N VAL A 559 7.43 18.01 33.44
CA VAL A 559 7.45 18.84 34.66
C VAL A 559 6.07 19.44 34.88
N GLU A 560 5.39 19.90 33.79
CA GLU A 560 4.04 20.49 33.83
C GLU A 560 2.99 19.53 34.43
N ILE A 561 3.16 18.22 34.25
CA ILE A 561 2.22 17.22 34.71
C ILE A 561 2.65 16.55 36.02
N LYS A 562 3.96 16.27 36.16
CA LYS A 562 4.45 15.53 37.33
C LYS A 562 5.40 16.29 38.29
N PHE A 563 5.77 17.55 38.00
CA PHE A 563 6.62 18.34 38.92
C PHE A 563 6.03 19.75 39.03
N ARG A 564 4.83 19.82 39.61
CA ARG A 564 4.08 21.06 39.76
C ARG A 564 4.52 21.91 40.99
N ARG A 565 3.88 23.11 41.17
CA ARG A 565 4.13 24.09 42.24
C ARG A 565 4.35 23.46 43.64
N GLU A 566 3.44 22.56 44.08
CA GLU A 566 3.51 21.84 45.36
C GLU A 566 4.87 21.13 45.55
N LYS A 567 5.37 20.45 44.50
CA LYS A 567 6.64 19.73 44.51
C LYS A 567 7.81 20.70 44.48
N LEU A 568 7.68 21.75 43.67
CA LEU A 568 8.70 22.77 43.47
C LEU A 568 9.00 23.48 44.78
N LEU A 569 7.91 23.90 45.49
CA LEU A 569 7.97 24.58 46.78
C LEU A 569 8.52 23.68 47.86
N ASP A 570 8.10 22.40 47.91
CA ASP A 570 8.64 21.42 48.86
C ASP A 570 10.15 21.22 48.67
N THR A 571 10.66 21.48 47.43
CA THR A 571 12.07 21.40 47.03
C THR A 571 12.81 22.67 47.53
N MET A 572 12.15 23.84 47.38
CA MET A 572 12.68 25.13 47.86
C MET A 572 12.83 25.10 49.39
N ASN A 573 11.91 24.40 50.09
CA ASN A 573 11.93 24.20 51.52
C ASN A 573 13.11 23.27 51.89
N ARG A 574 13.35 22.19 51.11
CA ARG A 574 14.44 21.25 51.40
C ARG A 574 15.82 21.82 51.14
N LEU A 575 15.98 22.55 50.01
CA LEU A 575 17.26 22.99 49.45
C LEU A 575 17.61 24.48 49.62
N ASP A 576 16.64 25.32 49.99
CA ASP A 576 16.92 26.75 50.19
C ASP A 576 16.83 27.16 51.66
N ASP A 577 17.96 27.68 52.21
CA ASP A 577 18.09 28.15 53.59
C ASP A 577 17.06 29.21 53.95
N LYS A 578 16.99 30.30 53.12
CA LYS A 578 16.03 31.40 53.28
C LYS A 578 14.56 30.93 53.27
N TYR A 579 14.17 30.09 52.27
CA TYR A 579 12.82 29.53 52.13
C TYR A 579 12.43 28.62 53.31
N ARG A 580 13.38 27.77 53.76
CA ARG A 580 13.22 26.84 54.88
C ARG A 580 13.07 27.60 56.20
N GLU A 581 13.93 28.64 56.43
CA GLU A 581 13.92 29.50 57.63
C GLU A 581 12.55 30.19 57.77
N LEU A 582 12.03 30.69 56.64
CA LEU A 582 10.73 31.34 56.54
C LEU A 582 9.55 30.36 56.68
N ARG A 583 9.75 29.06 56.34
CA ARG A 583 8.74 28.01 56.47
C ARG A 583 9.15 27.04 57.59
N GLN A 602 6.77 37.66 52.14
CA GLN A 602 8.21 37.39 52.14
C GLN A 602 8.56 36.03 51.50
N LEU A 603 7.80 34.95 51.86
CA LEU A 603 7.97 33.59 51.32
C LEU A 603 7.62 33.59 49.83
N ALA A 604 6.57 34.35 49.44
CA ALA A 604 6.15 34.51 48.04
C ALA A 604 7.21 35.29 47.23
N ASP A 605 7.88 36.28 47.87
CA ASP A 605 8.94 37.08 47.23
C ASP A 605 10.17 36.23 46.94
N ARG A 606 10.57 35.37 47.90
CA ARG A 606 11.70 34.46 47.75
C ARG A 606 11.39 33.40 46.69
N GLU A 607 10.14 32.90 46.66
CA GLU A 607 9.64 31.93 45.67
C GLU A 607 9.80 32.50 44.25
N ARG A 608 9.44 33.78 44.06
CA ARG A 608 9.56 34.53 42.80
C ARG A 608 11.02 34.60 42.36
N GLU A 609 11.94 34.86 43.32
CA GLU A 609 13.39 34.94 43.08
C GLU A 609 13.94 33.60 42.57
N LEU A 610 13.48 32.47 43.16
CA LEU A 610 13.94 31.10 42.89
C LEU A 610 13.27 30.36 41.74
N LEU A 611 12.07 30.80 41.31
CA LEU A 611 11.30 30.20 40.22
C LEU A 611 12.13 29.93 38.94
N PRO A 612 12.93 30.88 38.38
CA PRO A 612 13.72 30.53 37.18
C PRO A 612 14.73 29.39 37.36
N ILE A 613 15.57 29.41 38.42
CA ILE A 613 16.60 28.39 38.62
C ILE A 613 15.99 27.04 39.09
N TYR A 614 14.93 27.06 39.93
CA TYR A 614 14.28 25.82 40.39
C TYR A 614 13.51 25.16 39.22
N GLY A 615 13.06 26.00 38.28
CA GLY A 615 12.43 25.59 37.02
C GLY A 615 13.44 24.80 36.22
N GLN A 616 14.69 25.31 36.13
CA GLN A 616 15.81 24.63 35.46
C GLN A 616 16.15 23.31 36.14
N ILE A 617 16.09 23.26 37.48
CA ILE A 617 16.41 22.08 38.28
C ILE A 617 15.36 20.98 38.07
N SER A 618 14.05 21.34 38.07
CA SER A 618 12.96 20.37 37.85
C SER A 618 13.10 19.75 36.43
N LEU A 619 13.40 20.62 35.43
CA LEU A 619 13.67 20.26 34.03
C LEU A 619 14.81 19.25 33.95
N GLN A 620 15.87 19.45 34.78
CA GLN A 620 17.02 18.56 34.85
C GLN A 620 16.63 17.27 35.48
N PHE A 621 15.84 17.35 36.57
CA PHE A 621 15.37 16.17 37.28
C PHE A 621 14.58 15.29 36.29
N ALA A 622 13.70 15.92 35.48
CA ALA A 622 12.91 15.24 34.44
C ALA A 622 13.85 14.64 33.37
N ASP A 623 14.76 15.49 32.81
CA ASP A 623 15.73 15.08 31.80
C ASP A 623 16.63 13.91 32.21
N LEU A 624 16.91 13.74 33.53
CA LEU A 624 17.74 12.64 34.02
C LEU A 624 17.06 11.27 33.92
N HIS A 625 15.71 11.27 33.71
CA HIS A 625 14.95 10.03 33.53
C HIS A 625 15.01 9.57 32.07
N ASP A 626 15.18 10.53 31.15
CA ASP A 626 15.15 10.39 29.71
C ASP A 626 16.44 9.90 29.06
N ARG A 627 17.31 9.26 29.82
CA ARG A 627 18.63 8.85 29.35
C ARG A 627 18.70 7.42 28.83
N SER A 628 19.72 7.16 27.99
CA SER A 628 19.98 5.85 27.42
C SER A 628 20.20 4.78 28.50
N SER A 629 20.74 5.20 29.68
CA SER A 629 20.98 4.31 30.84
C SER A 629 19.67 3.82 31.43
N ARG A 630 18.63 4.70 31.52
CA ARG A 630 17.32 4.21 31.97
C ARG A 630 16.77 3.23 30.91
N MET A 631 16.95 3.57 29.60
CA MET A 631 16.48 2.72 28.49
C MET A 631 17.09 1.32 28.59
N VAL A 632 18.41 1.23 28.85
CA VAL A 632 19.13 -0.04 29.03
C VAL A 632 18.58 -0.76 30.26
N ALA A 633 18.42 -0.03 31.39
CA ALA A 633 17.94 -0.63 32.65
C ALA A 633 16.54 -1.21 32.50
N LYS A 634 15.69 -0.55 31.70
CA LYS A 634 14.31 -0.97 31.46
C LYS A 634 14.19 -2.08 30.41
N GLY A 635 15.30 -2.41 29.73
CA GLY A 635 15.34 -3.45 28.71
C GLY A 635 14.62 -3.13 27.41
N VAL A 636 14.49 -1.82 27.08
CA VAL A 636 13.81 -1.34 25.86
C VAL A 636 14.80 -1.15 24.67
N ILE A 637 16.12 -1.07 24.94
CA ILE A 637 17.16 -0.96 23.90
C ILE A 637 18.15 -2.09 24.14
N SER A 638 18.88 -2.51 23.10
CA SER A 638 19.88 -3.57 23.22
C SER A 638 21.17 -3.04 23.88
N LYS A 639 21.64 -1.82 23.50
CA LYS A 639 22.83 -1.18 24.05
C LYS A 639 22.74 0.32 23.95
N GLU A 640 23.46 1.03 24.83
CA GLU A 640 23.65 2.48 24.69
C GLU A 640 24.98 2.63 23.94
N LEU A 641 25.07 3.60 23.05
CA LEU A 641 26.28 3.67 22.25
C LEU A 641 26.91 5.03 22.24
N GLU A 642 28.19 5.07 21.88
CA GLU A 642 28.95 6.29 21.66
C GLU A 642 29.05 6.46 20.15
N TRP A 643 28.53 7.59 19.67
CA TRP A 643 28.51 7.99 18.27
C TRP A 643 29.82 7.78 17.53
N THR A 644 30.96 8.19 18.11
CA THR A 644 32.25 8.07 17.43
C THR A 644 32.61 6.62 17.18
N GLU A 645 32.12 5.71 18.01
CA GLU A 645 32.39 4.27 17.90
C GLU A 645 31.27 3.49 17.16
N ALA A 646 30.14 4.18 16.79
CA ALA A 646 28.95 3.57 16.14
C ALA A 646 29.26 2.86 14.82
N ARG A 647 30.14 3.40 13.99
CA ARG A 647 30.53 2.77 12.71
C ARG A 647 31.15 1.41 12.96
N ARG A 648 32.11 1.33 13.88
CA ARG A 648 32.80 0.09 14.22
C ARG A 648 31.82 -0.89 14.83
N PHE A 649 30.93 -0.39 15.73
CA PHE A 649 29.94 -1.24 16.36
C PHE A 649 28.91 -1.81 15.34
N PHE A 650 28.28 -0.92 14.55
CA PHE A 650 27.25 -1.32 13.58
C PHE A 650 27.75 -2.14 12.45
N PHE A 651 28.98 -1.92 12.01
CA PHE A 651 29.55 -2.74 10.95
C PHE A 651 29.54 -4.21 11.34
N TRP A 652 30.07 -4.53 12.53
CA TRP A 652 30.16 -5.92 12.99
C TRP A 652 28.82 -6.45 13.46
N ARG A 653 27.98 -5.59 14.04
CA ARG A 653 26.63 -6.02 14.41
C ARG A 653 25.85 -6.44 13.13
N LEU A 654 25.84 -5.56 12.09
CA LEU A 654 25.15 -5.85 10.84
C LEU A 654 25.72 -7.05 10.11
N ARG A 655 27.05 -7.17 10.07
CA ARG A 655 27.73 -8.30 9.41
C ARG A 655 27.33 -9.61 10.06
N ARG A 656 27.25 -9.60 11.40
CA ARG A 656 26.88 -10.71 12.25
C ARG A 656 25.41 -11.05 12.01
N ARG A 657 24.53 -10.03 12.14
CA ARG A 657 23.08 -10.20 11.96
C ARG A 657 22.75 -10.78 10.58
N LEU A 658 23.43 -10.31 9.50
CA LEU A 658 23.19 -10.82 8.15
C LEU A 658 23.63 -12.26 8.00
N ASN A 659 24.81 -12.59 8.56
CA ASN A 659 25.38 -13.94 8.53
C ASN A 659 24.47 -14.97 9.22
N GLU A 660 23.89 -14.59 10.37
CA GLU A 660 22.93 -15.45 11.08
C GLU A 660 21.63 -15.59 10.22
N GLU A 661 21.04 -14.46 9.76
CA GLU A 661 19.84 -14.44 8.92
C GLU A 661 19.97 -15.42 7.75
N TYR A 662 21.13 -15.37 7.05
CA TYR A 662 21.43 -16.23 5.90
C TYR A 662 21.41 -17.69 6.30
N LEU A 663 21.92 -18.01 7.51
CA LEU A 663 21.91 -19.37 8.04
C LEU A 663 20.48 -19.80 8.34
N ILE A 664 19.67 -18.93 8.98
CA ILE A 664 18.25 -19.17 9.27
C ILE A 664 17.52 -19.53 7.98
N LYS A 665 17.69 -18.72 6.90
CA LYS A 665 17.09 -18.94 5.57
C LYS A 665 17.49 -20.28 4.97
N ARG A 666 18.76 -20.70 5.19
CA ARG A 666 19.28 -21.97 4.71
C ARG A 666 18.68 -23.13 5.53
N LEU A 667 18.55 -22.93 6.86
CA LEU A 667 18.00 -23.88 7.84
C LEU A 667 16.48 -24.09 7.64
N SER A 668 15.84 -23.20 6.84
CA SER A 668 14.42 -23.28 6.50
C SER A 668 14.19 -24.44 5.51
N HIS A 669 15.30 -25.03 5.01
CA HIS A 669 15.31 -26.18 4.10
C HIS A 669 15.72 -27.43 4.89
N ALA A 674 9.77 -26.02 12.18
CA ALA A 674 10.79 -25.33 13.01
C ALA A 674 10.58 -23.82 13.07
N SER A 675 10.49 -23.28 14.30
CA SER A 675 10.31 -21.85 14.49
C SER A 675 11.67 -21.14 14.39
N ARG A 676 11.64 -19.82 14.12
CA ARG A 676 12.83 -18.96 14.04
C ARG A 676 13.58 -19.00 15.38
N LEU A 677 12.81 -18.91 16.50
CA LEU A 677 13.30 -18.96 17.88
C LEU A 677 14.10 -20.25 18.11
N GLU A 678 13.66 -21.37 17.51
CA GLU A 678 14.31 -22.68 17.58
C GLU A 678 15.57 -22.67 16.71
N LYS A 679 15.46 -22.12 15.48
CA LYS A 679 16.55 -22.02 14.49
C LYS A 679 17.73 -21.17 14.99
N ILE A 680 17.45 -20.01 15.64
CA ILE A 680 18.47 -19.12 16.21
C ILE A 680 19.16 -19.77 17.41
N ALA A 681 18.39 -20.52 18.24
CA ALA A 681 18.91 -21.27 19.39
C ALA A 681 19.78 -22.44 18.88
N ARG A 682 19.37 -23.07 17.75
CA ARG A 682 20.11 -24.14 17.11
C ARG A 682 21.44 -23.61 16.58
N ILE A 683 21.41 -22.52 15.77
CA ILE A 683 22.60 -21.90 15.16
C ILE A 683 23.62 -21.45 16.21
N ARG A 684 23.18 -20.63 17.18
CA ARG A 684 24.01 -20.08 18.24
C ARG A 684 24.65 -21.15 19.16
N SER A 685 24.07 -22.37 19.17
CA SER A 685 24.61 -23.49 19.94
C SER A 685 25.85 -24.12 19.25
N TRP A 686 25.86 -24.19 17.89
CA TRP A 686 26.94 -24.78 17.08
C TRP A 686 28.28 -24.06 17.20
N TYR A 687 28.26 -22.89 17.85
CA TYR A 687 29.46 -22.07 17.97
C TYR A 687 30.46 -22.70 18.95
N PRO A 688 31.78 -22.70 18.63
CA PRO A 688 32.77 -23.22 19.57
C PRO A 688 32.64 -22.52 20.92
N ALA A 689 32.83 -23.28 22.01
CA ALA A 689 32.75 -22.78 23.38
C ALA A 689 33.55 -21.48 23.65
N SER A 690 34.70 -21.30 22.97
CA SER A 690 35.54 -20.12 23.13
C SER A 690 34.93 -18.86 22.48
N VAL A 691 33.98 -19.06 21.54
CA VAL A 691 33.29 -17.97 20.87
C VAL A 691 32.31 -17.30 21.83
N ASP A 692 32.51 -16.00 22.09
CA ASP A 692 31.63 -15.22 22.94
C ASP A 692 30.44 -14.80 22.06
N HIS A 693 29.24 -15.34 22.35
CA HIS A 693 28.00 -15.03 21.64
C HIS A 693 27.80 -13.53 21.45
N GLU A 694 28.13 -12.74 22.50
CA GLU A 694 27.98 -11.28 22.54
C GLU A 694 28.98 -10.54 21.65
N ASP A 695 30.03 -11.24 21.20
CA ASP A 695 31.08 -10.66 20.36
C ASP A 695 30.70 -10.80 18.88
N ASP A 696 30.12 -9.70 18.32
CA ASP A 696 29.66 -9.64 16.93
C ASP A 696 30.74 -10.02 15.94
N ARG A 697 31.95 -9.44 16.09
CA ARG A 697 33.08 -9.70 15.21
C ARG A 697 33.48 -11.15 15.20
N GLN A 698 33.54 -11.73 16.37
CA GLN A 698 33.97 -13.11 16.53
C GLN A 698 32.92 -14.07 15.94
N VAL A 699 31.61 -13.80 16.20
CA VAL A 699 30.47 -14.58 15.67
C VAL A 699 30.46 -14.49 14.12
N ALA A 700 30.52 -13.24 13.56
CA ALA A 700 30.52 -12.99 12.10
C ALA A 700 31.69 -13.67 11.40
N THR A 701 32.90 -13.64 12.03
CA THR A 701 34.13 -14.25 11.53
C THR A 701 34.01 -15.77 11.50
N TRP A 702 33.54 -16.37 12.60
CA TRP A 702 33.39 -17.83 12.65
C TRP A 702 32.46 -18.36 11.57
N ILE A 703 31.27 -17.70 11.35
CA ILE A 703 30.25 -18.07 10.34
C ILE A 703 30.84 -18.06 8.93
N GLU A 704 31.56 -16.99 8.57
CA GLU A 704 32.17 -16.85 7.25
C GLU A 704 33.30 -17.84 6.98
N GLU A 705 34.02 -18.22 8.05
CA GLU A 705 35.11 -19.19 7.98
C GLU A 705 34.58 -20.60 7.92
N ASN A 706 33.43 -20.86 8.55
CA ASN A 706 32.80 -22.17 8.61
C ASN A 706 31.57 -22.25 7.67
N TYR A 707 31.52 -21.40 6.61
CA TYR A 707 30.39 -21.39 5.67
C TYR A 707 30.33 -22.65 4.81
N LYS A 708 31.42 -22.95 4.04
CA LYS A 708 31.50 -24.15 3.20
C LYS A 708 31.28 -25.43 4.05
N THR A 709 31.83 -25.47 5.29
CA THR A 709 31.65 -26.57 6.22
C THR A 709 30.19 -26.65 6.66
N LEU A 710 29.54 -25.49 6.98
CA LEU A 710 28.13 -25.46 7.37
C LEU A 710 27.18 -25.73 6.21
N ASP A 711 27.65 -25.53 4.96
CA ASP A 711 26.93 -25.84 3.74
C ASP A 711 26.91 -27.37 3.65
N ASP A 712 28.07 -28.03 3.93
CA ASP A 712 28.20 -29.49 3.94
C ASP A 712 27.43 -30.14 5.07
N LYS A 713 27.68 -29.66 6.33
CA LYS A 713 27.10 -30.19 7.58
C LYS A 713 25.60 -30.27 7.58
N LEU A 714 24.92 -29.32 6.89
CA LEU A 714 23.47 -29.32 6.82
C LEU A 714 22.95 -30.13 5.62
N LYS A 715 23.66 -30.13 4.46
CA LYS A 715 23.25 -30.97 3.32
C LYS A 715 23.34 -32.47 3.69
N GLY A 716 24.35 -32.81 4.51
CA GLY A 716 24.61 -34.16 5.00
C GLY A 716 23.67 -34.62 6.11
N LEU A 717 22.71 -33.75 6.49
CA LEU A 717 21.68 -34.04 7.49
C LEU A 717 20.30 -34.03 6.83
N LYS A 718 20.19 -33.41 5.64
CA LYS A 718 18.98 -33.41 4.82
C LYS A 718 18.90 -34.78 4.15
N LEU A 719 20.08 -35.30 3.77
CA LEU A 719 20.28 -36.61 3.15
C LEU A 719 20.07 -37.72 4.18
N GLU A 720 20.54 -37.52 5.45
CA GLU A 720 20.40 -38.46 6.58
C GLU A 720 18.92 -38.63 6.98
N SER A 721 18.13 -37.56 6.75
CA SER A 721 16.68 -37.53 6.99
C SER A 721 15.96 -38.22 5.83
N PHE A 722 16.38 -37.92 4.58
CA PHE A 722 15.83 -38.51 3.35
C PHE A 722 16.13 -40.01 3.28
N ALA A 723 17.25 -40.45 3.91
CA ALA A 723 17.64 -41.85 4.00
C ALA A 723 16.70 -42.55 4.97
N GLN A 724 16.44 -41.92 6.15
CA GLN A 724 15.53 -42.43 7.17
C GLN A 724 14.06 -42.33 6.70
N ASP A 725 13.78 -41.49 5.68
CA ASP A 725 12.44 -41.30 5.08
C ASP A 725 12.03 -42.55 4.31
N LEU A 726 12.88 -43.01 3.38
CA LEU A 726 12.65 -44.20 2.56
C LEU A 726 12.81 -45.46 3.40
N ALA A 727 13.72 -45.47 4.39
CA ALA A 727 13.94 -46.60 5.32
C ALA A 727 12.70 -46.87 6.19
N LYS A 728 11.75 -45.90 6.22
CA LYS A 728 10.48 -45.99 6.91
C LYS A 728 9.47 -46.58 5.92
N LYS A 729 9.31 -45.93 4.75
CA LYS A 729 8.41 -46.30 3.65
C LYS A 729 8.60 -47.75 3.18
N ILE A 730 9.88 -48.17 3.04
CA ILE A 730 10.26 -49.52 2.62
C ILE A 730 9.97 -50.54 3.74
N ARG A 731 10.36 -50.24 5.01
CA ARG A 731 10.13 -51.16 6.14
C ARG A 731 8.65 -51.31 6.52
N SER A 732 7.79 -50.37 6.07
CA SER A 732 6.35 -50.39 6.32
C SER A 732 5.61 -51.06 5.15
N ASP A 733 5.94 -50.63 3.91
CA ASP A 733 5.32 -51.14 2.69
C ASP A 733 6.38 -51.64 1.68
N HIS A 734 7.05 -52.77 2.01
CA HIS A 734 8.13 -53.42 1.25
C HIS A 734 7.91 -53.47 -0.27
N ASP A 735 7.10 -54.43 -0.74
CA ASP A 735 6.79 -54.69 -2.15
C ASP A 735 6.08 -53.53 -2.85
N ASN A 736 5.32 -52.72 -2.10
CA ASN A 736 4.60 -51.56 -2.64
C ASN A 736 5.55 -50.41 -2.92
N ALA A 737 6.56 -50.20 -2.05
CA ALA A 737 7.58 -49.15 -2.22
C ALA A 737 8.57 -49.53 -3.31
N ILE A 738 9.00 -50.82 -3.32
CA ILE A 738 9.94 -51.37 -4.32
C ILE A 738 9.40 -51.17 -5.73
N ASP A 739 8.06 -51.36 -5.91
CA ASP A 739 7.35 -51.15 -7.18
C ASP A 739 7.33 -49.66 -7.56
N GLY A 740 7.30 -48.79 -6.55
CA GLY A 740 7.33 -47.33 -6.69
C GLY A 740 8.68 -46.87 -7.19
N LEU A 741 9.76 -47.43 -6.60
CA LEU A 741 11.16 -47.19 -6.98
C LEU A 741 11.32 -47.56 -8.46
N SER A 742 10.80 -48.76 -8.83
CA SER A 742 10.80 -49.32 -10.18
C SER A 742 10.18 -48.37 -11.21
N GLU A 743 9.08 -47.67 -10.85
CA GLU A 743 8.40 -46.73 -11.73
C GLU A 743 9.22 -45.46 -11.99
N VAL A 744 9.88 -44.90 -10.95
CA VAL A 744 10.70 -43.70 -11.09
C VAL A 744 12.08 -43.99 -11.69
N THR A 750 17.27 -41.13 -17.89
CA THR A 750 18.30 -41.45 -18.85
C THR A 750 19.71 -41.29 -18.21
N ASP A 751 20.18 -40.03 -18.07
CA ASP A 751 21.44 -39.65 -17.43
C ASP A 751 21.41 -39.97 -15.93
N ASP A 752 20.21 -39.89 -15.31
CA ASP A 752 20.00 -40.20 -13.90
C ASP A 752 20.10 -41.71 -13.66
N LYS A 753 19.59 -42.52 -14.62
CA LYS A 753 19.62 -43.98 -14.58
C LYS A 753 21.06 -44.49 -14.60
N GLU A 754 21.91 -43.85 -15.43
CA GLU A 754 23.34 -44.18 -15.57
C GLU A 754 24.08 -44.01 -14.24
N LYS A 755 23.82 -42.89 -13.52
CA LYS A 755 24.42 -42.60 -12.21
C LYS A 755 24.00 -43.67 -11.20
N LEU A 756 22.71 -44.03 -11.20
CA LEU A 756 22.09 -45.03 -10.33
C LEU A 756 22.63 -46.44 -10.62
N LEU A 757 22.98 -46.70 -11.90
CA LEU A 757 23.58 -47.97 -12.35
C LEU A 757 25.00 -48.05 -11.79
N LYS A 758 25.80 -46.97 -11.97
CA LYS A 758 27.18 -46.84 -11.50
C LYS A 758 27.29 -47.10 -10.00
N THR A 759 26.33 -46.57 -9.21
CA THR A 759 26.27 -46.73 -7.75
C THR A 759 26.10 -48.22 -7.41
N LEU A 760 25.20 -48.93 -8.14
CA LEU A 760 24.96 -50.36 -7.95
C LEU A 760 26.18 -51.16 -8.33
N LYS A 761 26.84 -50.76 -9.45
CA LYS A 761 28.06 -51.38 -9.96
C LYS A 761 29.25 -51.11 -9.04
N LEU A 762 29.17 -50.02 -8.22
CA LEU A 762 30.16 -49.48 -7.26
C LEU A 762 31.29 -48.75 -7.98
N TRP B 20 -21.47 0.08 45.77
CA TRP B 20 -20.16 -0.57 45.76
C TRP B 20 -19.32 -0.13 44.56
N LEU B 21 -19.95 -0.12 43.36
CA LEU B 21 -19.34 0.31 42.10
C LEU B 21 -19.75 1.73 41.72
N GLN B 22 -20.73 2.30 42.45
CA GLN B 22 -21.24 3.67 42.30
C GLN B 22 -20.14 4.76 42.20
N PRO B 23 -19.02 4.74 43.00
CA PRO B 23 -18.01 5.80 42.82
C PRO B 23 -17.32 5.74 41.46
N LYS B 24 -16.82 4.53 41.07
CA LYS B 24 -16.18 4.33 39.77
C LYS B 24 -17.18 4.59 38.62
N ARG B 25 -18.44 4.15 38.77
CA ARG B 25 -19.50 4.37 37.78
C ARG B 25 -19.76 5.87 37.58
N TYR B 26 -19.75 6.66 38.67
CA TYR B 26 -19.95 8.09 38.59
C TYR B 26 -18.74 8.79 37.93
N LYS B 27 -17.51 8.31 38.25
CA LYS B 27 -16.24 8.84 37.71
C LYS B 27 -16.25 8.72 36.18
N ALA B 28 -16.63 7.53 35.66
CA ALA B 28 -16.78 7.29 34.23
C ALA B 28 -17.83 8.25 33.61
N HIS B 29 -19.01 8.40 34.26
CA HIS B 29 -20.09 9.28 33.80
C HIS B 29 -19.66 10.75 33.76
N LEU B 30 -18.83 11.15 34.71
CA LEU B 30 -18.24 12.49 34.80
C LEU B 30 -17.37 12.74 33.55
N MET B 31 -16.69 11.68 33.03
CA MET B 31 -15.85 11.72 31.81
C MET B 31 -16.68 11.76 30.52
N GLY B 32 -17.96 11.38 30.63
CA GLY B 32 -18.88 11.36 29.50
C GLY B 32 -18.90 10.01 28.81
N THR B 33 -18.50 8.93 29.50
CA THR B 33 -18.46 7.57 28.99
C THR B 33 -19.19 6.59 29.96
N THR B 34 -19.47 5.36 29.49
CA THR B 34 -20.08 4.26 30.24
C THR B 34 -19.00 3.58 31.09
N TYR B 35 -19.35 3.11 32.28
CA TYR B 35 -18.40 2.39 33.12
C TYR B 35 -18.15 1.02 32.45
N VAL B 36 -16.88 0.64 32.29
CA VAL B 36 -16.50 -0.57 31.55
C VAL B 36 -17.32 -1.80 31.83
N TYR B 37 -17.57 -2.09 33.11
CA TYR B 37 -18.31 -3.28 33.47
C TYR B 37 -19.80 -3.21 33.07
N ASP B 38 -20.27 -2.03 32.63
CA ASP B 38 -21.64 -1.84 32.13
C ASP B 38 -21.76 -1.97 30.60
N PHE B 39 -20.63 -2.15 29.86
CA PHE B 39 -20.65 -2.31 28.41
C PHE B 39 -21.25 -3.64 27.99
N PRO B 40 -20.97 -4.79 28.69
CA PRO B 40 -21.65 -6.05 28.31
C PRO B 40 -23.18 -5.92 28.25
N GLU B 41 -23.79 -5.13 29.16
CA GLU B 41 -25.24 -4.85 29.22
C GLU B 41 -25.70 -4.12 27.95
N LEU B 42 -24.89 -3.15 27.48
CA LEU B 42 -25.18 -2.38 26.26
C LEU B 42 -25.17 -3.31 25.03
N PHE B 43 -24.30 -4.34 25.06
CA PHE B 43 -24.24 -5.34 24.00
C PHE B 43 -25.50 -6.23 24.02
N ARG B 44 -25.96 -6.60 25.24
CA ARG B 44 -27.21 -7.36 25.48
C ARG B 44 -28.41 -6.58 24.89
N GLN B 45 -28.52 -5.28 25.19
CA GLN B 45 -29.59 -4.40 24.67
C GLN B 45 -29.61 -4.32 23.15
N ALA B 46 -28.43 -4.04 22.53
CA ALA B 46 -28.24 -3.95 21.09
C ALA B 46 -28.57 -5.29 20.38
N SER B 47 -28.19 -6.42 21.00
CA SER B 47 -28.45 -7.76 20.48
C SER B 47 -29.94 -8.09 20.58
N SER B 48 -30.58 -7.65 21.68
CA SER B 48 -32.02 -7.81 21.89
C SER B 48 -32.78 -7.00 20.80
N SER B 49 -32.37 -5.74 20.57
CA SER B 49 -32.96 -4.88 19.53
C SER B 49 -32.84 -5.47 18.13
N GLN B 50 -31.72 -6.20 17.85
CA GLN B 50 -31.45 -6.86 16.56
C GLN B 50 -32.58 -7.83 16.24
N TRP B 51 -32.94 -8.66 17.23
CA TRP B 51 -34.03 -9.64 17.15
C TRP B 51 -35.36 -8.98 16.92
N LYS B 52 -35.67 -7.87 17.66
CA LYS B 52 -36.93 -7.13 17.53
C LYS B 52 -37.13 -6.61 16.12
N ASN B 53 -36.07 -6.02 15.52
CA ASN B 53 -36.12 -5.47 14.16
C ASN B 53 -36.25 -6.58 13.12
N PHE B 54 -35.64 -7.75 13.41
CA PHE B 54 -35.68 -8.88 12.51
C PHE B 54 -37.04 -9.59 12.53
N SER B 55 -37.48 -10.02 13.74
CA SER B 55 -38.74 -10.74 13.98
C SER B 55 -39.30 -10.34 15.34
N ALA B 56 -40.20 -9.33 15.35
CA ALA B 56 -40.85 -8.79 16.55
C ALA B 56 -41.48 -9.84 17.49
N ASP B 57 -41.99 -10.94 16.90
CA ASP B 57 -42.64 -12.03 17.63
C ASP B 57 -41.67 -12.98 18.37
N VAL B 58 -40.36 -12.93 18.09
CA VAL B 58 -39.38 -13.82 18.75
C VAL B 58 -39.19 -13.43 20.23
N LYS B 59 -39.32 -14.43 21.13
CA LYS B 59 -39.18 -14.24 22.58
C LYS B 59 -37.79 -14.70 23.04
N LEU B 60 -37.07 -13.82 23.72
CA LEU B 60 -35.70 -14.12 24.12
C LEU B 60 -35.55 -14.53 25.56
N THR B 61 -34.74 -15.58 25.77
CA THR B 61 -34.34 -16.10 27.07
C THR B 61 -32.96 -15.49 27.39
N ASP B 62 -32.57 -15.50 28.67
CA ASP B 62 -31.29 -14.92 29.11
C ASP B 62 -30.06 -15.65 28.57
N ASP B 63 -30.22 -16.92 28.12
CA ASP B 63 -29.16 -17.74 27.53
C ASP B 63 -28.80 -17.27 26.10
N PHE B 64 -29.58 -16.33 25.51
CA PHE B 64 -29.34 -15.80 24.17
C PHE B 64 -28.02 -14.99 24.20
N PHE B 65 -27.71 -14.32 25.34
CA PHE B 65 -26.53 -13.48 25.52
C PHE B 65 -25.72 -13.90 26.75
N ILE B 66 -24.43 -14.14 26.55
CA ILE B 66 -23.51 -14.52 27.64
C ILE B 66 -22.23 -13.66 27.60
N SER B 67 -21.93 -12.98 28.70
CA SER B 67 -20.71 -12.21 28.86
C SER B 67 -19.89 -12.79 30.04
N ASN B 68 -18.62 -13.14 29.80
CA ASN B 68 -17.70 -13.64 30.82
C ASN B 68 -16.42 -12.82 30.73
N GLU B 69 -15.90 -12.40 31.87
CA GLU B 69 -14.68 -11.61 31.90
C GLU B 69 -13.50 -12.51 31.59
N LEU B 70 -12.49 -11.94 30.93
CA LEU B 70 -11.27 -12.68 30.64
C LEU B 70 -10.17 -12.12 31.53
N ILE B 71 -9.44 -13.01 32.19
CA ILE B 71 -8.31 -12.62 33.04
C ILE B 71 -7.19 -13.65 32.86
N GLU B 72 -5.94 -13.32 33.19
CA GLU B 72 -4.85 -14.29 33.06
C GLU B 72 -4.83 -15.17 34.30
N ASP B 73 -4.56 -16.46 34.10
CA ASP B 73 -4.48 -17.45 35.16
C ASP B 73 -3.08 -17.46 35.85
N GLU B 74 -2.72 -18.59 36.50
CA GLU B 74 -1.43 -18.82 37.18
C GLU B 74 -0.29 -18.84 36.13
N ASN B 75 -0.57 -19.46 34.97
CA ASN B 75 0.34 -19.62 33.83
C ASN B 75 0.36 -18.36 32.92
N GLY B 76 -0.43 -17.36 33.28
CA GLY B 76 -0.54 -16.10 32.53
C GLY B 76 -1.40 -16.22 31.29
N GLU B 77 -2.16 -17.32 31.19
CA GLU B 77 -3.05 -17.63 30.08
C GLU B 77 -4.45 -17.11 30.34
N LEU B 78 -5.08 -16.59 29.30
CA LEU B 78 -6.41 -16.02 29.42
C LEU B 78 -7.48 -17.06 29.71
N THR B 79 -8.30 -16.76 30.70
CA THR B 79 -9.36 -17.65 31.17
C THR B 79 -10.63 -16.86 31.48
N GLU B 80 -11.78 -17.48 31.20
CA GLU B 80 -13.09 -16.89 31.48
C GLU B 80 -13.39 -17.01 32.97
N VAL B 81 -13.94 -15.92 33.55
CA VAL B 81 -14.28 -15.84 34.96
C VAL B 81 -15.57 -15.06 35.20
N GLU B 82 -16.19 -15.34 36.35
CA GLU B 82 -17.33 -14.63 36.89
C GLU B 82 -16.80 -14.12 38.22
N ARG B 83 -16.71 -12.79 38.34
CA ARG B 83 -16.18 -12.15 39.53
C ARG B 83 -16.88 -10.85 39.76
N GLU B 84 -16.60 -10.27 40.91
CA GLU B 84 -17.16 -9.01 41.31
C GLU B 84 -16.60 -7.90 40.37
N PRO B 85 -17.44 -7.31 39.49
CA PRO B 85 -16.94 -6.20 38.64
C PRO B 85 -16.30 -5.08 39.49
N GLY B 86 -15.22 -4.46 38.99
CA GLY B 86 -14.45 -3.43 39.69
C GLY B 86 -13.25 -3.99 40.44
N ALA B 87 -13.05 -5.32 40.30
CA ALA B 87 -11.96 -6.07 40.95
C ALA B 87 -10.70 -6.12 40.07
N ASN B 88 -10.72 -5.37 38.95
CA ASN B 88 -9.60 -5.27 38.02
C ASN B 88 -8.35 -4.58 38.63
N ALA B 89 -7.25 -5.35 38.69
CA ALA B 89 -5.94 -4.91 39.20
C ALA B 89 -5.14 -4.09 38.15
N ILE B 90 -5.67 -3.96 36.89
CA ILE B 90 -5.07 -3.22 35.77
C ILE B 90 -6.13 -2.37 35.06
N GLY B 91 -5.70 -1.32 34.35
CA GLY B 91 -6.57 -0.41 33.61
C GLY B 91 -7.08 -0.87 32.25
N MET B 92 -7.04 -2.19 32.00
CA MET B 92 -7.52 -2.75 30.75
C MET B 92 -8.32 -3.98 31.11
N VAL B 93 -9.58 -4.06 30.62
CA VAL B 93 -10.48 -5.20 30.87
C VAL B 93 -10.95 -5.86 29.56
N ALA B 94 -11.26 -7.16 29.62
CA ALA B 94 -11.76 -7.92 28.47
C ALA B 94 -12.92 -8.85 28.82
N PHE B 95 -13.82 -9.03 27.85
CA PHE B 95 -14.96 -9.93 27.98
C PHE B 95 -15.05 -10.81 26.74
N LYS B 96 -15.47 -12.06 26.94
CA LYS B 96 -15.78 -12.97 25.85
C LYS B 96 -17.31 -13.00 25.80
N ILE B 97 -17.86 -12.58 24.66
CA ILE B 97 -19.30 -12.55 24.43
C ILE B 97 -19.74 -13.69 23.54
N THR B 98 -20.80 -14.41 23.93
CA THR B 98 -21.46 -15.48 23.17
C THR B 98 -22.93 -15.08 23.01
N VAL B 99 -23.31 -14.63 21.79
CA VAL B 99 -24.66 -14.17 21.45
C VAL B 99 -25.30 -15.04 20.40
N LYS B 100 -26.62 -15.21 20.51
CA LYS B 100 -27.45 -15.87 19.53
C LYS B 100 -28.02 -14.69 18.77
N THR B 101 -27.71 -14.58 17.47
CA THR B 101 -28.18 -13.46 16.65
C THR B 101 -29.07 -13.95 15.49
N PRO B 102 -29.85 -13.07 14.84
CA PRO B 102 -30.63 -13.51 13.66
C PRO B 102 -29.79 -14.29 12.61
N GLU B 103 -28.52 -13.89 12.39
CA GLU B 103 -27.64 -14.55 11.40
C GLU B 103 -26.94 -15.78 12.00
N TYR B 104 -26.79 -15.83 13.34
CA TYR B 104 -26.23 -17.01 14.04
C TYR B 104 -27.14 -17.39 15.24
N PRO B 105 -28.28 -18.08 14.95
CA PRO B 105 -29.27 -18.40 16.01
C PRO B 105 -28.75 -19.34 17.07
N ARG B 106 -27.78 -20.20 16.73
CA ARG B 106 -27.15 -21.12 17.66
C ARG B 106 -25.98 -20.41 18.40
N GLY B 107 -25.67 -19.17 18.03
CA GLY B 107 -24.63 -18.37 18.68
C GLY B 107 -23.33 -18.07 17.92
N ARG B 108 -22.80 -16.86 18.15
CA ARG B 108 -21.53 -16.34 17.62
C ARG B 108 -20.74 -15.73 18.78
N GLN B 109 -19.41 -15.78 18.67
CA GLN B 109 -18.54 -15.25 19.71
C GLN B 109 -17.66 -14.13 19.22
N PHE B 110 -17.29 -13.26 20.16
CA PHE B 110 -16.37 -12.16 19.98
C PHE B 110 -15.80 -11.72 21.30
N VAL B 111 -14.74 -10.94 21.20
CA VAL B 111 -14.01 -10.41 22.33
C VAL B 111 -14.17 -8.89 22.35
N VAL B 112 -14.36 -8.35 23.53
CA VAL B 112 -14.46 -6.91 23.78
C VAL B 112 -13.29 -6.54 24.71
N VAL B 113 -12.35 -5.68 24.26
CA VAL B 113 -11.22 -5.15 25.05
C VAL B 113 -11.56 -3.72 25.30
N ALA B 114 -11.29 -3.24 26.52
CA ALA B 114 -11.62 -1.87 26.85
C ALA B 114 -10.70 -1.30 27.93
N ASN B 115 -10.39 -0.01 27.79
CA ASN B 115 -9.62 0.69 28.81
C ASN B 115 -10.59 0.99 29.91
N ASP B 116 -10.11 1.00 31.17
CA ASP B 116 -10.91 1.43 32.32
C ASP B 116 -10.48 2.87 32.58
N ILE B 117 -11.31 3.84 32.16
CA ILE B 117 -11.07 5.27 32.31
C ILE B 117 -10.90 5.69 33.81
N THR B 118 -11.41 4.85 34.75
CA THR B 118 -11.35 5.12 36.19
C THR B 118 -10.04 4.59 36.79
N PHE B 119 -9.30 3.74 36.05
CA PHE B 119 -8.05 3.20 36.54
C PHE B 119 -6.89 3.99 35.92
N LYS B 120 -6.33 4.91 36.72
CA LYS B 120 -5.21 5.78 36.33
C LYS B 120 -5.48 6.50 35.02
N ILE B 121 -6.69 7.11 34.92
CA ILE B 121 -7.26 7.87 33.80
C ILE B 121 -7.16 7.10 32.42
N GLY B 122 -7.23 5.77 32.50
CA GLY B 122 -7.18 4.88 31.34
C GLY B 122 -5.86 4.87 30.61
N SER B 123 -4.77 5.29 31.28
CA SER B 123 -3.42 5.32 30.73
C SER B 123 -2.91 3.93 30.42
N PHE B 124 -2.03 3.83 29.42
CA PHE B 124 -1.46 2.53 29.05
C PHE B 124 -0.11 2.34 29.72
N GLY B 125 -0.09 1.46 30.71
CA GLY B 125 1.14 1.08 31.36
C GLY B 125 1.58 -0.26 30.79
N PRO B 126 2.79 -0.76 31.15
CA PRO B 126 3.25 -2.07 30.64
C PRO B 126 2.27 -3.23 30.78
N GLN B 127 1.54 -3.27 31.90
CA GLN B 127 0.56 -4.33 32.21
C GLN B 127 -0.69 -4.24 31.37
N GLU B 128 -1.16 -3.03 31.06
CA GLU B 128 -2.36 -2.82 30.24
C GLU B 128 -2.03 -3.25 28.80
N ASP B 129 -0.83 -2.87 28.34
CA ASP B 129 -0.33 -3.18 27.01
C ASP B 129 -0.15 -4.69 26.85
N GLU B 130 0.39 -5.36 27.87
CA GLU B 130 0.62 -6.79 27.76
C GLU B 130 -0.72 -7.55 27.83
N PHE B 131 -1.72 -7.01 28.54
CA PHE B 131 -3.04 -7.62 28.59
C PHE B 131 -3.75 -7.44 27.23
N PHE B 132 -3.79 -6.19 26.70
CA PHE B 132 -4.37 -5.85 25.40
C PHE B 132 -3.82 -6.79 24.30
N ASN B 133 -2.50 -7.00 24.31
CA ASN B 133 -1.81 -7.85 23.36
C ASN B 133 -2.26 -9.32 23.50
N LYS B 134 -2.34 -9.81 24.75
CA LYS B 134 -2.77 -11.18 25.08
C LYS B 134 -4.22 -11.42 24.60
N VAL B 135 -5.10 -10.41 24.77
CA VAL B 135 -6.49 -10.49 24.34
C VAL B 135 -6.58 -10.52 22.79
N THR B 136 -5.78 -9.66 22.13
CA THR B 136 -5.68 -9.58 20.68
C THR B 136 -5.25 -10.94 20.12
N GLU B 137 -4.24 -11.56 20.74
CA GLU B 137 -3.72 -12.86 20.33
C GLU B 137 -4.72 -13.98 20.54
N TYR B 138 -5.50 -13.89 21.63
CA TYR B 138 -6.55 -14.83 22.01
C TYR B 138 -7.62 -14.85 20.90
N ALA B 139 -8.14 -13.65 20.52
CA ALA B 139 -9.14 -13.50 19.44
C ALA B 139 -8.58 -14.00 18.08
N ARG B 140 -7.33 -13.65 17.78
CA ARG B 140 -6.64 -14.05 16.58
C ARG B 140 -6.48 -15.57 16.49
N LYS B 141 -6.07 -16.26 17.58
CA LYS B 141 -5.93 -17.72 17.58
C LYS B 141 -7.29 -18.40 17.30
N ARG B 142 -8.38 -17.79 17.79
CA ARG B 142 -9.73 -18.34 17.64
C ARG B 142 -10.49 -17.89 16.38
N GLY B 143 -9.96 -16.90 15.67
CA GLY B 143 -10.53 -16.33 14.45
C GLY B 143 -11.72 -15.44 14.69
N ILE B 144 -11.97 -15.09 15.97
CA ILE B 144 -13.14 -14.31 16.36
C ILE B 144 -12.89 -12.81 16.35
N PRO B 145 -13.94 -12.02 16.08
CA PRO B 145 -13.78 -10.55 16.08
C PRO B 145 -13.22 -9.96 17.38
N ARG B 146 -12.51 -8.84 17.26
CA ARG B 146 -11.95 -8.09 18.37
C ARG B 146 -12.52 -6.70 18.36
N ILE B 147 -13.37 -6.39 19.32
CA ILE B 147 -14.00 -5.08 19.50
C ILE B 147 -13.17 -4.36 20.56
N TYR B 148 -12.78 -3.12 20.28
CA TYR B 148 -12.03 -2.31 21.22
C TYR B 148 -12.83 -1.08 21.57
N LEU B 149 -13.01 -0.85 22.88
CA LEU B 149 -13.70 0.32 23.39
C LEU B 149 -12.61 1.20 23.98
N ALA B 150 -12.27 2.27 23.23
CA ALA B 150 -11.21 3.22 23.53
C ALA B 150 -11.68 4.35 24.41
N ALA B 151 -11.08 4.49 25.62
CA ALA B 151 -11.39 5.53 26.62
C ALA B 151 -10.12 5.70 27.44
N ASN B 152 -9.21 6.57 27.00
CA ASN B 152 -7.86 6.62 27.60
C ASN B 152 -7.16 7.94 27.47
N SER B 153 -5.95 8.03 28.04
CA SER B 153 -5.08 9.21 27.95
C SER B 153 -3.65 8.88 27.45
N GLY B 154 -3.54 7.79 26.68
CA GLY B 154 -2.29 7.35 26.09
C GLY B 154 -1.36 6.72 27.09
N ALA B 155 -0.07 6.63 26.72
CA ALA B 155 0.98 6.03 27.55
C ALA B 155 1.08 6.68 28.94
N ARG B 156 1.21 5.82 29.96
CA ARG B 156 1.35 6.26 31.36
C ARG B 156 2.65 7.04 31.56
N ILE B 157 2.54 8.23 32.21
CA ILE B 157 3.64 9.16 32.54
C ILE B 157 3.95 9.04 34.05
N GLY B 158 5.24 8.96 34.40
CA GLY B 158 5.71 8.88 35.78
C GLY B 158 7.11 9.41 36.00
N MET B 159 7.48 9.63 37.29
CA MET B 159 8.83 10.04 37.72
C MET B 159 9.24 9.22 38.94
N ALA B 160 10.54 9.16 39.26
CA ALA B 160 11.02 8.41 40.43
C ALA B 160 10.77 9.27 41.68
N GLU B 161 9.60 9.02 42.30
CA GLU B 161 9.12 9.79 43.45
C GLU B 161 10.01 9.68 44.68
N GLU B 162 10.67 8.52 44.86
CA GLU B 162 11.60 8.27 45.95
C GLU B 162 12.87 9.13 45.86
N ILE B 163 13.17 9.71 44.66
CA ILE B 163 14.35 10.56 44.45
C ILE B 163 14.00 12.06 44.64
N VAL B 164 12.70 12.41 44.56
CA VAL B 164 12.23 13.79 44.76
C VAL B 164 12.68 14.37 46.15
N PRO B 165 12.52 13.64 47.31
CA PRO B 165 12.94 14.22 48.59
C PRO B 165 14.40 13.94 48.99
N LEU B 166 15.21 13.38 48.09
CA LEU B 166 16.60 13.05 48.38
C LEU B 166 17.64 13.86 47.62
N PHE B 167 17.37 14.21 46.34
CA PHE B 167 18.33 14.90 45.48
C PHE B 167 18.80 16.25 46.02
N GLN B 168 20.10 16.49 45.91
CA GLN B 168 20.74 17.74 46.29
C GLN B 168 21.21 18.43 45.02
N VAL B 169 21.33 19.77 45.09
CA VAL B 169 21.80 20.62 43.98
C VAL B 169 23.23 21.10 44.24
N ALA B 170 24.15 20.86 43.29
CA ALA B 170 25.54 21.32 43.38
C ALA B 170 25.64 22.68 42.73
N TRP B 171 25.39 23.73 43.52
CA TRP B 171 25.42 25.12 43.10
C TRP B 171 26.80 25.58 42.64
N ASN B 172 26.82 26.58 41.76
CA ASN B 172 28.06 27.22 41.31
C ASN B 172 28.57 28.10 42.45
N ASP B 173 27.62 28.67 43.21
CA ASP B 173 27.79 29.51 44.38
C ASP B 173 26.56 29.26 45.26
N ALA B 174 26.71 28.51 46.35
CA ALA B 174 25.60 28.21 47.27
C ALA B 174 24.93 29.46 47.85
N ALA B 175 25.68 30.57 47.96
CA ALA B 175 25.19 31.86 48.46
C ALA B 175 24.29 32.54 47.42
N ASN B 176 24.55 32.28 46.12
CA ASN B 176 23.79 32.85 45.00
C ASN B 176 23.22 31.76 44.07
N PRO B 177 21.95 31.30 44.28
CA PRO B 177 21.40 30.23 43.43
C PRO B 177 21.22 30.59 41.95
N ASP B 178 20.87 31.86 41.63
CA ASP B 178 20.69 32.35 40.26
C ASP B 178 21.97 32.27 39.41
N LYS B 179 23.12 31.96 40.03
CA LYS B 179 24.39 31.81 39.31
C LYS B 179 24.52 30.43 38.63
N GLY B 180 23.56 29.54 38.88
CA GLY B 180 23.48 28.22 38.28
C GLY B 180 23.85 27.03 39.16
N PHE B 181 23.81 25.84 38.56
CA PHE B 181 24.14 24.57 39.19
C PHE B 181 24.90 23.72 38.18
N GLN B 182 25.58 22.68 38.66
CA GLN B 182 26.41 21.84 37.80
C GLN B 182 25.80 20.48 37.63
N TYR B 183 25.25 19.94 38.72
CA TYR B 183 24.66 18.62 38.72
C TYR B 183 23.74 18.45 39.89
N LEU B 184 23.11 17.30 39.95
CA LEU B 184 22.27 16.88 41.05
C LEU B 184 22.96 15.68 41.65
N TYR B 185 22.88 15.52 42.98
CA TYR B 185 23.58 14.43 43.65
C TYR B 185 22.86 13.92 44.88
N LEU B 186 23.28 12.76 45.38
CA LEU B 186 22.80 12.20 46.64
C LEU B 186 23.94 12.24 47.66
N THR B 187 23.58 12.34 48.94
CA THR B 187 24.53 12.30 50.05
C THR B 187 24.60 10.85 50.49
N SER B 188 25.53 10.50 51.39
CA SER B 188 25.68 9.15 51.95
C SER B 188 24.36 8.73 52.61
N GLU B 189 23.63 9.72 53.17
CA GLU B 189 22.34 9.60 53.83
C GLU B 189 21.31 9.13 52.81
N GLY B 190 21.22 9.85 51.67
CA GLY B 190 20.33 9.52 50.54
C GLY B 190 20.54 8.11 50.06
N MET B 191 21.80 7.74 49.86
CA MET B 191 22.22 6.40 49.42
C MET B 191 21.82 5.33 50.41
N GLU B 192 21.99 5.62 51.73
CA GLU B 192 21.60 4.74 52.82
C GLU B 192 20.07 4.56 52.89
N THR B 193 19.29 5.65 52.74
CA THR B 193 17.83 5.59 52.70
C THR B 193 17.39 4.58 51.59
N LEU B 194 17.91 4.75 50.34
CA LEU B 194 17.58 3.85 49.23
C LEU B 194 17.96 2.41 49.55
N LYS B 195 19.16 2.19 50.12
CA LYS B 195 19.63 0.85 50.51
C LYS B 195 18.67 0.20 51.52
N LYS B 196 18.22 0.99 52.51
CA LYS B 196 17.28 0.59 53.57
C LYS B 196 15.94 0.11 52.98
N PHE B 197 15.44 0.79 51.93
CA PHE B 197 14.18 0.46 51.26
C PHE B 197 14.33 -0.46 50.03
N ASP B 198 15.57 -0.92 49.76
CA ASP B 198 15.95 -1.81 48.65
C ASP B 198 15.70 -1.13 47.29
N LYS B 199 16.28 0.08 47.13
CA LYS B 199 16.12 0.93 45.95
C LYS B 199 17.43 1.58 45.49
N GLU B 200 18.59 0.89 45.69
CA GLU B 200 19.92 1.42 45.29
C GLU B 200 20.01 1.57 43.77
N ASN B 201 19.25 0.72 43.07
CA ASN B 201 19.05 0.57 41.64
C ASN B 201 18.19 1.69 41.03
N SER B 202 17.55 2.53 41.89
CA SER B 202 16.69 3.62 41.42
C SER B 202 17.43 4.74 40.71
N VAL B 203 18.75 4.87 40.97
CA VAL B 203 19.62 5.88 40.38
C VAL B 203 20.95 5.25 40.00
N LEU B 204 21.64 5.87 39.04
CA LEU B 204 22.99 5.52 38.65
C LEU B 204 23.83 6.72 39.05
N THR B 205 24.81 6.48 39.93
CA THR B 205 25.64 7.56 40.48
C THR B 205 27.12 7.39 40.25
N GLU B 206 27.83 8.52 40.34
CA GLU B 206 29.28 8.62 40.25
C GLU B 206 29.75 9.25 41.58
N ARG B 207 30.61 8.54 42.33
CA ARG B 207 31.13 9.08 43.59
C ARG B 207 32.25 10.10 43.37
N THR B 208 32.16 11.24 44.08
CA THR B 208 33.13 12.34 44.13
C THR B 208 33.21 12.90 45.58
N VAL B 209 34.31 13.58 45.95
CA VAL B 209 34.44 14.17 47.29
C VAL B 209 34.60 15.68 47.19
N ILE B 210 33.65 16.43 47.73
CA ILE B 210 33.69 17.90 47.75
C ILE B 210 33.46 18.37 49.20
N ASN B 211 34.41 19.19 49.72
CA ASN B 211 34.45 19.72 51.09
C ASN B 211 34.46 18.60 52.16
N GLY B 212 35.25 17.55 51.92
CA GLY B 212 35.36 16.40 52.82
C GLY B 212 34.15 15.48 52.86
N GLU B 213 33.08 15.82 52.10
CA GLU B 213 31.84 15.05 52.05
C GLU B 213 31.64 14.35 50.71
N GLU B 214 31.18 13.09 50.79
CA GLU B 214 30.85 12.24 49.66
C GLU B 214 29.66 12.83 48.89
N ARG B 215 29.81 12.97 47.57
CA ARG B 215 28.74 13.38 46.66
C ARG B 215 28.57 12.27 45.63
N PHE B 216 27.38 11.66 45.61
CA PHE B 216 27.03 10.62 44.65
C PHE B 216 26.26 11.32 43.53
N VAL B 217 27.05 11.78 42.52
CA VAL B 217 26.57 12.52 41.34
C VAL B 217 25.53 11.67 40.58
N ILE B 218 24.31 12.20 40.40
CA ILE B 218 23.23 11.50 39.68
C ILE B 218 23.52 11.57 38.16
N LYS B 219 23.81 10.41 37.58
CA LYS B 219 24.10 10.24 36.17
C LYS B 219 22.82 9.90 35.38
N THR B 220 21.90 9.13 36.00
CA THR B 220 20.60 8.72 35.43
C THR B 220 19.66 8.38 36.58
N ILE B 221 18.37 8.78 36.43
CA ILE B 221 17.29 8.40 37.34
C ILE B 221 16.48 7.30 36.64
N ILE B 222 16.40 6.12 37.28
CA ILE B 222 15.66 4.97 36.77
C ILE B 222 14.31 4.84 37.45
N GLY B 223 14.31 4.80 38.79
CA GLY B 223 13.12 4.64 39.60
C GLY B 223 12.84 3.18 39.88
N SER B 224 12.23 2.91 41.04
CA SER B 224 11.85 1.55 41.47
C SER B 224 10.46 1.19 40.91
N GLU B 225 9.58 2.19 40.67
CA GLU B 225 8.23 1.98 40.14
C GLU B 225 8.26 1.72 38.61
N ASP B 226 7.60 0.66 38.15
CA ASP B 226 7.50 0.34 36.71
C ASP B 226 6.38 1.17 36.09
N GLY B 227 6.56 1.58 34.83
CA GLY B 227 5.58 2.37 34.10
C GLY B 227 5.75 3.87 34.15
N LEU B 228 7.01 4.37 34.05
CA LEU B 228 7.35 5.81 34.11
C LEU B 228 7.48 6.50 32.74
N GLY B 229 8.07 5.78 31.79
CA GLY B 229 8.32 6.32 30.47
C GLY B 229 8.55 5.31 29.36
N VAL B 230 9.83 5.08 29.00
CA VAL B 230 10.18 4.25 27.85
C VAL B 230 9.57 2.83 27.86
N GLU B 231 9.32 2.26 29.06
CA GLU B 231 8.76 0.91 29.17
C GLU B 231 7.28 0.91 28.77
N CYS B 232 6.62 2.11 28.82
CA CYS B 232 5.23 2.35 28.40
C CYS B 232 5.24 2.48 26.89
N LEU B 233 6.29 3.15 26.38
CA LEU B 233 6.50 3.38 24.96
C LEU B 233 6.76 2.05 24.24
N ARG B 234 7.51 1.12 24.88
CA ARG B 234 7.74 -0.21 24.30
C ARG B 234 6.40 -0.92 24.11
N GLY B 235 5.57 -0.89 25.16
CA GLY B 235 4.26 -1.52 25.20
C GLY B 235 3.29 -0.98 24.18
N SER B 236 3.37 0.34 23.90
CA SER B 236 2.61 1.05 22.88
C SER B 236 2.96 0.47 21.49
N GLY B 237 4.26 0.29 21.22
CA GLY B 237 4.77 -0.26 19.98
C GLY B 237 4.28 -1.68 19.80
N LEU B 238 4.33 -2.47 20.88
CA LEU B 238 3.86 -3.85 20.87
C LEU B 238 2.42 -3.97 20.41
N ILE B 239 1.53 -3.18 21.01
CA ILE B 239 0.11 -3.26 20.70
C ILE B 239 -0.24 -2.61 19.35
N ALA B 240 0.57 -1.62 18.88
CA ALA B 240 0.40 -1.02 17.56
C ALA B 240 0.68 -2.12 16.50
N GLY B 241 1.80 -2.84 16.66
CA GLY B 241 2.15 -3.96 15.80
C GLY B 241 1.11 -5.07 15.83
N ALA B 242 0.61 -5.37 17.04
CA ALA B 242 -0.41 -6.38 17.28
C ALA B 242 -1.71 -6.06 16.58
N THR B 243 -2.12 -4.76 16.57
CA THR B 243 -3.36 -4.32 15.94
C THR B 243 -3.23 -4.34 14.40
N SER B 244 -2.06 -3.89 13.88
CA SER B 244 -1.71 -3.92 12.46
C SER B 244 -1.88 -5.37 11.94
N ARG B 245 -1.39 -6.37 12.71
CA ARG B 245 -1.51 -7.80 12.38
C ARG B 245 -2.95 -8.29 12.47
N ALA B 246 -3.65 -7.92 13.55
CA ALA B 246 -5.04 -8.31 13.83
C ALA B 246 -5.97 -7.96 12.68
N TYR B 247 -5.79 -6.75 12.12
CA TYR B 247 -6.57 -6.28 10.99
C TYR B 247 -6.47 -7.21 9.77
N HIS B 248 -5.31 -7.86 9.57
CA HIS B 248 -5.17 -8.76 8.43
C HIS B 248 -5.72 -10.14 8.69
N ASP B 249 -6.08 -10.41 9.94
CA ASP B 249 -6.47 -11.70 10.48
C ASP B 249 -7.92 -11.91 10.94
N ILE B 250 -8.50 -10.97 11.65
CA ILE B 250 -9.84 -11.10 12.22
C ILE B 250 -10.58 -9.79 11.99
N PHE B 251 -11.89 -9.79 12.19
CA PHE B 251 -12.66 -8.55 12.10
C PHE B 251 -12.27 -7.67 13.34
N THR B 252 -11.82 -6.45 13.08
CA THR B 252 -11.41 -5.50 14.11
C THR B 252 -12.29 -4.26 13.97
N ILE B 253 -12.73 -3.71 15.09
CA ILE B 253 -13.55 -2.52 15.13
C ILE B 253 -13.29 -1.79 16.46
N THR B 254 -13.37 -0.46 16.40
CA THR B 254 -13.15 0.40 17.56
C THR B 254 -14.29 1.36 17.74
N LEU B 255 -14.75 1.48 19.00
CA LEU B 255 -15.73 2.47 19.41
C LEU B 255 -14.97 3.49 20.31
N VAL B 256 -14.94 4.77 19.87
CA VAL B 256 -14.29 5.85 20.62
C VAL B 256 -15.40 6.39 21.51
N THR B 257 -15.35 5.99 22.81
CA THR B 257 -16.39 6.23 23.81
C THR B 257 -16.09 7.39 24.76
N CYS B 258 -14.83 7.76 24.90
CA CYS B 258 -14.34 8.91 25.65
C CYS B 258 -13.12 9.33 24.79
N ARG B 259 -12.26 10.23 25.25
CA ARG B 259 -11.08 10.58 24.48
C ARG B 259 -10.21 9.32 24.21
N SER B 260 -9.50 9.36 23.08
CA SER B 260 -8.52 8.34 22.71
C SER B 260 -7.28 9.14 22.33
N VAL B 261 -6.21 8.98 23.12
CA VAL B 261 -5.00 9.79 23.02
C VAL B 261 -3.73 9.01 22.67
N GLY B 262 -2.90 9.57 21.78
CA GLY B 262 -1.59 9.00 21.42
C GLY B 262 -1.66 7.60 20.86
N ILE B 263 -1.14 6.61 21.61
CA ILE B 263 -1.26 5.20 21.22
C ILE B 263 -2.75 4.85 21.00
N GLY B 264 -3.62 5.45 21.82
CA GLY B 264 -5.06 5.27 21.74
C GLY B 264 -5.63 5.73 20.42
N ALA B 265 -5.08 6.82 19.85
CA ALA B 265 -5.49 7.35 18.54
C ALA B 265 -4.96 6.40 17.44
N TYR B 266 -3.71 5.92 17.58
CA TYR B 266 -3.11 4.99 16.63
C TYR B 266 -3.85 3.66 16.59
N LEU B 267 -4.35 3.19 17.73
CA LEU B 267 -5.11 1.96 17.80
C LEU B 267 -6.43 2.07 17.03
N VAL B 268 -7.07 3.24 17.08
CA VAL B 268 -8.30 3.46 16.35
C VAL B 268 -8.04 3.27 14.87
N ARG B 269 -6.98 3.91 14.35
CA ARG B 269 -6.62 3.80 12.95
C ARG B 269 -6.11 2.41 12.56
N LEU B 270 -5.24 1.82 13.38
CA LEU B 270 -4.68 0.53 13.04
C LEU B 270 -5.70 -0.62 12.98
N GLY B 271 -6.84 -0.47 13.66
CA GLY B 271 -7.92 -1.45 13.64
C GLY B 271 -8.85 -1.14 12.48
N GLN B 272 -8.58 -0.02 11.81
CA GLN B 272 -9.26 0.50 10.62
C GLN B 272 -10.68 0.92 10.84
N ARG B 273 -11.56 -0.04 11.16
CA ARG B 273 -12.98 0.23 11.32
C ARG B 273 -13.23 0.98 12.64
N ALA B 274 -13.82 2.16 12.53
CA ALA B 274 -14.00 3.01 13.70
C ALA B 274 -15.31 3.78 13.76
N ILE B 275 -15.94 3.69 14.93
CA ILE B 275 -17.20 4.41 15.22
C ILE B 275 -16.87 5.41 16.31
N GLN B 276 -16.98 6.69 15.99
CA GLN B 276 -16.67 7.74 16.96
C GLN B 276 -17.96 8.31 17.57
N VAL B 277 -18.04 8.26 18.93
CA VAL B 277 -19.17 8.88 19.64
C VAL B 277 -18.95 10.39 19.54
N GLU B 278 -19.99 11.14 19.15
CA GLU B 278 -19.96 12.60 19.01
C GLU B 278 -19.45 13.23 20.31
N GLY B 279 -18.50 14.15 20.18
CA GLY B 279 -17.88 14.83 21.31
C GLY B 279 -16.75 14.08 21.97
N GLN B 280 -16.38 12.88 21.46
CA GLN B 280 -15.25 12.12 22.03
C GLN B 280 -14.06 12.19 21.06
N PRO B 281 -12.98 12.96 21.34
CA PRO B 281 -11.94 13.13 20.33
C PRO B 281 -10.83 12.10 20.30
N ILE B 282 -10.30 11.90 19.08
CA ILE B 282 -9.16 11.04 18.73
C ILE B 282 -8.02 12.05 18.57
N ILE B 283 -7.06 12.09 19.51
CA ILE B 283 -6.03 13.13 19.44
C ILE B 283 -4.63 12.60 19.69
N LEU B 284 -3.63 13.35 19.22
CA LEU B 284 -2.22 13.07 19.49
C LEU B 284 -1.81 13.98 20.64
N THR B 285 -1.23 15.16 20.36
CA THR B 285 -0.95 16.10 21.45
C THR B 285 -2.22 16.96 21.63
N GLY B 286 -2.69 17.07 22.88
CA GLY B 286 -3.85 17.85 23.27
C GLY B 286 -3.70 19.32 22.99
N ALA B 287 -4.83 20.04 22.86
CA ALA B 287 -4.92 21.47 22.58
C ALA B 287 -4.08 22.35 23.53
N SER B 288 -4.18 22.12 24.86
CA SER B 288 -3.44 22.87 25.90
C SER B 288 -1.95 22.83 25.65
N ALA B 289 -1.38 21.61 25.49
CA ALA B 289 0.04 21.39 25.23
C ALA B 289 0.48 22.06 23.92
N LEU B 290 -0.36 21.99 22.89
CA LEU B 290 -0.14 22.62 21.60
C LEU B 290 -0.11 24.13 21.74
N ASN B 291 -0.96 24.68 22.63
CA ASN B 291 -0.99 26.11 22.93
C ASN B 291 0.32 26.54 23.60
N LYS B 292 0.85 25.74 24.57
CA LYS B 292 2.14 26.00 25.23
C LYS B 292 3.27 26.01 24.20
N VAL B 293 3.36 24.96 23.36
CA VAL B 293 4.39 24.86 22.32
C VAL B 293 4.31 26.01 21.31
N LEU B 294 3.09 26.41 20.92
CA LEU B 294 2.89 27.49 19.96
C LEU B 294 3.05 28.90 20.56
N GLY B 295 2.87 29.01 21.89
CA GLY B 295 3.00 30.27 22.63
C GLY B 295 1.85 31.24 22.43
N ARG B 296 0.63 30.71 22.21
CA ARG B 296 -0.61 31.44 21.99
C ARG B 296 -1.77 30.54 22.37
N GLU B 297 -2.95 31.12 22.64
CA GLU B 297 -4.16 30.33 22.91
C GLU B 297 -4.77 30.15 21.53
N VAL B 298 -4.24 29.16 20.79
CA VAL B 298 -4.62 28.83 19.41
C VAL B 298 -5.93 28.06 19.37
N TYR B 299 -5.99 26.98 20.14
CA TYR B 299 -7.10 26.06 20.21
C TYR B 299 -7.83 26.16 21.55
N THR B 300 -9.16 26.03 21.51
CA THR B 300 -10.02 26.07 22.68
C THR B 300 -10.45 24.67 23.11
N SER B 301 -10.45 23.69 22.18
CA SER B 301 -10.81 22.30 22.52
C SER B 301 -10.07 21.26 21.70
N ASN B 302 -10.02 20.04 22.25
CA ASN B 302 -9.45 18.87 21.62
C ASN B 302 -10.30 18.46 20.40
N LEU B 303 -11.59 18.85 20.39
CA LEU B 303 -12.53 18.56 19.30
C LEU B 303 -12.14 19.24 18.00
N GLN B 304 -11.38 20.35 18.09
CA GLN B 304 -10.86 21.05 16.91
C GLN B 304 -9.74 20.25 16.28
N LEU B 305 -9.15 19.31 17.02
CA LEU B 305 -8.06 18.47 16.56
C LEU B 305 -8.50 17.08 16.14
N GLY B 306 -9.34 16.44 16.95
CA GLY B 306 -9.77 15.07 16.71
C GLY B 306 -11.23 14.74 16.95
N GLY B 307 -12.12 15.74 16.84
CA GLY B 307 -13.56 15.52 16.96
C GLY B 307 -14.10 14.91 15.67
N THR B 308 -15.40 14.55 15.63
CA THR B 308 -16.03 13.96 14.44
C THR B 308 -15.93 14.87 13.22
N GLN B 309 -15.95 16.20 13.43
CA GLN B 309 -15.86 17.18 12.34
C GLN B 309 -14.48 17.09 11.62
N ILE B 310 -13.56 16.34 12.24
CA ILE B 310 -12.23 16.11 11.68
C ILE B 310 -12.17 14.65 11.17
N MET B 311 -12.33 13.65 12.08
CA MET B 311 -12.14 12.23 11.84
C MET B 311 -13.23 11.56 10.99
N TYR B 312 -14.47 12.03 11.06
CA TYR B 312 -15.51 11.47 10.20
C TYR B 312 -15.38 12.11 8.82
N ASN B 313 -14.94 13.37 8.75
CA ASN B 313 -14.77 14.05 7.48
C ASN B 313 -13.53 13.59 6.68
N ASN B 314 -12.55 12.97 7.36
CA ASN B 314 -11.34 12.50 6.70
C ASN B 314 -11.28 10.97 6.59
N GLY B 315 -12.32 10.26 7.02
CA GLY B 315 -12.38 8.82 6.89
C GLY B 315 -11.69 8.02 7.96
N VAL B 316 -11.14 8.67 9.00
CA VAL B 316 -10.55 7.91 10.11
C VAL B 316 -11.72 7.25 10.86
N SER B 317 -12.81 7.99 11.00
CA SER B 317 -14.05 7.48 11.60
C SER B 317 -14.99 7.12 10.47
N HIS B 318 -15.37 5.85 10.42
CA HIS B 318 -16.23 5.32 9.38
C HIS B 318 -17.65 5.77 9.60
N LEU B 319 -18.04 5.84 10.90
CA LEU B 319 -19.38 6.25 11.34
C LEU B 319 -19.28 7.05 12.64
N THR B 320 -20.34 7.81 12.94
CA THR B 320 -20.51 8.55 14.20
C THR B 320 -21.67 7.93 14.98
N ALA B 321 -21.72 8.16 16.29
CA ALA B 321 -22.79 7.68 17.15
C ALA B 321 -23.13 8.82 18.11
N VAL B 322 -24.42 8.99 18.42
CA VAL B 322 -24.89 10.06 19.32
C VAL B 322 -24.49 9.75 20.76
N ASP B 323 -24.37 8.45 21.09
CA ASP B 323 -23.99 7.98 22.42
C ASP B 323 -23.43 6.56 22.33
N ASP B 324 -23.02 6.00 23.46
CA ASP B 324 -22.42 4.67 23.57
C ASP B 324 -23.30 3.54 23.08
N LEU B 325 -24.61 3.55 23.40
CA LEU B 325 -25.51 2.48 22.97
C LEU B 325 -25.67 2.53 21.45
N ALA B 326 -25.81 3.75 20.88
CA ALA B 326 -25.92 3.92 19.43
C ALA B 326 -24.68 3.31 18.72
N GLY B 327 -23.52 3.51 19.33
CA GLY B 327 -22.23 3.01 18.84
C GLY B 327 -22.16 1.51 18.89
N VAL B 328 -22.59 0.93 20.01
CA VAL B 328 -22.67 -0.51 20.23
C VAL B 328 -23.67 -1.13 19.22
N GLU B 329 -24.77 -0.41 18.91
CA GLU B 329 -25.79 -0.84 17.96
C GLU B 329 -25.18 -0.89 16.55
N LYS B 330 -24.38 0.13 16.20
CA LYS B 330 -23.67 0.19 14.92
C LYS B 330 -22.62 -0.93 14.81
N ILE B 331 -21.95 -1.34 15.93
CA ILE B 331 -20.99 -2.45 15.93
C ILE B 331 -21.70 -3.75 15.57
N VAL B 332 -22.78 -4.03 16.29
CA VAL B 332 -23.59 -5.23 16.21
C VAL B 332 -24.24 -5.36 14.80
N GLU B 333 -24.66 -4.23 14.22
CA GLU B 333 -25.22 -4.17 12.87
C GLU B 333 -24.15 -4.47 11.80
N TRP B 334 -22.95 -3.88 11.96
CA TRP B 334 -21.81 -4.09 11.07
C TRP B 334 -21.40 -5.57 11.11
N MET B 335 -21.39 -6.17 12.33
CA MET B 335 -21.04 -7.58 12.53
C MET B 335 -22.05 -8.54 11.90
N SER B 336 -23.31 -8.10 11.71
CA SER B 336 -24.35 -8.98 11.13
C SER B 336 -24.05 -9.42 9.69
N TYR B 337 -23.09 -8.72 9.01
CA TYR B 337 -22.67 -9.05 7.64
C TYR B 337 -21.43 -9.92 7.61
N VAL B 338 -20.79 -10.11 8.79
CA VAL B 338 -19.48 -10.72 8.96
C VAL B 338 -19.57 -12.15 9.47
N PRO B 339 -18.75 -13.11 8.91
CA PRO B 339 -18.75 -14.48 9.44
C PRO B 339 -18.48 -14.54 10.94
N ALA B 340 -19.02 -15.58 11.64
CA ALA B 340 -18.88 -15.77 13.10
C ALA B 340 -17.40 -15.79 13.50
N LYS B 341 -16.58 -16.40 12.66
CA LYS B 341 -15.15 -16.51 12.82
C LYS B 341 -14.46 -16.62 11.43
N ARG B 342 -13.15 -16.30 11.38
CA ARG B 342 -12.33 -16.36 10.19
C ARG B 342 -12.54 -17.66 9.41
N ASN B 343 -12.70 -17.52 8.09
CA ASN B 343 -12.84 -18.61 7.13
C ASN B 343 -14.18 -19.34 7.19
N MET B 344 -15.11 -18.92 8.06
CA MET B 344 -16.46 -19.48 8.07
C MET B 344 -17.23 -18.84 6.91
N PRO B 345 -18.21 -19.53 6.28
CA PRO B 345 -18.93 -18.89 5.16
C PRO B 345 -19.65 -17.59 5.56
N VAL B 346 -19.83 -16.67 4.61
CA VAL B 346 -20.54 -15.41 4.85
C VAL B 346 -21.96 -15.70 5.40
N PRO B 347 -22.44 -14.96 6.44
CA PRO B 347 -23.75 -15.32 7.04
C PRO B 347 -24.97 -14.92 6.22
N ILE B 348 -25.68 -15.92 5.65
CA ILE B 348 -26.90 -15.67 4.86
C ILE B 348 -28.01 -15.23 5.79
N LEU B 349 -28.67 -14.12 5.45
CA LEU B 349 -29.80 -13.59 6.20
C LEU B 349 -30.89 -13.19 5.25
N GLU B 350 -31.73 -14.16 4.93
CA GLU B 350 -32.86 -13.97 4.04
C GLU B 350 -33.96 -13.17 4.78
N THR B 351 -34.45 -12.12 4.14
CA THR B 351 -35.50 -11.28 4.66
C THR B 351 -36.73 -11.45 3.76
N LYS B 352 -37.77 -10.61 3.93
CA LYS B 352 -38.98 -10.76 3.13
C LYS B 352 -38.74 -10.36 1.67
N ASP B 353 -37.75 -9.47 1.40
CA ASP B 353 -37.38 -9.10 0.04
C ASP B 353 -36.52 -10.22 -0.56
N THR B 354 -37.18 -11.18 -1.26
CA THR B 354 -36.51 -12.35 -1.87
C THR B 354 -35.91 -12.03 -3.24
N TRP B 355 -35.08 -12.95 -3.76
CA TRP B 355 -34.37 -12.78 -5.02
C TRP B 355 -35.23 -12.63 -6.26
N ASP B 356 -36.35 -13.35 -6.30
CA ASP B 356 -37.17 -13.46 -7.50
C ASP B 356 -38.06 -12.29 -7.74
N ARG B 357 -37.47 -11.22 -8.23
CA ARG B 357 -38.21 -10.01 -8.58
C ARG B 357 -37.37 -9.17 -9.51
N PRO B 358 -37.99 -8.33 -10.36
CA PRO B 358 -37.17 -7.42 -11.18
C PRO B 358 -36.64 -6.27 -10.31
N VAL B 359 -35.78 -5.43 -10.88
CA VAL B 359 -35.28 -4.25 -10.21
C VAL B 359 -36.18 -3.14 -10.75
N ASP B 360 -36.80 -2.37 -9.85
CA ASP B 360 -37.73 -1.31 -10.21
C ASP B 360 -37.02 -0.03 -10.59
N PHE B 361 -36.29 0.59 -9.64
CA PHE B 361 -35.60 1.84 -9.94
C PHE B 361 -34.59 1.66 -11.06
N THR B 362 -34.72 2.47 -12.11
CA THR B 362 -33.83 2.45 -13.27
C THR B 362 -33.35 3.87 -13.55
N PRO B 363 -32.02 4.11 -13.62
CA PRO B 363 -31.57 5.46 -13.98
C PRO B 363 -31.80 5.75 -15.46
N THR B 364 -31.92 7.04 -15.80
CA THR B 364 -32.05 7.50 -17.18
C THR B 364 -30.94 8.54 -17.41
N ASN B 365 -30.43 8.63 -18.65
CA ASN B 365 -29.36 9.56 -19.06
C ASN B 365 -29.66 11.05 -18.80
N ASP B 366 -30.94 11.45 -18.93
CA ASP B 366 -31.35 12.84 -18.79
C ASP B 366 -31.86 13.26 -17.39
N GLU B 367 -32.04 12.33 -16.45
CA GLU B 367 -32.50 12.68 -15.10
C GLU B 367 -31.42 12.37 -14.03
N THR B 368 -31.13 13.34 -13.15
CA THR B 368 -30.12 13.07 -12.13
C THR B 368 -30.64 12.07 -11.08
N TYR B 369 -29.74 11.26 -10.52
CA TYR B 369 -30.13 10.25 -9.54
C TYR B 369 -29.10 10.09 -8.43
N ASP B 370 -29.54 9.50 -7.34
CA ASP B 370 -28.72 9.13 -6.20
C ASP B 370 -28.47 7.60 -6.43
N VAL B 371 -27.19 7.15 -6.51
CA VAL B 371 -26.86 5.71 -6.68
C VAL B 371 -27.54 4.85 -5.67
N ARG B 372 -27.74 5.40 -4.45
CA ARG B 372 -28.37 4.68 -3.35
C ARG B 372 -29.72 4.11 -3.75
N TRP B 373 -30.45 4.80 -4.67
CA TRP B 373 -31.74 4.30 -5.18
C TRP B 373 -31.53 2.99 -5.97
N MET B 374 -30.46 2.93 -6.79
CA MET B 374 -30.08 1.72 -7.57
C MET B 374 -29.67 0.59 -6.63
N ILE B 375 -29.01 0.93 -5.52
CA ILE B 375 -28.53 -0.02 -4.54
C ILE B 375 -29.65 -0.60 -3.66
N GLU B 376 -30.35 0.27 -2.91
CA GLU B 376 -31.33 -0.12 -1.91
C GLU B 376 -32.79 0.20 -2.24
N GLY B 377 -33.02 0.84 -3.37
CA GLY B 377 -34.37 1.22 -3.74
C GLY B 377 -34.70 2.62 -3.28
N ARG B 378 -35.88 3.08 -3.68
CA ARG B 378 -36.37 4.43 -3.44
C ARG B 378 -37.85 4.44 -3.02
N GLU B 379 -38.17 5.25 -2.01
CA GLU B 379 -39.55 5.43 -1.57
C GLU B 379 -40.14 6.51 -2.49
N THR B 380 -41.23 6.15 -3.18
CA THR B 380 -41.91 6.99 -4.15
C THR B 380 -43.39 7.17 -3.70
N GLU B 381 -44.07 8.23 -4.20
CA GLU B 381 -45.48 8.53 -3.90
C GLU B 381 -46.39 7.35 -4.31
N SER B 382 -46.09 6.72 -5.46
CA SER B 382 -46.79 5.56 -6.03
C SER B 382 -46.44 4.25 -5.29
N GLY B 383 -45.45 4.31 -4.40
CA GLY B 383 -44.96 3.16 -3.64
C GLY B 383 -43.45 2.97 -3.71
N PHE B 384 -42.94 1.91 -3.08
CA PHE B 384 -41.51 1.62 -3.06
C PHE B 384 -40.99 1.06 -4.40
N GLU B 385 -39.96 1.71 -4.99
CA GLU B 385 -39.28 1.22 -6.19
C GLU B 385 -38.04 0.44 -5.68
N TYR B 386 -38.10 -0.90 -5.73
CA TYR B 386 -37.00 -1.75 -5.28
C TYR B 386 -35.75 -1.55 -6.13
N GLY B 387 -34.59 -1.62 -5.47
CA GLY B 387 -33.29 -1.55 -6.12
C GLY B 387 -32.68 -2.93 -6.30
N LEU B 388 -31.40 -2.97 -6.67
CA LEU B 388 -30.65 -4.21 -6.89
C LEU B 388 -30.58 -5.10 -5.64
N PHE B 389 -30.32 -4.48 -4.47
CA PHE B 389 -30.15 -5.24 -3.26
C PHE B 389 -31.39 -5.26 -2.35
N ASP B 390 -31.37 -6.12 -1.33
CA ASP B 390 -32.46 -6.32 -0.36
C ASP B 390 -32.87 -5.02 0.30
N LYS B 391 -34.20 -4.76 0.35
CA LYS B 391 -34.79 -3.58 0.98
C LYS B 391 -34.34 -3.51 2.43
N GLY B 392 -33.80 -2.37 2.82
CA GLY B 392 -33.31 -2.12 4.17
C GLY B 392 -31.97 -2.74 4.54
N SER B 393 -31.25 -3.33 3.57
CA SER B 393 -29.98 -4.02 3.86
C SER B 393 -28.73 -3.16 3.67
N PHE B 394 -28.85 -1.98 3.05
CA PHE B 394 -27.69 -1.16 2.79
C PHE B 394 -27.22 -0.45 4.05
N PHE B 395 -26.00 -0.81 4.51
CA PHE B 395 -25.33 -0.25 5.67
C PHE B 395 -24.13 0.55 5.14
N GLU B 396 -24.33 1.85 4.88
CA GLU B 396 -23.29 2.71 4.35
C GLU B 396 -22.20 3.01 5.38
N THR B 397 -20.93 3.05 4.95
CA THR B 397 -19.78 3.38 5.83
C THR B 397 -18.90 4.40 5.13
N LEU B 398 -18.02 5.09 5.91
CA LEU B 398 -17.12 6.15 5.41
C LEU B 398 -17.98 7.20 4.69
N SER B 399 -19.18 7.43 5.25
CA SER B 399 -20.19 8.30 4.70
C SER B 399 -19.88 9.78 4.90
N GLY B 400 -18.90 10.08 5.72
CA GLY B 400 -18.52 11.46 5.96
C GLY B 400 -17.37 11.95 5.13
N TRP B 401 -16.71 11.04 4.44
CA TRP B 401 -15.51 11.31 3.64
C TRP B 401 -15.64 10.87 2.20
N ALA B 402 -14.99 11.62 1.27
CA ALA B 402 -14.86 11.33 -0.17
C ALA B 402 -16.19 10.80 -0.75
N LYS B 403 -17.20 11.69 -0.70
CA LYS B 403 -18.60 11.43 -1.05
C LYS B 403 -18.85 11.13 -2.54
N GLY B 404 -17.83 11.27 -3.40
CA GLY B 404 -17.90 10.90 -4.81
C GLY B 404 -18.07 9.40 -5.02
N VAL B 405 -17.66 8.58 -4.02
CA VAL B 405 -17.83 7.13 -4.01
C VAL B 405 -18.69 6.75 -2.84
N VAL B 406 -19.57 5.73 -3.04
CA VAL B 406 -20.51 5.28 -2.02
C VAL B 406 -20.14 3.86 -1.66
N VAL B 407 -19.79 3.63 -0.40
CA VAL B 407 -19.38 2.29 0.04
C VAL B 407 -20.29 1.81 1.16
N GLY B 408 -20.52 0.51 1.18
CA GLY B 408 -21.33 -0.08 2.24
C GLY B 408 -21.48 -1.57 2.12
N ARG B 409 -22.16 -2.16 3.11
CA ARG B 409 -22.48 -3.58 3.11
C ARG B 409 -23.94 -3.63 2.69
N ALA B 410 -24.33 -4.68 1.98
CA ALA B 410 -25.71 -4.91 1.55
C ALA B 410 -25.92 -6.43 1.52
N ARG B 411 -27.15 -6.85 1.23
CA ARG B 411 -27.52 -8.25 1.08
C ARG B 411 -28.20 -8.40 -0.27
N LEU B 412 -27.92 -9.53 -0.95
CA LEU B 412 -28.50 -9.86 -2.25
C LEU B 412 -29.18 -11.19 -2.05
N GLY B 413 -30.51 -11.16 -1.90
CA GLY B 413 -31.29 -12.35 -1.59
C GLY B 413 -30.84 -12.99 -0.28
N GLY B 414 -30.29 -12.17 0.62
CA GLY B 414 -29.77 -12.64 1.91
C GLY B 414 -28.27 -12.85 1.98
N ILE B 415 -27.58 -12.89 0.80
CA ILE B 415 -26.12 -13.04 0.73
C ILE B 415 -25.46 -11.69 1.07
N PRO B 416 -24.63 -11.58 2.12
CA PRO B 416 -23.99 -10.27 2.41
C PRO B 416 -22.82 -10.01 1.46
N LEU B 417 -22.57 -8.73 1.19
CA LEU B 417 -21.46 -8.32 0.32
C LEU B 417 -21.13 -6.87 0.49
N GLY B 418 -19.92 -6.53 0.09
CA GLY B 418 -19.50 -5.15 0.05
C GLY B 418 -19.91 -4.58 -1.28
N VAL B 419 -20.36 -3.33 -1.28
CA VAL B 419 -20.84 -2.65 -2.47
C VAL B 419 -20.13 -1.31 -2.58
N ILE B 420 -19.67 -1.00 -3.81
CA ILE B 420 -19.07 0.26 -4.18
C ILE B 420 -19.87 0.80 -5.38
N GLY B 421 -20.37 2.02 -5.22
CA GLY B 421 -21.12 2.72 -6.26
C GLY B 421 -20.55 4.11 -6.47
N VAL B 422 -20.93 4.73 -7.59
CA VAL B 422 -20.43 6.06 -7.96
C VAL B 422 -21.50 7.14 -7.80
N GLU B 423 -21.21 8.15 -6.97
CA GLU B 423 -22.06 9.32 -6.79
C GLU B 423 -21.90 10.19 -8.07
N THR B 424 -22.96 10.29 -8.84
CA THR B 424 -23.02 11.00 -10.12
C THR B 424 -23.13 12.53 -9.93
N ARG B 425 -23.67 12.96 -8.77
CA ARG B 425 -23.84 14.37 -8.44
C ARG B 425 -22.51 14.95 -7.99
N THR B 426 -22.31 16.25 -8.27
CA THR B 426 -21.11 17.00 -7.87
C THR B 426 -21.03 17.03 -6.35
N VAL B 427 -19.85 16.74 -5.82
CA VAL B 427 -19.64 16.73 -4.38
C VAL B 427 -18.79 17.93 -3.99
N GLU B 428 -19.10 18.51 -2.86
CA GLU B 428 -18.32 19.62 -2.32
C GLU B 428 -17.95 19.36 -0.88
N ASN B 429 -16.69 19.68 -0.52
CA ASN B 429 -16.20 19.51 0.84
C ASN B 429 -15.48 20.75 1.32
N LEU B 430 -15.64 21.04 2.61
CA LEU B 430 -15.05 22.20 3.24
C LEU B 430 -13.74 21.86 3.93
N ILE B 431 -12.67 22.49 3.48
CA ILE B 431 -11.39 22.34 4.16
C ILE B 431 -11.44 23.42 5.25
N PRO B 432 -11.33 23.05 6.54
CA PRO B 432 -11.42 24.08 7.60
C PRO B 432 -10.21 25.02 7.63
N ALA B 433 -10.40 26.20 8.22
CA ALA B 433 -9.32 27.16 8.39
C ALA B 433 -8.63 26.80 9.71
N ASP B 434 -7.29 26.54 9.69
CA ASP B 434 -6.57 26.18 10.90
C ASP B 434 -6.32 27.42 11.77
N PRO B 435 -6.82 27.43 13.04
CA PRO B 435 -6.54 28.58 13.93
C PRO B 435 -5.04 28.88 14.12
N ALA B 436 -4.17 27.86 13.94
CA ALA B 436 -2.71 27.98 14.05
C ALA B 436 -2.12 28.90 12.99
N ASN B 437 -2.70 28.94 11.78
CA ASN B 437 -2.24 29.82 10.70
C ASN B 437 -3.28 30.92 10.45
N PRO B 438 -2.97 32.18 10.84
CA PRO B 438 -3.95 33.28 10.63
C PRO B 438 -4.17 33.60 9.15
N ASN B 439 -3.12 33.39 8.33
CA ASN B 439 -3.11 33.58 6.87
C ASN B 439 -4.05 32.59 6.16
N SER B 440 -4.33 31.43 6.80
CA SER B 440 -5.21 30.38 6.28
C SER B 440 -6.68 30.75 6.43
N ALA B 441 -7.46 30.47 5.36
CA ALA B 441 -8.91 30.67 5.28
C ALA B 441 -9.59 29.34 4.88
N GLU B 442 -10.91 29.21 5.12
CA GLU B 442 -11.63 27.99 4.76
C GLU B 442 -11.81 27.90 3.23
N THR B 443 -11.69 26.69 2.69
CA THR B 443 -11.77 26.43 1.25
C THR B 443 -12.85 25.43 0.90
N LEU B 444 -13.60 25.70 -0.18
CA LEU B 444 -14.63 24.78 -0.66
C LEU B 444 -14.13 24.14 -1.96
N ILE B 445 -14.00 22.81 -1.96
CA ILE B 445 -13.56 22.05 -3.13
C ILE B 445 -14.78 21.40 -3.75
N GLN B 446 -14.88 21.46 -5.08
CA GLN B 446 -15.96 20.88 -5.86
C GLN B 446 -15.37 19.79 -6.74
N GLN B 447 -15.97 18.60 -6.66
CA GLN B 447 -15.52 17.46 -7.45
C GLN B 447 -16.68 16.93 -8.28
N ALA B 448 -16.48 16.88 -9.59
CA ALA B 448 -17.43 16.35 -10.56
C ALA B 448 -17.65 14.85 -10.32
N GLY B 449 -18.87 14.40 -10.53
CA GLY B 449 -19.24 13.00 -10.41
C GLY B 449 -18.63 12.20 -11.54
N GLN B 450 -18.51 10.86 -11.31
CA GLN B 450 -17.97 9.89 -12.29
C GLN B 450 -16.51 10.13 -12.65
N VAL B 451 -15.77 10.80 -11.77
CA VAL B 451 -14.34 11.04 -11.90
C VAL B 451 -13.71 10.65 -10.55
N TRP B 452 -12.65 9.83 -10.59
CA TRP B 452 -11.91 9.48 -9.36
C TRP B 452 -10.91 10.58 -9.07
N PHE B 453 -10.94 11.09 -7.85
CA PHE B 453 -10.00 12.10 -7.36
C PHE B 453 -9.12 11.40 -6.31
N PRO B 454 -8.03 12.05 -5.79
CA PRO B 454 -7.22 11.37 -4.77
C PRO B 454 -8.01 10.77 -3.61
N ASN B 455 -8.96 11.53 -3.02
CA ASN B 455 -9.72 11.08 -1.85
C ASN B 455 -10.67 9.94 -2.18
N SER B 456 -11.38 10.01 -3.32
CA SER B 456 -12.33 8.95 -3.68
C SER B 456 -11.60 7.70 -4.18
N ALA B 457 -10.39 7.86 -4.74
CA ALA B 457 -9.56 6.71 -5.14
C ALA B 457 -9.06 6.00 -3.85
N PHE B 458 -8.62 6.80 -2.86
CA PHE B 458 -8.19 6.30 -1.56
C PHE B 458 -9.35 5.59 -0.85
N LYS B 459 -10.56 6.19 -0.86
CA LYS B 459 -11.75 5.57 -0.26
C LYS B 459 -12.10 4.21 -0.89
N THR B 460 -12.04 4.13 -2.23
CA THR B 460 -12.31 2.91 -3.00
C THR B 460 -11.32 1.83 -2.57
N ALA B 461 -10.01 2.14 -2.56
CA ALA B 461 -8.97 1.16 -2.14
C ALA B 461 -9.18 0.73 -0.71
N GLN B 462 -9.53 1.69 0.17
CA GLN B 462 -9.80 1.42 1.59
C GLN B 462 -10.95 0.44 1.75
N ALA B 463 -12.05 0.72 1.04
CA ALA B 463 -13.25 -0.13 1.05
C ALA B 463 -12.91 -1.54 0.60
N ILE B 464 -12.22 -1.71 -0.55
CA ILE B 464 -11.80 -3.04 -1.04
C ILE B 464 -11.04 -3.80 0.05
N ASN B 465 -10.05 -3.16 0.66
CA ASN B 465 -9.24 -3.72 1.74
C ASN B 465 -10.06 -4.07 2.98
N ASP B 466 -10.99 -3.19 3.39
CA ASP B 466 -11.81 -3.46 4.57
C ASP B 466 -12.87 -4.57 4.36
N PHE B 467 -13.34 -4.79 3.12
CA PHE B 467 -14.29 -5.90 2.83
C PHE B 467 -13.53 -7.21 2.84
N ASN B 468 -12.28 -7.15 2.40
CA ASN B 468 -11.42 -8.31 2.25
C ASN B 468 -10.87 -8.83 3.57
N ASN B 469 -10.18 -7.95 4.30
CA ASN B 469 -9.55 -8.29 5.58
C ASN B 469 -10.58 -8.29 6.66
N GLY B 470 -10.56 -9.36 7.43
CA GLY B 470 -11.43 -9.58 8.58
C GLY B 470 -12.87 -9.82 8.23
N GLU B 471 -13.49 -8.93 7.42
CA GLU B 471 -14.88 -9.07 6.97
C GLU B 471 -15.03 -10.29 6.04
N GLN B 472 -14.02 -10.58 5.19
CA GLN B 472 -13.96 -11.71 4.24
C GLN B 472 -15.22 -11.83 3.36
N LEU B 473 -15.66 -10.71 2.85
CA LEU B 473 -16.86 -10.62 2.07
C LEU B 473 -16.62 -10.65 0.57
N PRO B 474 -17.60 -11.16 -0.23
CA PRO B 474 -17.51 -10.96 -1.70
C PRO B 474 -17.81 -9.48 -1.96
N MET B 475 -17.61 -9.01 -3.20
CA MET B 475 -17.84 -7.60 -3.47
C MET B 475 -18.47 -7.35 -4.84
N MET B 476 -19.25 -6.26 -4.95
CA MET B 476 -19.74 -5.78 -6.22
C MET B 476 -19.39 -4.32 -6.37
N ILE B 477 -18.75 -3.99 -7.50
CA ILE B 477 -18.46 -2.61 -7.86
C ILE B 477 -19.35 -2.26 -9.05
N LEU B 478 -20.22 -1.26 -8.86
CA LEU B 478 -21.09 -0.71 -9.88
C LEU B 478 -20.24 0.35 -10.57
N ALA B 479 -19.29 -0.12 -11.40
CA ALA B 479 -18.28 0.70 -12.08
C ALA B 479 -18.87 1.77 -13.00
N ASN B 480 -18.64 3.04 -12.67
CA ASN B 480 -19.19 4.15 -13.42
C ASN B 480 -18.28 5.38 -13.33
N TRP B 481 -17.05 5.25 -13.86
CA TRP B 481 -16.04 6.29 -13.84
C TRP B 481 -15.53 6.60 -15.27
N ARG B 482 -15.44 7.88 -15.61
CA ARG B 482 -14.91 8.39 -16.87
C ARG B 482 -13.36 8.28 -16.84
N GLY B 483 -12.80 8.16 -15.64
CA GLY B 483 -11.37 8.04 -15.42
C GLY B 483 -10.95 8.68 -14.12
N PHE B 484 -9.65 8.96 -14.00
CA PHE B 484 -9.03 9.64 -12.86
C PHE B 484 -8.81 11.08 -13.28
N SER B 485 -8.95 12.02 -12.36
CA SER B 485 -8.69 13.44 -12.63
C SER B 485 -7.23 13.64 -13.01
N GLY B 486 -7.02 14.10 -14.24
CA GLY B 486 -5.69 14.34 -14.79
C GLY B 486 -5.24 15.78 -14.75
N GLY B 487 -5.99 16.63 -14.06
CA GLY B 487 -5.67 18.04 -13.88
C GLY B 487 -4.49 18.24 -12.95
N GLN B 488 -3.87 19.44 -12.98
CA GLN B 488 -2.70 19.78 -12.19
C GLN B 488 -2.82 19.52 -10.68
N ARG B 489 -3.87 20.05 -10.03
CA ARG B 489 -4.08 19.90 -8.60
C ARG B 489 -4.11 18.44 -8.17
N ASP B 490 -4.91 17.62 -8.86
CA ASP B 490 -5.12 16.23 -8.50
C ASP B 490 -3.92 15.36 -8.82
N MET B 491 -3.18 15.68 -9.91
CA MET B 491 -1.93 15.01 -10.27
C MET B 491 -0.87 15.34 -9.23
N PHE B 492 -0.77 16.63 -8.84
CA PHE B 492 0.15 17.10 -7.80
C PHE B 492 -0.19 16.44 -6.46
N ASN B 493 -1.50 16.25 -6.20
CA ASN B 493 -2.02 15.60 -4.99
C ASN B 493 -2.01 14.06 -5.09
N GLU B 494 -1.16 13.52 -6.00
CA GLU B 494 -0.79 12.11 -6.12
C GLU B 494 -1.91 11.15 -6.47
N VAL B 495 -2.85 11.57 -7.36
CA VAL B 495 -3.96 10.68 -7.76
C VAL B 495 -3.44 9.27 -8.24
N LEU B 496 -2.24 9.22 -8.86
CA LEU B 496 -1.60 7.99 -9.36
C LEU B 496 -1.28 6.99 -8.26
N LYS B 497 -0.91 7.50 -7.08
CA LYS B 497 -0.57 6.66 -5.92
C LYS B 497 -1.84 5.99 -5.38
N TYR B 498 -2.93 6.76 -5.25
CA TYR B 498 -4.21 6.30 -4.71
C TYR B 498 -4.91 5.37 -5.69
N GLY B 499 -4.78 5.67 -6.97
CA GLY B 499 -5.31 4.80 -8.02
C GLY B 499 -4.59 3.47 -8.03
N SER B 500 -3.27 3.48 -7.78
CA SER B 500 -2.46 2.26 -7.71
C SER B 500 -2.81 1.38 -6.53
N PHE B 501 -3.24 1.99 -5.40
CA PHE B 501 -3.68 1.26 -4.20
C PHE B 501 -4.88 0.36 -4.54
N ILE B 502 -5.74 0.79 -5.51
CA ILE B 502 -6.92 0.06 -5.96
C ILE B 502 -6.49 -1.27 -6.57
N VAL B 503 -5.48 -1.25 -7.45
CA VAL B 503 -4.90 -2.44 -8.09
C VAL B 503 -4.39 -3.40 -7.00
N ASP B 504 -3.58 -2.87 -6.06
CA ASP B 504 -3.02 -3.61 -4.94
C ASP B 504 -4.11 -4.29 -4.12
N ALA B 505 -5.18 -3.54 -3.82
CA ALA B 505 -6.30 -4.03 -3.01
C ALA B 505 -7.00 -5.20 -3.72
N LEU B 506 -7.18 -5.07 -5.07
CA LEU B 506 -7.79 -6.08 -5.92
C LEU B 506 -6.90 -7.34 -6.02
N VAL B 507 -5.59 -7.17 -6.22
CA VAL B 507 -4.64 -8.30 -6.29
C VAL B 507 -4.75 -9.17 -5.04
N ASP B 508 -4.97 -8.55 -3.87
CA ASP B 508 -5.03 -9.20 -2.57
C ASP B 508 -6.38 -9.84 -2.23
N TYR B 509 -7.46 -9.45 -2.98
CA TYR B 509 -8.80 -9.90 -2.70
C TYR B 509 -8.95 -11.42 -2.77
N LYS B 510 -9.62 -12.00 -1.78
CA LYS B 510 -9.72 -13.45 -1.65
C LYS B 510 -11.15 -14.02 -1.74
N GLN B 511 -12.13 -13.18 -2.08
CA GLN B 511 -13.53 -13.63 -2.23
C GLN B 511 -14.03 -13.20 -3.62
N PRO B 512 -15.14 -13.79 -4.12
CA PRO B 512 -15.65 -13.38 -5.44
C PRO B 512 -15.89 -11.88 -5.60
N ILE B 513 -15.50 -11.36 -6.77
CA ILE B 513 -15.69 -9.96 -7.15
C ILE B 513 -16.53 -9.92 -8.41
N ILE B 514 -17.48 -8.98 -8.45
CA ILE B 514 -18.31 -8.69 -9.61
C ILE B 514 -18.13 -7.23 -9.96
N ILE B 515 -17.67 -6.96 -11.18
CA ILE B 515 -17.57 -5.61 -11.72
C ILE B 515 -18.74 -5.51 -12.71
N TYR B 516 -19.63 -4.54 -12.49
CA TYR B 516 -20.79 -4.37 -13.35
C TYR B 516 -20.92 -2.93 -13.77
N ILE B 517 -20.77 -2.67 -15.07
CA ILE B 517 -21.00 -1.30 -15.60
C ILE B 517 -22.54 -1.21 -15.72
N PRO B 518 -23.20 -0.37 -14.90
CA PRO B 518 -24.67 -0.37 -14.90
C PRO B 518 -25.31 0.45 -16.03
N PRO B 519 -26.67 0.44 -16.17
CA PRO B 519 -27.31 1.29 -17.20
C PRO B 519 -26.93 2.75 -16.97
N THR B 520 -26.65 3.50 -18.06
CA THR B 520 -26.17 4.90 -18.08
C THR B 520 -24.71 4.98 -17.62
N GLY B 521 -24.14 3.84 -17.24
CA GLY B 521 -22.78 3.79 -16.76
C GLY B 521 -21.76 3.73 -17.87
N GLU B 522 -20.51 4.03 -17.49
CA GLU B 522 -19.37 3.99 -18.38
C GLU B 522 -18.09 3.61 -17.66
N LEU B 523 -17.11 3.20 -18.43
CA LEU B 523 -15.76 2.91 -17.99
C LEU B 523 -14.87 3.32 -19.14
N ARG B 524 -13.87 4.18 -18.90
CA ARG B 524 -12.95 4.63 -19.95
C ARG B 524 -11.54 4.19 -19.68
N GLY B 525 -10.61 4.58 -20.54
CA GLY B 525 -9.20 4.21 -20.48
C GLY B 525 -8.57 4.16 -19.11
N GLY B 526 -8.65 5.26 -18.36
CA GLY B 526 -8.05 5.34 -17.04
C GLY B 526 -8.76 4.56 -15.95
N SER B 527 -10.10 4.47 -16.03
CA SER B 527 -10.88 3.75 -15.01
C SER B 527 -10.96 2.25 -15.25
N TRP B 528 -10.98 1.81 -16.53
CA TRP B 528 -11.05 0.40 -16.84
C TRP B 528 -9.78 -0.31 -16.34
N VAL B 529 -8.60 0.30 -16.53
CA VAL B 529 -7.31 -0.29 -16.12
C VAL B 529 -7.30 -0.77 -14.65
N VAL B 530 -7.90 -0.02 -13.72
CA VAL B 530 -7.81 -0.41 -12.32
C VAL B 530 -8.90 -1.40 -11.88
N VAL B 531 -9.86 -1.76 -12.76
CA VAL B 531 -10.92 -2.72 -12.36
C VAL B 531 -11.01 -3.95 -13.27
N ASP B 532 -10.14 -4.08 -14.28
CA ASP B 532 -10.17 -5.22 -15.18
C ASP B 532 -10.01 -6.55 -14.43
N PRO B 533 -10.80 -7.56 -14.79
CA PRO B 533 -10.68 -8.86 -14.09
C PRO B 533 -9.35 -9.59 -14.26
N THR B 534 -8.48 -9.17 -15.20
CA THR B 534 -7.16 -9.84 -15.33
C THR B 534 -6.19 -9.46 -14.21
N ILE B 535 -6.54 -8.42 -13.41
CA ILE B 535 -5.79 -8.02 -12.21
C ILE B 535 -5.83 -9.20 -11.21
N ASN B 536 -7.00 -9.85 -11.07
CA ASN B 536 -7.19 -10.99 -10.17
C ASN B 536 -8.20 -11.94 -10.80
N ALA B 537 -7.73 -12.71 -11.78
CA ALA B 537 -8.54 -13.63 -12.57
C ALA B 537 -9.16 -14.76 -11.74
N ASP B 538 -8.56 -15.11 -10.60
CA ASP B 538 -9.12 -16.13 -9.73
C ASP B 538 -10.41 -15.69 -9.05
N GLN B 539 -10.61 -14.37 -8.85
CA GLN B 539 -11.77 -13.89 -8.13
C GLN B 539 -12.65 -12.92 -8.87
N MET B 540 -12.10 -12.21 -9.87
CA MET B 540 -12.83 -11.15 -10.58
C MET B 540 -13.57 -11.60 -11.85
N GLU B 541 -14.69 -10.91 -12.15
CA GLU B 541 -15.56 -11.06 -13.33
C GLU B 541 -16.16 -9.72 -13.68
N MET B 542 -16.29 -9.45 -14.96
CA MET B 542 -16.92 -8.22 -15.41
C MET B 542 -18.16 -8.49 -16.24
N TYR B 543 -19.16 -7.60 -16.09
CA TYR B 543 -20.41 -7.60 -16.81
C TYR B 543 -20.66 -6.16 -17.19
N ALA B 544 -21.44 -5.94 -18.26
CA ALA B 544 -21.80 -4.60 -18.68
C ALA B 544 -23.25 -4.61 -19.02
N ASP B 545 -23.95 -3.58 -18.60
CA ASP B 545 -25.35 -3.45 -18.95
C ASP B 545 -25.46 -3.15 -20.45
N VAL B 546 -26.54 -3.60 -21.01
CA VAL B 546 -26.98 -3.41 -22.38
C VAL B 546 -26.98 -1.86 -22.70
N ASN B 547 -27.24 -1.00 -21.68
CA ASN B 547 -27.17 0.46 -21.84
C ASN B 547 -25.91 1.09 -21.21
N ALA B 548 -24.82 0.32 -21.15
CA ALA B 548 -23.53 0.79 -20.66
C ALA B 548 -22.62 1.23 -21.86
N ARG B 549 -21.51 1.93 -21.55
CA ARG B 549 -20.52 2.34 -22.55
C ARG B 549 -19.11 2.09 -22.04
N ALA B 550 -18.20 1.75 -22.97
CA ALA B 550 -16.78 1.56 -22.68
C ALA B 550 -15.92 1.64 -23.93
N GLY B 551 -14.83 2.37 -23.78
CA GLY B 551 -13.81 2.57 -24.79
C GLY B 551 -12.65 3.26 -24.12
N VAL B 552 -11.53 3.37 -24.83
CA VAL B 552 -10.32 4.00 -24.32
C VAL B 552 -10.64 5.48 -24.05
N LEU B 553 -11.19 6.15 -25.06
CA LEU B 553 -11.59 7.55 -24.94
C LEU B 553 -13.09 7.65 -25.08
N GLU B 554 -13.65 8.82 -24.74
CA GLU B 554 -15.05 9.16 -24.95
C GLU B 554 -15.20 9.45 -26.48
N PRO B 555 -16.39 9.34 -27.12
CA PRO B 555 -16.49 9.55 -28.59
C PRO B 555 -15.79 10.81 -29.12
N GLU B 556 -15.87 11.94 -28.41
CA GLU B 556 -15.19 13.19 -28.86
C GLU B 556 -13.68 13.01 -28.98
N GLY B 557 -13.10 12.22 -28.07
CA GLY B 557 -11.68 11.90 -28.06
C GLY B 557 -11.29 11.03 -29.22
N THR B 558 -11.99 9.91 -29.42
CA THR B 558 -11.76 8.95 -30.52
C THR B 558 -11.79 9.60 -31.91
N VAL B 559 -12.79 10.46 -32.17
CA VAL B 559 -12.89 11.09 -33.48
C VAL B 559 -11.71 12.06 -33.66
N GLU B 560 -11.33 12.72 -32.57
CA GLU B 560 -10.17 13.63 -32.62
C GLU B 560 -8.87 12.91 -33.07
N ILE B 561 -8.72 11.61 -32.71
CA ILE B 561 -7.52 10.83 -33.02
C ILE B 561 -7.70 9.97 -34.27
N LYS B 562 -8.87 9.34 -34.43
CA LYS B 562 -9.09 8.37 -35.50
C LYS B 562 -10.14 8.73 -36.57
N PHE B 563 -10.84 9.89 -36.46
CA PHE B 563 -11.81 10.30 -37.49
C PHE B 563 -11.60 11.79 -37.81
N ARG B 564 -10.42 12.08 -38.36
CA ARG B 564 -9.99 13.43 -38.67
C ARG B 564 -10.52 13.95 -40.04
N ARG B 565 -10.06 15.16 -40.44
CA ARG B 565 -10.43 15.90 -41.64
C ARG B 565 -10.53 15.05 -42.90
N GLU B 566 -9.43 14.38 -43.28
CA GLU B 566 -9.39 13.52 -44.47
C GLU B 566 -10.52 12.49 -44.48
N LYS B 567 -10.83 11.86 -43.32
CA LYS B 567 -11.91 10.88 -43.22
C LYS B 567 -13.28 11.54 -43.37
N LEU B 568 -13.45 12.72 -42.75
CA LEU B 568 -14.65 13.56 -42.81
C LEU B 568 -14.92 14.00 -44.28
N LEU B 569 -13.86 14.40 -45.03
CA LEU B 569 -13.96 14.81 -46.45
C LEU B 569 -14.30 13.64 -47.34
N ASP B 570 -13.69 12.47 -47.08
CA ASP B 570 -13.92 11.24 -47.84
C ASP B 570 -15.37 10.75 -47.70
N THR B 571 -15.96 11.01 -46.54
CA THR B 571 -17.36 10.65 -46.23
C THR B 571 -18.30 11.63 -46.97
N MET B 572 -17.92 12.92 -47.01
CA MET B 572 -18.68 13.97 -47.71
C MET B 572 -18.68 13.65 -49.20
N ASN B 573 -17.53 13.19 -49.71
CA ASN B 573 -17.43 12.78 -51.09
C ASN B 573 -18.31 11.59 -51.39
N ARG B 574 -18.52 10.68 -50.41
CA ARG B 574 -19.37 9.50 -50.59
C ARG B 574 -20.86 9.80 -50.45
N LEU B 575 -21.22 10.61 -49.46
CA LEU B 575 -22.59 10.83 -49.00
C LEU B 575 -23.26 12.18 -49.38
N ASP B 576 -22.46 13.17 -49.83
CA ASP B 576 -23.02 14.46 -50.21
C ASP B 576 -22.93 14.71 -51.72
N ASP B 577 -24.11 14.87 -52.36
CA ASP B 577 -24.28 15.14 -53.81
C ASP B 577 -23.50 16.37 -54.26
N LYS B 578 -23.73 17.53 -53.58
CA LYS B 578 -23.05 18.80 -53.87
C LYS B 578 -21.54 18.69 -53.78
N TYR B 579 -21.01 18.13 -52.66
CA TYR B 579 -19.56 17.96 -52.44
C TYR B 579 -18.95 17.06 -53.53
N ARG B 580 -19.59 15.89 -53.79
CA ARG B 580 -19.15 14.89 -54.76
C ARG B 580 -19.12 15.49 -56.17
N GLU B 581 -20.19 16.25 -56.55
CA GLU B 581 -20.30 16.91 -57.86
C GLU B 581 -19.15 17.90 -58.11
N LEU B 582 -18.91 18.79 -57.13
CA LEU B 582 -17.86 19.81 -57.14
C LEU B 582 -16.47 19.20 -57.24
N ARG B 583 -16.19 18.13 -56.42
CA ARG B 583 -14.91 17.41 -56.42
C ARG B 583 -14.71 16.80 -57.78
N SER B 584 -15.78 16.25 -58.35
CA SER B 584 -15.82 15.65 -59.69
C SER B 584 -15.42 16.69 -60.78
N GLN B 585 -15.95 17.95 -60.68
CA GLN B 585 -15.65 19.05 -61.62
C GLN B 585 -14.15 19.40 -61.71
N LEU B 586 -13.36 19.14 -60.61
CA LEU B 586 -11.91 19.41 -60.55
C LEU B 586 -11.07 18.42 -61.36
N SER B 587 -11.68 17.39 -61.95
CA SER B 587 -10.98 16.44 -62.80
C SER B 587 -10.75 16.94 -64.22
N ASN B 588 -11.52 17.95 -64.68
CA ASN B 588 -11.35 18.53 -66.03
C ASN B 588 -9.98 19.22 -66.16
N LYS B 589 -9.24 18.85 -67.21
CA LYS B 589 -7.88 19.36 -67.46
C LYS B 589 -7.84 20.57 -68.42
N SER B 590 -9.01 21.05 -68.88
CA SER B 590 -9.11 22.19 -69.79
C SER B 590 -9.63 23.47 -69.08
N LEU B 591 -9.96 23.36 -67.78
CA LEU B 591 -10.45 24.47 -66.94
C LEU B 591 -9.53 25.69 -66.92
N ALA B 592 -10.13 26.88 -66.82
CA ALA B 592 -9.36 28.11 -66.72
C ALA B 592 -8.99 28.23 -65.25
N PRO B 593 -7.77 28.70 -64.89
CA PRO B 593 -7.37 28.75 -63.47
C PRO B 593 -8.35 29.43 -62.51
N GLU B 594 -9.03 30.47 -62.98
CA GLU B 594 -10.03 31.21 -62.20
C GLU B 594 -11.32 30.42 -62.04
N VAL B 595 -11.62 29.53 -63.00
CA VAL B 595 -12.80 28.65 -62.88
C VAL B 595 -12.45 27.57 -61.82
N HIS B 596 -11.21 27.01 -61.89
CA HIS B 596 -10.64 26.03 -60.97
C HIS B 596 -10.67 26.58 -59.53
N GLN B 597 -10.21 27.83 -59.35
CA GLN B 597 -10.21 28.45 -58.03
C GLN B 597 -11.64 28.60 -57.47
N GLN B 598 -12.61 28.89 -58.35
CA GLN B 598 -13.99 29.04 -57.91
C GLN B 598 -14.64 27.69 -57.54
N ILE B 599 -14.27 26.59 -58.22
CA ILE B 599 -14.79 25.24 -57.91
C ILE B 599 -14.27 24.83 -56.51
N SER B 600 -12.95 25.03 -56.30
CA SER B 600 -12.21 24.77 -55.07
C SER B 600 -12.76 25.54 -53.90
N LYS B 601 -13.14 26.82 -54.14
CA LYS B 601 -13.73 27.71 -53.14
C LYS B 601 -15.12 27.19 -52.75
N GLN B 602 -15.90 26.76 -53.74
CA GLN B 602 -17.24 26.20 -53.55
C GLN B 602 -17.18 24.89 -52.77
N LEU B 603 -16.18 24.01 -53.12
CA LEU B 603 -15.88 22.73 -52.48
C LEU B 603 -15.55 22.98 -50.99
N ALA B 604 -14.68 23.95 -50.72
CA ALA B 604 -14.28 24.33 -49.37
C ALA B 604 -15.46 24.96 -48.58
N ASP B 605 -16.35 25.70 -49.27
CA ASP B 605 -17.52 26.32 -48.64
C ASP B 605 -18.51 25.26 -48.22
N ARG B 606 -18.68 24.22 -49.08
CA ARG B 606 -19.57 23.08 -48.87
C ARG B 606 -19.05 22.27 -47.66
N GLU B 607 -17.72 22.05 -47.60
CA GLU B 607 -17.01 21.35 -46.52
C GLU B 607 -17.32 22.02 -45.17
N ARG B 608 -17.25 23.37 -45.13
CA ARG B 608 -17.51 24.19 -43.96
C ARG B 608 -18.97 24.01 -43.50
N GLU B 609 -19.92 23.98 -44.46
CA GLU B 609 -21.35 23.79 -44.21
C GLU B 609 -21.63 22.43 -43.58
N LEU B 610 -20.89 21.38 -44.05
CA LEU B 610 -21.10 19.99 -43.65
C LEU B 610 -20.34 19.54 -42.41
N LEU B 611 -19.25 20.21 -42.03
CA LEU B 611 -18.40 19.87 -40.89
C LEU B 611 -19.18 19.61 -39.56
N PRO B 612 -20.15 20.45 -39.11
CA PRO B 612 -20.89 20.13 -37.88
C PRO B 612 -21.66 18.81 -37.89
N ILE B 613 -22.47 18.54 -38.95
CA ILE B 613 -23.30 17.35 -39.00
C ILE B 613 -22.46 16.09 -39.25
N TYR B 614 -21.41 16.20 -40.06
CA TYR B 614 -20.51 15.08 -40.34
C TYR B 614 -19.67 14.71 -39.08
N GLY B 615 -19.43 15.72 -38.24
CA GLY B 615 -18.80 15.56 -36.94
C GLY B 615 -19.69 14.73 -36.04
N GLN B 616 -21.01 15.02 -36.06
CA GLN B 616 -22.02 14.27 -35.29
C GLN B 616 -22.13 12.79 -35.76
N ILE B 617 -22.01 12.59 -37.06
CA ILE B 617 -22.06 11.27 -37.68
C ILE B 617 -20.86 10.48 -37.15
N SER B 618 -19.67 11.11 -37.18
CA SER B 618 -18.43 10.49 -36.73
C SER B 618 -18.51 10.13 -35.24
N LEU B 619 -19.23 10.96 -34.42
CA LEU B 619 -19.46 10.70 -32.99
C LEU B 619 -20.31 9.47 -32.79
N GLN B 620 -21.34 9.28 -33.63
CA GLN B 620 -22.20 8.10 -33.56
C GLN B 620 -21.46 6.89 -34.01
N PHE B 621 -20.66 7.04 -35.09
CA PHE B 621 -19.83 5.98 -35.65
C PHE B 621 -18.88 5.48 -34.51
N ALA B 622 -18.27 6.41 -33.77
CA ALA B 622 -17.39 6.12 -32.64
C ALA B 622 -18.19 5.43 -31.53
N ASP B 623 -19.32 6.03 -31.08
CA ASP B 623 -20.20 5.49 -30.04
C ASP B 623 -20.69 4.04 -30.31
N LEU B 624 -20.82 3.66 -31.59
CA LEU B 624 -21.28 2.32 -31.95
C LEU B 624 -20.24 1.23 -31.67
N HIS B 625 -18.98 1.64 -31.45
CA HIS B 625 -17.89 0.71 -31.09
C HIS B 625 -17.89 0.43 -29.58
N ASP B 626 -18.40 1.39 -28.79
CA ASP B 626 -18.39 1.44 -27.33
C ASP B 626 -19.50 0.66 -26.63
N ARG B 627 -20.09 -0.31 -27.32
CA ARG B 627 -21.24 -1.06 -26.80
C ARG B 627 -20.90 -2.35 -26.09
N SER B 628 -21.81 -2.82 -25.21
CA SER B 628 -21.65 -4.10 -24.47
C SER B 628 -21.48 -5.30 -25.43
N SER B 629 -22.08 -5.22 -26.64
CA SER B 629 -21.98 -6.24 -27.69
C SER B 629 -20.57 -6.35 -28.23
N ARG B 630 -19.86 -5.20 -28.44
CA ARG B 630 -18.44 -5.30 -28.84
C ARG B 630 -17.66 -5.91 -27.67
N MET B 631 -17.98 -5.50 -26.39
CA MET B 631 -17.30 -6.01 -25.19
C MET B 631 -17.40 -7.54 -25.12
N VAL B 632 -18.62 -8.08 -25.37
CA VAL B 632 -18.89 -9.53 -25.40
C VAL B 632 -18.10 -10.17 -26.53
N ALA B 633 -18.16 -9.58 -27.74
CA ALA B 633 -17.47 -10.13 -28.91
C ALA B 633 -15.97 -10.21 -28.71
N LYS B 634 -15.40 -9.22 -27.99
CA LYS B 634 -13.96 -9.15 -27.72
C LYS B 634 -13.54 -10.03 -26.55
N GLY B 635 -14.49 -10.61 -25.83
CA GLY B 635 -14.22 -11.49 -24.70
C GLY B 635 -13.68 -10.80 -23.46
N VAL B 636 -14.00 -9.49 -23.28
CA VAL B 636 -13.53 -8.68 -22.14
C VAL B 636 -14.55 -8.67 -20.97
N ILE B 637 -15.81 -9.05 -21.24
CA ILE B 637 -16.85 -9.20 -20.20
C ILE B 637 -17.41 -10.61 -20.30
N SER B 638 -17.97 -11.14 -19.23
CA SER B 638 -18.54 -12.48 -19.22
C SER B 638 -19.92 -12.49 -19.91
N LYS B 639 -20.78 -11.46 -19.67
CA LYS B 639 -22.11 -11.33 -20.28
C LYS B 639 -22.53 -9.88 -20.33
N GLU B 640 -23.43 -9.55 -21.27
CA GLU B 640 -24.10 -8.26 -21.30
C GLU B 640 -25.41 -8.47 -20.55
N LEU B 641 -25.82 -7.51 -19.75
CA LEU B 641 -27.01 -7.75 -18.93
C LEU B 641 -28.05 -6.70 -19.06
N GLU B 642 -29.27 -7.05 -18.65
CA GLU B 642 -30.41 -6.17 -18.55
C GLU B 642 -30.59 -5.90 -17.07
N TRP B 643 -30.49 -4.61 -16.72
CA TRP B 643 -30.63 -4.08 -15.37
C TRP B 643 -31.82 -4.65 -14.59
N THR B 644 -33.02 -4.72 -15.20
CA THR B 644 -34.21 -5.21 -14.49
C THR B 644 -34.08 -6.65 -14.07
N GLU B 645 -33.29 -7.42 -14.82
CA GLU B 645 -33.04 -8.84 -14.53
C GLU B 645 -31.74 -9.11 -13.72
N ALA B 646 -30.93 -8.05 -13.44
CA ALA B 646 -29.63 -8.14 -12.75
C ALA B 646 -29.68 -8.77 -11.36
N ARG B 647 -30.71 -8.45 -10.57
CA ARG B 647 -30.88 -9.04 -9.24
C ARG B 647 -31.00 -10.54 -9.31
N ARG B 648 -31.87 -11.04 -10.19
CA ARG B 648 -32.08 -12.47 -10.38
C ARG B 648 -30.80 -13.12 -10.90
N PHE B 649 -30.13 -12.46 -11.86
CA PHE B 649 -28.88 -12.98 -12.42
C PHE B 649 -27.74 -13.05 -11.36
N PHE B 650 -27.48 -11.94 -10.68
CA PHE B 650 -26.38 -11.86 -9.69
C PHE B 650 -26.61 -12.69 -8.46
N PHE B 651 -27.86 -12.86 -8.03
CA PHE B 651 -28.15 -13.71 -6.89
C PHE B 651 -27.64 -15.14 -7.14
N TRP B 652 -27.99 -15.73 -8.29
CA TRP B 652 -27.60 -17.09 -8.61
C TRP B 652 -26.15 -17.20 -9.02
N ARG B 653 -25.61 -16.14 -9.65
CA ARG B 653 -24.19 -16.13 -9.99
C ARG B 653 -23.37 -16.15 -8.68
N LEU B 654 -23.70 -15.25 -7.75
CA LEU B 654 -22.97 -15.17 -6.48
C LEU B 654 -23.12 -16.43 -5.63
N ARG B 655 -24.37 -16.97 -5.55
CA ARG B 655 -24.63 -18.19 -4.81
C ARG B 655 -23.79 -19.37 -5.35
N ARG B 656 -23.76 -19.54 -6.69
CA ARG B 656 -23.02 -20.59 -7.37
C ARG B 656 -21.48 -20.42 -7.12
N ARG B 657 -20.96 -19.17 -7.21
CA ARG B 657 -19.54 -18.85 -6.94
C ARG B 657 -19.16 -19.15 -5.51
N LEU B 658 -20.02 -18.77 -4.53
CA LEU B 658 -19.75 -19.10 -3.10
C LEU B 658 -19.68 -20.58 -2.91
N ASN B 659 -20.53 -21.32 -3.63
CA ASN B 659 -20.56 -22.77 -3.55
C ASN B 659 -19.32 -23.39 -4.15
N GLU B 660 -18.94 -22.94 -5.35
CA GLU B 660 -17.74 -23.43 -6.04
C GLU B 660 -16.44 -23.06 -5.28
N GLU B 661 -16.43 -21.89 -4.62
CA GLU B 661 -15.28 -21.44 -3.82
C GLU B 661 -15.05 -22.39 -2.66
N TYR B 662 -16.14 -22.76 -1.97
CA TYR B 662 -16.16 -23.70 -0.85
C TYR B 662 -15.52 -25.03 -1.28
N LEU B 663 -15.92 -25.55 -2.45
CA LEU B 663 -15.40 -26.80 -2.99
C LEU B 663 -13.91 -26.70 -3.33
N ILE B 664 -13.46 -25.56 -3.90
CA ILE B 664 -12.03 -25.31 -4.24
C ILE B 664 -11.15 -25.38 -2.96
N LYS B 665 -11.60 -24.74 -1.88
CA LYS B 665 -10.89 -24.74 -0.61
C LYS B 665 -10.79 -26.12 -0.03
N ARG B 666 -11.91 -26.87 -0.03
CA ARG B 666 -11.98 -28.25 0.46
C ARG B 666 -11.02 -29.12 -0.33
N LEU B 667 -11.01 -28.97 -1.65
CA LEU B 667 -10.10 -29.71 -2.50
C LEU B 667 -8.64 -29.30 -2.25
N SER B 668 -8.39 -28.01 -1.91
CA SER B 668 -7.03 -27.50 -1.66
C SER B 668 -6.36 -28.27 -0.52
N HIS B 669 -7.13 -28.55 0.54
CA HIS B 669 -6.73 -29.27 1.73
C HIS B 669 -6.39 -30.74 1.45
N GLN B 670 -7.25 -31.45 0.69
CA GLN B 670 -7.03 -32.86 0.31
C GLN B 670 -5.80 -33.06 -0.60
N VAL B 671 -5.48 -32.06 -1.47
CA VAL B 671 -4.34 -32.09 -2.40
C VAL B 671 -3.48 -30.87 -2.12
N ALA B 674 -1.37 -27.52 -6.66
CA ALA B 674 -2.41 -27.45 -7.70
C ALA B 674 -2.91 -26.03 -7.96
N SER B 675 -3.03 -25.67 -9.25
CA SER B 675 -3.52 -24.36 -9.67
C SER B 675 -5.05 -24.25 -9.55
N ARG B 676 -5.59 -23.01 -9.56
CA ARG B 676 -7.06 -22.82 -9.52
C ARG B 676 -7.69 -23.43 -10.77
N LEU B 677 -7.06 -23.25 -11.94
CA LEU B 677 -7.52 -23.81 -13.20
C LEU B 677 -7.73 -25.32 -13.06
N GLU B 678 -6.74 -26.00 -12.45
CA GLU B 678 -6.75 -27.44 -12.21
C GLU B 678 -7.79 -27.85 -11.17
N LYS B 679 -7.97 -27.04 -10.11
CA LYS B 679 -8.91 -27.32 -9.03
C LYS B 679 -10.39 -27.22 -9.45
N ILE B 680 -10.82 -26.16 -10.21
CA ILE B 680 -12.22 -26.09 -10.64
C ILE B 680 -12.49 -27.10 -11.70
N ALA B 681 -11.51 -27.36 -12.57
CA ALA B 681 -11.68 -28.35 -13.63
C ALA B 681 -11.96 -29.72 -13.01
N ARG B 682 -11.24 -30.07 -11.91
CA ARG B 682 -11.47 -31.33 -11.22
C ARG B 682 -12.87 -31.36 -10.61
N ILE B 683 -13.23 -30.32 -9.84
CA ILE B 683 -14.55 -30.20 -9.21
C ILE B 683 -15.70 -30.27 -10.23
N ARG B 684 -15.61 -29.52 -11.31
CA ARG B 684 -16.65 -29.47 -12.34
C ARG B 684 -16.76 -30.76 -13.10
N SER B 685 -15.67 -31.57 -13.14
CA SER B 685 -15.67 -32.91 -13.78
C SER B 685 -16.56 -33.90 -12.97
N TRP B 686 -16.88 -33.57 -11.70
CA TRP B 686 -17.72 -34.34 -10.78
C TRP B 686 -19.24 -34.05 -10.99
N TYR B 687 -19.58 -32.90 -11.64
CA TYR B 687 -20.96 -32.52 -11.94
C TYR B 687 -21.54 -33.51 -12.97
N PRO B 688 -22.82 -33.90 -12.84
CA PRO B 688 -23.41 -34.78 -13.85
C PRO B 688 -23.29 -34.13 -15.23
N ALA B 689 -22.98 -34.95 -16.27
CA ALA B 689 -22.85 -34.49 -17.66
C ALA B 689 -24.01 -33.60 -18.15
N SER B 690 -25.23 -33.81 -17.66
CA SER B 690 -26.41 -33.03 -18.09
C SER B 690 -26.43 -31.63 -17.46
N VAL B 691 -25.61 -31.43 -16.39
CA VAL B 691 -25.50 -30.14 -15.74
C VAL B 691 -24.74 -29.17 -16.65
N ASP B 692 -25.40 -28.07 -17.00
CA ASP B 692 -24.84 -27.02 -17.81
C ASP B 692 -24.00 -26.14 -16.87
N HIS B 693 -22.67 -26.21 -17.05
CA HIS B 693 -21.67 -25.45 -16.26
C HIS B 693 -21.91 -23.95 -16.23
N GLU B 694 -22.61 -23.42 -17.23
CA GLU B 694 -22.96 -22.00 -17.38
C GLU B 694 -24.27 -21.65 -16.67
N ASP B 695 -25.04 -22.66 -16.23
CA ASP B 695 -26.30 -22.44 -15.54
C ASP B 695 -26.07 -22.33 -14.03
N ASP B 696 -26.01 -21.09 -13.55
CA ASP B 696 -25.72 -20.76 -12.16
C ASP B 696 -26.66 -21.39 -11.18
N ARG B 697 -27.96 -21.27 -11.44
CA ARG B 697 -28.99 -21.85 -10.58
C ARG B 697 -28.89 -23.36 -10.52
N GLN B 698 -28.66 -24.02 -11.65
CA GLN B 698 -28.53 -25.48 -11.72
C GLN B 698 -27.28 -25.98 -10.98
N VAL B 699 -26.14 -25.33 -11.18
CA VAL B 699 -24.90 -25.71 -10.50
C VAL B 699 -25.06 -25.52 -8.97
N ALA B 700 -25.54 -24.36 -8.51
CA ALA B 700 -25.77 -24.11 -7.07
C ALA B 700 -26.72 -25.14 -6.48
N THR B 701 -27.86 -25.44 -7.19
CA THR B 701 -28.86 -26.43 -6.75
C THR B 701 -28.23 -27.82 -6.60
N TRP B 702 -27.46 -28.28 -7.62
CA TRP B 702 -26.83 -29.59 -7.56
C TRP B 702 -25.87 -29.70 -6.40
N ILE B 703 -25.00 -28.69 -6.22
CA ILE B 703 -24.01 -28.64 -5.15
C ILE B 703 -24.66 -28.80 -3.79
N GLU B 704 -25.67 -27.94 -3.49
CA GLU B 704 -26.38 -27.92 -2.21
C GLU B 704 -27.15 -29.20 -1.91
N GLU B 705 -27.62 -29.88 -2.96
CA GLU B 705 -28.29 -31.18 -2.84
C GLU B 705 -27.25 -32.27 -2.62
N ASN B 706 -25.95 -31.98 -2.88
CA ASN B 706 -24.92 -33.01 -2.78
C ASN B 706 -23.72 -32.68 -1.90
N TYR B 707 -23.81 -31.69 -0.98
CA TYR B 707 -22.67 -31.35 -0.10
C TYR B 707 -22.06 -32.59 0.58
N LYS B 708 -22.90 -33.47 1.16
CA LYS B 708 -22.43 -34.69 1.83
C LYS B 708 -21.84 -35.74 0.86
N THR B 709 -22.42 -35.88 -0.35
CA THR B 709 -21.91 -36.76 -1.40
C THR B 709 -20.54 -36.24 -1.88
N LEU B 710 -20.42 -34.89 -2.05
CA LEU B 710 -19.19 -34.21 -2.46
C LEU B 710 -18.16 -34.39 -1.34
N ASP B 711 -18.61 -34.27 -0.08
CA ASP B 711 -17.75 -34.49 1.09
C ASP B 711 -17.16 -35.93 1.10
N ASP B 712 -17.94 -36.95 0.68
CA ASP B 712 -17.51 -38.33 0.56
C ASP B 712 -16.50 -38.44 -0.56
N LYS B 713 -16.78 -37.84 -1.73
CA LYS B 713 -15.84 -37.85 -2.85
C LYS B 713 -14.45 -37.31 -2.39
N LEU B 714 -14.44 -36.15 -1.69
CA LEU B 714 -13.21 -35.48 -1.21
C LEU B 714 -12.41 -36.36 -0.24
N LYS B 715 -13.11 -37.01 0.68
CA LYS B 715 -12.49 -37.89 1.68
C LYS B 715 -11.96 -39.18 1.06
N GLY B 716 -12.59 -39.61 -0.03
CA GLY B 716 -12.18 -40.79 -0.78
C GLY B 716 -11.03 -40.58 -1.76
N ASN B 736 20.03 -33.92 -6.59
CA ASN B 736 20.14 -34.07 -5.13
C ASN B 736 19.31 -35.24 -4.60
N ALA B 737 18.12 -35.46 -5.19
CA ALA B 737 17.22 -36.57 -4.84
C ALA B 737 17.83 -37.88 -5.37
N ILE B 738 18.54 -37.80 -6.53
CA ILE B 738 19.25 -38.90 -7.19
C ILE B 738 20.36 -39.43 -6.28
N ASP B 739 21.00 -38.54 -5.50
CA ASP B 739 22.04 -38.86 -4.51
C ASP B 739 21.40 -39.57 -3.30
N GLY B 740 20.15 -39.22 -3.03
CA GLY B 740 19.37 -39.78 -1.94
C GLY B 740 18.92 -41.21 -2.23
N LEU B 741 18.40 -41.43 -3.47
CA LEU B 741 17.98 -42.73 -3.97
C LEU B 741 19.19 -43.68 -3.92
N SER B 742 20.36 -43.20 -4.41
CA SER B 742 21.65 -43.89 -4.41
C SER B 742 22.05 -44.40 -3.03
N GLU B 743 21.82 -43.60 -1.97
CA GLU B 743 22.15 -43.98 -0.59
C GLU B 743 21.26 -45.12 -0.05
N VAL B 744 19.94 -45.06 -0.32
CA VAL B 744 18.99 -46.07 0.14
C VAL B 744 19.07 -47.36 -0.68
N ILE B 745 19.12 -47.26 -2.03
CA ILE B 745 19.23 -48.41 -2.94
C ILE B 745 20.45 -49.27 -2.58
N LYS B 746 21.54 -48.64 -2.13
CA LYS B 746 22.77 -49.30 -1.69
C LYS B 746 22.53 -50.24 -0.51
N MET B 747 21.55 -49.92 0.35
CA MET B 747 21.23 -50.71 1.55
C MET B 747 20.19 -51.81 1.32
N LEU B 748 19.58 -51.87 0.11
CA LEU B 748 18.58 -52.88 -0.26
C LEU B 748 19.18 -54.30 -0.30
N SER B 749 18.32 -55.33 -0.22
CA SER B 749 18.76 -56.72 -0.28
C SER B 749 19.14 -57.09 -1.72
N THR B 750 19.85 -58.23 -1.89
CA THR B 750 20.26 -58.72 -3.20
C THR B 750 19.02 -58.94 -4.09
N ASP B 751 17.94 -59.55 -3.54
CA ASP B 751 16.69 -59.80 -4.29
C ASP B 751 16.01 -58.50 -4.73
N ASP B 752 16.07 -57.47 -3.85
CA ASP B 752 15.50 -56.14 -4.12
C ASP B 752 16.35 -55.39 -5.16
N LYS B 753 17.68 -55.56 -5.09
CA LYS B 753 18.64 -54.94 -5.99
C LYS B 753 18.45 -55.45 -7.40
N GLU B 754 18.20 -56.78 -7.54
CA GLU B 754 17.96 -57.45 -8.82
C GLU B 754 16.77 -56.85 -9.57
N LYS B 755 15.62 -56.67 -8.87
CA LYS B 755 14.40 -56.07 -9.41
C LYS B 755 14.65 -54.63 -9.88
N LEU B 756 15.41 -53.86 -9.06
CA LEU B 756 15.80 -52.48 -9.33
C LEU B 756 16.78 -52.38 -10.51
N LEU B 757 17.62 -53.41 -10.68
CA LEU B 757 18.60 -53.49 -11.78
C LEU B 757 17.85 -53.74 -13.09
N LYS B 758 16.91 -54.71 -13.09
CA LYS B 758 16.07 -55.08 -14.22
C LYS B 758 15.29 -53.88 -14.76
N THR B 759 14.74 -53.05 -13.85
CA THR B 759 14.00 -51.84 -14.20
C THR B 759 14.90 -50.84 -14.93
N LEU B 760 16.14 -50.66 -14.44
CA LEU B 760 17.11 -49.77 -15.07
C LEU B 760 17.52 -50.31 -16.44
N LYS B 761 17.73 -51.64 -16.52
CA LYS B 761 18.09 -52.35 -17.75
C LYS B 761 16.94 -52.35 -18.75
#